data_1KQK
#
_entry.id   1KQK
#
loop_
_entity.id
_entity.type
_entity.pdbx_description
1 polymer 'POTENTIAL COPPER-TRANSPORTING ATPASE'
2 non-polymer 'COPPER (I) ION'
#
_entity_poly.entity_id   1
_entity_poly.type   'polypeptide(L)'
_entity_poly.pdbx_seq_one_letter_code
;MTEKAEFDIEGMTCAACANRIEKRLNKIEGVANAPVNFALETVTVEYNPKEASVSDLKEAVDKLGYKLKLKGEQDSIEGR
;
_entity_poly.pdbx_strand_id   A
#
loop_
_chem_comp.id
_chem_comp.type
_chem_comp.name
_chem_comp.formula
CU1 non-polymer 'COPPER (I) ION' 'Cu 1'
#
# COMPACT_ATOMS: atom_id res chain seq x y z
N MET A 1 -7.14 13.13 -10.90
CA MET A 1 -6.62 11.95 -11.61
C MET A 1 -6.27 10.90 -10.57
N THR A 2 -5.00 10.83 -10.13
CA THR A 2 -4.48 9.81 -9.24
C THR A 2 -4.75 8.39 -9.80
N GLU A 3 -4.37 7.35 -9.06
CA GLU A 3 -4.77 5.99 -9.31
C GLU A 3 -4.88 5.32 -7.94
N LYS A 4 -5.73 4.31 -7.89
CA LYS A 4 -5.87 3.37 -6.79
C LYS A 4 -5.09 2.13 -7.18
N ALA A 5 -4.42 1.51 -6.22
CA ALA A 5 -3.63 0.30 -6.42
C ALA A 5 -3.84 -0.54 -5.16
N GLU A 6 -3.99 -1.86 -5.27
CA GLU A 6 -4.45 -2.70 -4.19
C GLU A 6 -3.37 -3.75 -4.10
N PHE A 7 -2.83 -3.99 -2.91
CA PHE A 7 -1.68 -4.84 -2.67
C PHE A 7 -1.95 -5.74 -1.47
N ASP A 8 -1.36 -6.94 -1.46
CA ASP A 8 -1.55 -7.96 -0.45
C ASP A 8 -0.30 -7.92 0.42
N ILE A 9 -0.45 -7.79 1.74
CA ILE A 9 0.68 -7.67 2.66
C ILE A 9 0.82 -8.92 3.52
N GLU A 10 2.03 -9.47 3.61
CA GLU A 10 2.31 -10.67 4.40
C GLU A 10 3.37 -10.36 5.45
N GLY A 11 3.04 -10.62 6.72
CA GLY A 11 3.99 -10.56 7.85
C GLY A 11 3.59 -9.57 8.95
N MET A 12 2.71 -8.61 8.65
CA MET A 12 2.28 -7.57 9.58
C MET A 12 1.34 -8.12 10.67
N THR A 13 1.89 -8.87 11.63
CA THR A 13 1.12 -9.58 12.61
C THR A 13 0.50 -8.65 13.64
N CYS A 14 1.00 -7.41 13.77
CA CYS A 14 0.44 -6.43 14.68
C CYS A 14 -0.05 -5.18 13.94
N ALA A 15 -1.03 -4.49 14.50
CA ALA A 15 -1.55 -3.27 13.87
C ALA A 15 -0.44 -2.22 13.71
N ALA A 16 0.53 -2.23 14.62
CA ALA A 16 1.65 -1.30 14.57
C ALA A 16 2.50 -1.53 13.31
N CYS A 17 2.66 -2.79 12.87
CA CYS A 17 3.33 -3.12 11.62
C CYS A 17 2.65 -2.36 10.48
N ALA A 18 1.35 -2.60 10.33
CA ALA A 18 0.51 -1.94 9.34
C ALA A 18 0.69 -0.42 9.41
N ASN A 19 0.50 0.16 10.58
CA ASN A 19 0.65 1.61 10.78
C ASN A 19 2.04 2.10 10.33
N ARG A 20 3.09 1.31 10.59
CA ARG A 20 4.44 1.62 10.16
C ARG A 20 4.51 1.72 8.63
N ILE A 21 3.80 0.84 7.92
CA ILE A 21 3.71 0.93 6.47
C ILE A 21 3.10 2.28 6.12
N GLU A 22 1.93 2.61 6.70
CA GLU A 22 1.24 3.86 6.41
C GLU A 22 2.19 5.05 6.59
N LYS A 23 2.95 5.02 7.68
CA LYS A 23 3.99 5.99 7.96
C LYS A 23 5.01 6.09 6.81
N ARG A 24 5.60 4.97 6.38
CA ARG A 24 6.51 4.99 5.23
C ARG A 24 5.81 5.53 3.98
N LEU A 25 4.63 5.00 3.66
CA LEU A 25 3.85 5.35 2.49
C LEU A 25 3.62 6.86 2.45
N ASN A 26 3.15 7.44 3.55
CA ASN A 26 2.99 8.88 3.71
C ASN A 26 4.28 9.63 3.39
N LYS A 27 5.42 9.05 3.77
CA LYS A 27 6.73 9.64 3.51
C LYS A 27 7.12 9.63 2.03
N ILE A 28 6.43 8.87 1.18
CA ILE A 28 6.68 8.88 -0.27
C ILE A 28 5.98 10.10 -0.90
N GLU A 29 6.66 10.73 -1.85
CA GLU A 29 6.25 11.98 -2.47
C GLU A 29 5.22 11.70 -3.57
N GLY A 30 4.05 12.37 -3.50
CA GLY A 30 2.96 12.21 -4.47
C GLY A 30 2.09 10.99 -4.17
N VAL A 31 2.09 10.56 -2.90
CA VAL A 31 1.10 9.66 -2.37
C VAL A 31 -0.15 10.48 -2.02
N ALA A 32 -1.35 9.90 -2.20
CA ALA A 32 -2.59 10.49 -1.75
C ALA A 32 -2.97 9.89 -0.40
N ASN A 33 -2.99 8.56 -0.29
CA ASN A 33 -3.35 7.85 0.93
C ASN A 33 -3.03 6.38 0.73
N ALA A 34 -3.14 5.57 1.77
CA ALA A 34 -2.76 4.16 1.77
C ALA A 34 -3.02 3.46 3.12
N PRO A 35 -4.28 3.39 3.59
CA PRO A 35 -4.60 2.73 4.85
C PRO A 35 -4.53 1.21 4.70
N VAL A 36 -3.78 0.52 5.57
CA VAL A 36 -3.61 -0.92 5.54
C VAL A 36 -4.79 -1.59 6.26
N ASN A 37 -5.46 -2.55 5.62
CA ASN A 37 -6.69 -3.12 6.13
C ASN A 37 -6.44 -4.47 6.81
N PHE A 38 -6.34 -4.45 8.14
CA PHE A 38 -6.16 -5.65 8.96
C PHE A 38 -7.46 -6.48 9.03
N ALA A 39 -7.80 -7.14 7.92
CA ALA A 39 -8.81 -8.20 7.88
C ALA A 39 -8.59 -9.04 6.63
N LEU A 40 -8.62 -8.39 5.46
CA LEU A 40 -8.46 -9.03 4.15
C LEU A 40 -6.97 -9.20 3.83
N GLU A 41 -6.12 -8.58 4.64
CA GLU A 41 -4.66 -8.69 4.60
C GLU A 41 -4.09 -7.84 3.45
N THR A 42 -4.83 -6.80 3.07
CA THR A 42 -4.60 -5.99 1.88
C THR A 42 -4.50 -4.51 2.27
N VAL A 43 -3.82 -3.72 1.44
CA VAL A 43 -3.80 -2.25 1.50
C VAL A 43 -4.31 -1.74 0.15
N THR A 44 -5.07 -0.65 0.20
CA THR A 44 -5.52 0.10 -0.97
C THR A 44 -4.71 1.40 -1.00
N VAL A 45 -3.62 1.43 -1.77
CA VAL A 45 -2.76 2.59 -1.93
C VAL A 45 -3.36 3.49 -2.99
N GLU A 46 -3.43 4.79 -2.70
CA GLU A 46 -3.90 5.80 -3.64
C GLU A 46 -2.78 6.83 -3.83
N TYR A 47 -2.36 7.06 -5.08
CA TYR A 47 -1.22 7.92 -5.39
C TYR A 47 -1.29 8.43 -6.83
N ASN A 48 -0.27 9.16 -7.30
CA ASN A 48 -0.09 9.50 -8.70
C ASN A 48 1.16 8.83 -9.28
N PRO A 49 1.06 8.15 -10.43
CA PRO A 49 2.19 7.51 -11.09
C PRO A 49 3.01 8.57 -11.81
N LYS A 50 3.63 9.46 -11.04
CA LYS A 50 4.45 10.55 -11.57
C LYS A 50 5.60 10.78 -10.60
N GLU A 51 5.30 11.13 -9.34
CA GLU A 51 6.33 11.37 -8.33
C GLU A 51 6.71 10.06 -7.63
N ALA A 52 5.78 9.10 -7.55
CA ALA A 52 5.94 7.81 -6.90
C ALA A 52 5.66 6.69 -7.90
N SER A 53 5.87 5.43 -7.49
CA SER A 53 5.52 4.26 -8.27
C SER A 53 5.26 3.07 -7.35
N VAL A 54 4.47 2.12 -7.85
CA VAL A 54 4.15 0.88 -7.15
C VAL A 54 5.44 0.15 -6.77
N SER A 55 6.35 0.00 -7.72
CA SER A 55 7.64 -0.64 -7.53
C SER A 55 8.48 0.04 -6.43
N ASP A 56 8.43 1.38 -6.38
CA ASP A 56 9.20 2.16 -5.42
C ASP A 56 8.66 1.85 -4.02
N LEU A 57 7.37 2.11 -3.83
CA LEU A 57 6.76 1.91 -2.52
C LEU A 57 6.84 0.44 -2.11
N LYS A 58 6.77 -0.50 -3.06
CA LYS A 58 7.01 -1.91 -2.79
C LYS A 58 8.31 -2.06 -2.01
N GLU A 59 9.41 -1.51 -2.53
CA GLU A 59 10.70 -1.57 -1.87
C GLU A 59 10.62 -0.91 -0.48
N ALA A 60 9.89 0.19 -0.38
CA ALA A 60 9.71 0.92 0.87
C ALA A 60 9.01 0.06 1.93
N VAL A 61 8.02 -0.73 1.51
CA VAL A 61 7.37 -1.70 2.38
C VAL A 61 8.37 -2.80 2.75
N ASP A 62 9.03 -3.38 1.75
CA ASP A 62 10.01 -4.43 1.98
C ASP A 62 11.07 -3.97 2.97
N LYS A 63 11.49 -2.69 2.87
CA LYS A 63 12.41 -2.04 3.80
C LYS A 63 12.00 -2.20 5.27
N LEU A 64 10.70 -2.28 5.56
CA LEU A 64 10.20 -2.45 6.92
C LEU A 64 10.26 -3.91 7.36
N GLY A 65 10.21 -4.87 6.44
CA GLY A 65 10.42 -6.28 6.72
C GLY A 65 9.37 -7.17 6.06
N TYR A 66 8.10 -6.90 6.31
CA TYR A 66 7.00 -7.67 5.74
C TYR A 66 6.96 -7.54 4.22
N LYS A 67 6.38 -8.55 3.56
CA LYS A 67 6.33 -8.65 2.11
C LYS A 67 5.05 -7.98 1.61
N LEU A 68 5.07 -7.57 0.35
CA LEU A 68 3.95 -6.95 -0.33
C LEU A 68 3.98 -7.42 -1.78
N LYS A 69 2.82 -7.48 -2.42
CA LYS A 69 2.62 -7.93 -3.78
C LYS A 69 1.35 -7.28 -4.32
N LEU A 70 1.13 -7.33 -5.62
CA LEU A 70 -0.08 -6.81 -6.26
C LEU A 70 -1.32 -7.57 -5.81
N LYS A 71 -2.44 -6.85 -5.77
CA LYS A 71 -3.77 -7.38 -5.51
C LYS A 71 -4.79 -6.92 -6.57
N GLY A 72 -4.79 -5.63 -6.91
CA GLY A 72 -5.76 -5.06 -7.84
C GLY A 72 -5.47 -3.57 -8.02
N GLU A 73 -6.43 -2.81 -8.58
CA GLU A 73 -6.28 -1.39 -8.85
C GLU A 73 -7.61 -0.70 -9.16
N GLN A 74 -8.70 -1.17 -8.58
CA GLN A 74 -10.03 -0.59 -8.83
C GLN A 74 -10.97 -0.95 -7.69
N ASP A 75 -10.56 -0.62 -6.45
CA ASP A 75 -11.39 -0.74 -5.25
C ASP A 75 -12.20 -2.06 -5.25
N SER A 76 -11.48 -3.17 -5.38
CA SER A 76 -12.06 -4.49 -5.69
C SER A 76 -11.62 -5.55 -4.68
N ILE A 77 -10.33 -5.56 -4.31
CA ILE A 77 -9.74 -6.44 -3.31
C ILE A 77 -9.67 -7.88 -3.83
N GLU A 78 -10.83 -8.54 -4.00
CA GLU A 78 -10.96 -9.93 -4.41
C GLU A 78 -10.41 -10.92 -3.37
N GLY A 79 -10.93 -12.15 -3.41
CA GLY A 79 -10.53 -13.21 -2.51
C GLY A 79 -11.58 -14.30 -2.48
N ARG A 80 -11.59 -15.10 -1.41
CA ARG A 80 -12.58 -16.09 -1.07
C ARG A 80 -13.09 -15.70 0.31
CU CU1 B . 4.27 -6.22 14.19
N MET A 1 -7.21 14.28 -9.78
CA MET A 1 -7.24 13.23 -8.75
C MET A 1 -6.25 12.14 -9.15
N THR A 2 -5.93 11.23 -8.23
CA THR A 2 -5.05 10.11 -8.47
C THR A 2 -5.88 8.90 -8.91
N GLU A 3 -5.24 7.75 -9.13
CA GLU A 3 -5.93 6.48 -9.21
C GLU A 3 -6.00 5.86 -7.81
N LYS A 4 -6.31 4.56 -7.78
CA LYS A 4 -6.39 3.67 -6.65
C LYS A 4 -5.75 2.37 -7.10
N ALA A 5 -4.88 1.79 -6.27
CA ALA A 5 -4.16 0.55 -6.53
C ALA A 5 -4.35 -0.29 -5.27
N GLU A 6 -4.28 -1.62 -5.38
CA GLU A 6 -4.57 -2.47 -4.24
C GLU A 6 -3.47 -3.52 -4.21
N PHE A 7 -2.94 -3.77 -3.02
CA PHE A 7 -1.80 -4.64 -2.81
C PHE A 7 -2.12 -5.69 -1.73
N ASP A 8 -1.34 -6.76 -1.74
CA ASP A 8 -1.35 -7.87 -0.81
C ASP A 8 -0.17 -7.56 0.11
N ILE A 9 -0.33 -7.65 1.43
CA ILE A 9 0.81 -7.58 2.34
C ILE A 9 1.06 -8.98 2.88
N GLU A 10 2.33 -9.33 3.09
CA GLU A 10 2.72 -10.58 3.72
C GLU A 10 3.45 -10.26 5.03
N GLY A 11 2.77 -10.50 6.15
CA GLY A 11 3.41 -10.62 7.46
C GLY A 11 2.52 -10.16 8.62
N MET A 12 2.29 -8.84 8.71
CA MET A 12 1.46 -8.16 9.71
C MET A 12 1.44 -8.81 11.10
N THR A 13 2.54 -8.68 11.84
CA THR A 13 2.65 -9.32 13.16
C THR A 13 1.74 -8.64 14.18
N CYS A 14 1.54 -7.31 14.06
CA CYS A 14 0.63 -6.57 14.91
C CYS A 14 0.08 -5.37 14.14
N ALA A 15 -1.01 -4.77 14.65
CA ALA A 15 -1.60 -3.58 14.04
C ALA A 15 -0.56 -2.47 13.83
N ALA A 16 0.45 -2.40 14.70
CA ALA A 16 1.50 -1.41 14.58
C ALA A 16 2.34 -1.64 13.32
N CYS A 17 2.49 -2.88 12.83
CA CYS A 17 3.11 -3.13 11.53
C CYS A 17 2.34 -2.36 10.46
N ALA A 18 1.04 -2.62 10.41
CA ALA A 18 0.12 -2.00 9.47
C ALA A 18 0.30 -0.47 9.52
N ASN A 19 0.18 0.12 10.70
CA ASN A 19 0.39 1.56 10.89
C ASN A 19 1.78 2.01 10.39
N ARG A 20 2.83 1.23 10.67
CA ARG A 20 4.17 1.54 10.20
C ARG A 20 4.17 1.63 8.67
N ILE A 21 3.44 0.74 8.00
CA ILE A 21 3.34 0.83 6.54
C ILE A 21 2.78 2.19 6.18
N GLU A 22 1.67 2.60 6.79
CA GLU A 22 1.00 3.86 6.46
C GLU A 22 1.96 5.03 6.59
N LYS A 23 2.70 5.07 7.69
CA LYS A 23 3.73 6.06 7.92
C LYS A 23 4.77 6.05 6.78
N ARG A 24 5.37 4.90 6.49
CA ARG A 24 6.37 4.79 5.43
C ARG A 24 5.80 5.20 4.07
N LEU A 25 4.58 4.76 3.76
CA LEU A 25 3.87 5.12 2.55
C LEU A 25 3.73 6.65 2.48
N ASN A 26 3.23 7.26 3.55
CA ASN A 26 3.11 8.72 3.67
C ASN A 26 4.45 9.40 3.43
N LYS A 27 5.55 8.78 3.87
CA LYS A 27 6.89 9.31 3.63
C LYS A 27 7.25 9.41 2.14
N ILE A 28 6.55 8.70 1.24
CA ILE A 28 6.80 8.78 -0.19
C ILE A 28 6.18 10.06 -0.74
N GLU A 29 6.90 10.70 -1.66
CA GLU A 29 6.50 11.95 -2.30
C GLU A 29 5.67 11.61 -3.55
N GLY A 30 4.46 12.16 -3.65
CA GLY A 30 3.54 11.88 -4.75
C GLY A 30 2.52 10.79 -4.43
N VAL A 31 2.39 10.43 -3.14
CA VAL A 31 1.31 9.60 -2.65
C VAL A 31 0.15 10.51 -2.23
N ALA A 32 -1.10 10.07 -2.39
CA ALA A 32 -2.26 10.74 -1.85
C ALA A 32 -2.58 10.18 -0.47
N ASN A 33 -2.69 8.84 -0.36
CA ASN A 33 -2.96 8.16 0.90
C ASN A 33 -2.82 6.66 0.64
N ALA A 34 -2.93 5.85 1.70
CA ALA A 34 -2.63 4.43 1.66
C ALA A 34 -3.00 3.68 2.95
N PRO A 35 -4.28 3.67 3.36
CA PRO A 35 -4.71 2.99 4.58
C PRO A 35 -4.72 1.47 4.38
N VAL A 36 -4.11 0.71 5.31
CA VAL A 36 -4.01 -0.75 5.23
C VAL A 36 -5.00 -1.44 6.17
N ASN A 37 -5.64 -2.54 5.72
CA ASN A 37 -6.54 -3.30 6.58
C ASN A 37 -5.79 -4.26 7.49
N PHE A 38 -6.49 -4.81 8.48
CA PHE A 38 -6.01 -5.92 9.29
C PHE A 38 -7.07 -7.02 9.28
N ALA A 39 -7.53 -7.40 8.08
CA ALA A 39 -8.55 -8.42 7.91
C ALA A 39 -8.21 -9.34 6.74
N LEU A 40 -8.01 -8.75 5.55
CA LEU A 40 -7.78 -9.50 4.31
C LEU A 40 -6.29 -9.57 3.98
N GLU A 41 -5.52 -8.74 4.68
CA GLU A 41 -4.08 -8.57 4.52
C GLU A 41 -3.82 -7.87 3.18
N THR A 42 -4.54 -6.75 2.99
CA THR A 42 -4.48 -5.91 1.80
C THR A 42 -4.46 -4.43 2.20
N VAL A 43 -3.79 -3.63 1.37
CA VAL A 43 -3.77 -2.17 1.45
C VAL A 43 -4.28 -1.58 0.14
N THR A 44 -5.16 -0.58 0.25
CA THR A 44 -5.54 0.29 -0.85
C THR A 44 -4.58 1.47 -0.83
N VAL A 45 -3.92 1.78 -1.95
CA VAL A 45 -3.02 2.91 -2.07
C VAL A 45 -3.53 3.84 -3.15
N GLU A 46 -3.63 5.13 -2.82
CA GLU A 46 -3.92 6.19 -3.76
C GLU A 46 -2.63 6.99 -3.98
N TYR A 47 -2.11 7.01 -5.22
CA TYR A 47 -0.97 7.78 -5.64
C TYR A 47 -1.08 8.05 -7.13
N ASN A 48 -0.22 8.92 -7.66
CA ASN A 48 -0.15 9.26 -9.06
C ASN A 48 1.20 8.82 -9.64
N PRO A 49 1.22 8.03 -10.74
CA PRO A 49 2.43 7.50 -11.34
C PRO A 49 3.22 8.63 -12.02
N LYS A 50 3.93 9.40 -11.21
CA LYS A 50 4.82 10.45 -11.65
C LYS A 50 6.11 10.38 -10.86
N GLU A 51 5.99 10.47 -9.53
CA GLU A 51 7.12 10.45 -8.60
C GLU A 51 7.10 9.21 -7.70
N ALA A 52 5.91 8.62 -7.49
CA ALA A 52 5.72 7.40 -6.72
C ALA A 52 5.15 6.33 -7.66
N SER A 53 5.51 5.07 -7.44
CA SER A 53 5.02 3.93 -8.21
C SER A 53 4.89 2.72 -7.28
N VAL A 54 4.11 1.73 -7.70
CA VAL A 54 3.91 0.48 -6.96
C VAL A 54 5.26 -0.17 -6.62
N SER A 55 6.14 -0.28 -7.61
CA SER A 55 7.47 -0.87 -7.40
C SER A 55 8.31 -0.04 -6.42
N ASP A 56 8.13 1.28 -6.39
CA ASP A 56 8.92 2.14 -5.52
C ASP A 56 8.47 1.92 -4.07
N LEU A 57 7.19 2.17 -3.81
CA LEU A 57 6.61 1.96 -2.49
C LEU A 57 6.81 0.53 -2.02
N LYS A 58 6.84 -0.44 -2.95
CA LYS A 58 7.26 -1.80 -2.62
C LYS A 58 8.52 -1.74 -1.75
N GLU A 59 9.61 -1.13 -2.23
CA GLU A 59 10.86 -1.17 -1.49
C GLU A 59 10.69 -0.51 -0.11
N ALA A 60 9.88 0.55 -0.04
CA ALA A 60 9.60 1.25 1.19
C ALA A 60 8.95 0.31 2.22
N VAL A 61 8.01 -0.52 1.76
CA VAL A 61 7.36 -1.54 2.58
C VAL A 61 8.37 -2.62 2.93
N ASP A 62 9.06 -3.17 1.92
CA ASP A 62 10.09 -4.19 2.05
C ASP A 62 11.08 -3.77 3.15
N LYS A 63 11.46 -2.48 3.14
CA LYS A 63 12.36 -1.88 4.13
C LYS A 63 11.94 -2.17 5.57
N LEU A 64 10.64 -2.27 5.84
CA LEU A 64 10.10 -2.52 7.17
C LEU A 64 10.28 -3.98 7.58
N GLY A 65 10.38 -4.90 6.62
CA GLY A 65 10.66 -6.31 6.87
C GLY A 65 9.62 -7.21 6.20
N TYR A 66 8.34 -6.95 6.49
CA TYR A 66 7.24 -7.65 5.82
C TYR A 66 7.22 -7.30 4.33
N LYS A 67 6.59 -8.16 3.53
CA LYS A 67 6.60 -8.03 2.08
C LYS A 67 5.24 -7.54 1.57
N LEU A 68 5.18 -7.22 0.28
CA LEU A 68 4.00 -6.72 -0.39
C LEU A 68 4.08 -7.13 -1.85
N LYS A 69 2.92 -7.21 -2.51
CA LYS A 69 2.74 -7.58 -3.90
C LYS A 69 1.48 -6.92 -4.41
N LEU A 70 1.28 -6.91 -5.73
CA LEU A 70 0.08 -6.34 -6.36
C LEU A 70 -1.15 -7.19 -6.07
N LYS A 71 -2.30 -6.52 -5.99
CA LYS A 71 -3.63 -7.12 -5.91
C LYS A 71 -4.51 -6.54 -7.02
N GLY A 72 -5.81 -6.38 -6.80
CA GLY A 72 -6.75 -5.92 -7.81
C GLY A 72 -6.88 -4.41 -7.73
N GLU A 73 -6.14 -3.66 -8.54
CA GLU A 73 -6.17 -2.21 -8.51
C GLU A 73 -7.59 -1.67 -8.77
N GLN A 74 -7.85 -0.47 -8.25
CA GLN A 74 -9.10 0.25 -8.42
C GLN A 74 -10.34 -0.58 -8.05
N ASP A 75 -10.52 -0.79 -6.75
CA ASP A 75 -11.72 -1.39 -6.18
C ASP A 75 -11.90 -0.80 -4.79
N SER A 76 -12.97 -0.04 -4.63
CA SER A 76 -13.40 0.53 -3.37
C SER A 76 -14.17 -0.47 -2.50
N ILE A 77 -14.86 -1.46 -3.08
CA ILE A 77 -15.76 -2.37 -2.38
C ILE A 77 -16.00 -3.63 -3.23
N GLU A 78 -15.18 -4.67 -3.05
CA GLU A 78 -15.25 -5.89 -3.83
C GLU A 78 -16.62 -6.59 -3.71
N GLY A 79 -17.02 -6.93 -2.48
CA GLY A 79 -18.05 -7.92 -2.28
C GLY A 79 -19.48 -7.38 -2.20
N ARG A 80 -20.20 -7.35 -3.32
CA ARG A 80 -21.66 -7.37 -3.41
C ARG A 80 -22.00 -7.53 -4.89
CU CU1 B . 3.99 -5.51 14.29
N MET A 1 -9.66 10.37 -10.92
CA MET A 1 -8.71 11.41 -10.50
C MET A 1 -7.40 10.74 -10.10
N THR A 2 -7.27 10.31 -8.85
CA THR A 2 -6.17 9.48 -8.41
C THR A 2 -6.25 8.10 -9.08
N GLU A 3 -5.13 7.38 -9.05
CA GLU A 3 -5.03 5.96 -9.27
C GLU A 3 -5.14 5.40 -7.86
N LYS A 4 -5.98 4.39 -7.69
CA LYS A 4 -6.06 3.56 -6.50
C LYS A 4 -5.60 2.16 -6.89
N ALA A 5 -4.50 1.70 -6.28
CA ALA A 5 -3.83 0.45 -6.54
C ALA A 5 -3.96 -0.42 -5.28
N GLU A 6 -4.03 -1.75 -5.40
CA GLU A 6 -4.34 -2.61 -4.28
C GLU A 6 -3.25 -3.65 -4.25
N PHE A 7 -2.71 -3.89 -3.06
CA PHE A 7 -1.58 -4.77 -2.82
C PHE A 7 -1.93 -5.74 -1.69
N ASP A 8 -1.26 -6.89 -1.66
CA ASP A 8 -1.38 -7.92 -0.65
C ASP A 8 -0.18 -7.68 0.26
N ILE A 9 -0.33 -7.78 1.57
CA ILE A 9 0.81 -7.80 2.47
C ILE A 9 0.89 -9.19 3.10
N GLU A 10 2.11 -9.67 3.39
CA GLU A 10 2.31 -10.82 4.24
C GLU A 10 3.30 -10.46 5.34
N GLY A 11 2.91 -10.73 6.59
CA GLY A 11 3.78 -10.75 7.76
C GLY A 11 3.29 -9.83 8.88
N MET A 12 2.30 -9.00 8.63
CA MET A 12 1.96 -7.90 9.54
C MET A 12 1.09 -8.35 10.72
N THR A 13 1.42 -9.46 11.36
CA THR A 13 0.61 -10.05 12.42
C THR A 13 0.96 -9.34 13.73
N CYS A 14 0.75 -8.03 13.76
CA CYS A 14 1.31 -7.12 14.75
C CYS A 14 0.49 -5.83 14.90
N ALA A 15 -0.17 -5.36 13.83
CA ALA A 15 -0.99 -4.14 13.82
C ALA A 15 -0.12 -2.88 13.83
N ALA A 16 0.77 -2.72 14.80
CA ALA A 16 1.74 -1.63 14.83
C ALA A 16 2.57 -1.63 13.53
N CYS A 17 2.87 -2.83 13.04
CA CYS A 17 3.42 -3.10 11.71
C CYS A 17 2.57 -2.46 10.61
N ALA A 18 1.26 -2.70 10.64
CA ALA A 18 0.35 -2.18 9.64
C ALA A 18 0.40 -0.65 9.62
N ASN A 19 0.26 -0.05 10.81
CA ASN A 19 0.38 1.41 10.93
C ASN A 19 1.73 1.90 10.40
N ARG A 20 2.80 1.14 10.59
CA ARG A 20 4.11 1.46 10.06
C ARG A 20 4.08 1.51 8.53
N ILE A 21 3.28 0.66 7.87
CA ILE A 21 3.11 0.77 6.43
C ILE A 21 2.53 2.14 6.10
N GLU A 22 1.45 2.54 6.76
CA GLU A 22 0.83 3.85 6.56
C GLU A 22 1.88 4.94 6.70
N LYS A 23 2.63 4.89 7.80
CA LYS A 23 3.67 5.84 8.12
C LYS A 23 4.69 5.94 6.98
N ARG A 24 5.19 4.79 6.51
CA ARG A 24 6.15 4.76 5.40
C ARG A 24 5.52 5.37 4.15
N LEU A 25 4.33 4.91 3.79
CA LEU A 25 3.65 5.32 2.57
C LEU A 25 3.44 6.83 2.58
N ASN A 26 2.96 7.39 3.69
CA ASN A 26 2.84 8.83 3.89
C ASN A 26 4.19 9.51 3.65
N LYS A 27 5.28 8.88 4.08
CA LYS A 27 6.62 9.39 3.87
C LYS A 27 7.06 9.39 2.39
N ILE A 28 6.42 8.60 1.51
CA ILE A 28 6.82 8.58 0.12
C ILE A 28 6.30 9.83 -0.59
N GLU A 29 7.19 10.45 -1.32
CA GLU A 29 6.95 11.64 -2.12
C GLU A 29 6.16 11.20 -3.37
N GLY A 30 4.87 11.54 -3.41
CA GLY A 30 4.01 11.28 -4.57
C GLY A 30 2.78 10.43 -4.26
N VAL A 31 2.76 9.76 -3.11
CA VAL A 31 1.59 9.04 -2.64
C VAL A 31 0.58 10.06 -2.11
N ALA A 32 -0.70 9.88 -2.43
CA ALA A 32 -1.77 10.75 -1.93
C ALA A 32 -2.22 10.27 -0.56
N ASN A 33 -2.52 8.97 -0.45
CA ASN A 33 -2.99 8.33 0.78
C ASN A 33 -2.93 6.83 0.57
N ALA A 34 -3.05 6.04 1.65
CA ALA A 34 -2.88 4.59 1.64
C ALA A 34 -3.12 3.94 3.01
N PRO A 35 -4.35 3.94 3.53
CA PRO A 35 -4.66 3.23 4.77
C PRO A 35 -4.68 1.72 4.51
N VAL A 36 -3.91 0.93 5.27
CA VAL A 36 -3.88 -0.52 5.12
C VAL A 36 -4.99 -1.18 5.95
N ASN A 37 -5.71 -2.16 5.39
CA ASN A 37 -6.86 -2.75 6.04
C ASN A 37 -6.48 -3.98 6.88
N PHE A 38 -6.48 -3.80 8.21
CA PHE A 38 -6.12 -4.85 9.17
C PHE A 38 -7.23 -5.89 9.30
N ALA A 39 -7.47 -6.63 8.22
CA ALA A 39 -8.45 -7.70 8.15
C ALA A 39 -8.11 -8.61 6.96
N LEU A 40 -8.11 -8.04 5.76
CA LEU A 40 -7.88 -8.80 4.52
C LEU A 40 -6.38 -8.92 4.20
N GLU A 41 -5.58 -8.16 4.95
CA GLU A 41 -4.14 -8.05 4.81
C GLU A 41 -3.79 -7.53 3.40
N THR A 42 -4.48 -6.46 3.02
CA THR A 42 -4.31 -5.72 1.78
C THR A 42 -4.17 -4.23 2.12
N VAL A 43 -3.41 -3.49 1.31
CA VAL A 43 -3.37 -2.04 1.34
C VAL A 43 -3.83 -1.48 0.00
N THR A 44 -4.69 -0.46 0.05
CA THR A 44 -5.24 0.28 -1.06
C THR A 44 -4.48 1.60 -1.16
N VAL A 45 -3.42 1.66 -1.97
CA VAL A 45 -2.62 2.88 -2.11
C VAL A 45 -3.26 3.78 -3.16
N GLU A 46 -3.51 5.03 -2.79
CA GLU A 46 -3.88 6.09 -3.71
C GLU A 46 -2.68 6.97 -4.04
N TYR A 47 -2.42 7.16 -5.33
CA TYR A 47 -1.34 8.01 -5.82
C TYR A 47 -1.65 8.46 -7.24
N ASN A 48 -0.69 9.10 -7.90
CA ASN A 48 -0.76 9.49 -9.30
C ASN A 48 0.40 8.78 -10.02
N PRO A 49 0.18 8.20 -11.21
CA PRO A 49 1.19 7.45 -11.96
C PRO A 49 2.20 8.38 -12.64
N LYS A 50 2.80 9.29 -11.87
CA LYS A 50 3.74 10.28 -12.34
C LYS A 50 4.69 10.75 -11.25
N GLU A 51 4.35 10.56 -9.96
CA GLU A 51 5.14 11.06 -8.84
C GLU A 51 5.77 9.89 -8.11
N ALA A 52 4.94 9.01 -7.56
CA ALA A 52 5.34 7.79 -6.90
C ALA A 52 5.15 6.61 -7.85
N SER A 53 5.58 5.42 -7.43
CA SER A 53 5.55 4.21 -8.23
C SER A 53 5.30 3.00 -7.32
N VAL A 54 4.55 2.02 -7.83
CA VAL A 54 4.24 0.78 -7.12
C VAL A 54 5.52 0.06 -6.70
N SER A 55 6.52 0.01 -7.58
CA SER A 55 7.80 -0.61 -7.27
C SER A 55 8.55 0.12 -6.15
N ASP A 56 8.49 1.46 -6.12
CA ASP A 56 9.20 2.27 -5.14
C ASP A 56 8.63 1.97 -3.76
N LEU A 57 7.33 2.21 -3.61
CA LEU A 57 6.64 1.88 -2.37
C LEU A 57 6.84 0.41 -1.99
N LYS A 58 6.89 -0.51 -2.96
CA LYS A 58 7.27 -1.89 -2.67
C LYS A 58 8.54 -1.89 -1.82
N GLU A 59 9.63 -1.31 -2.32
CA GLU A 59 10.89 -1.31 -1.59
C GLU A 59 10.73 -0.68 -0.21
N ALA A 60 9.87 0.34 -0.11
CA ALA A 60 9.70 1.12 1.11
C ALA A 60 9.06 0.25 2.20
N VAL A 61 8.02 -0.49 1.85
CA VAL A 61 7.39 -1.41 2.78
C VAL A 61 8.31 -2.59 3.07
N ASP A 62 8.91 -3.16 2.02
CA ASP A 62 9.89 -4.23 2.10
C ASP A 62 10.96 -3.87 3.15
N LYS A 63 11.43 -2.62 3.12
CA LYS A 63 12.37 -2.06 4.09
C LYS A 63 11.98 -2.33 5.55
N LEU A 64 10.68 -2.38 5.86
CA LEU A 64 10.17 -2.60 7.21
C LEU A 64 10.29 -4.07 7.62
N GLY A 65 10.31 -5.01 6.67
CA GLY A 65 10.55 -6.43 6.93
C GLY A 65 9.51 -7.31 6.25
N TYR A 66 8.22 -7.04 6.49
CA TYR A 66 7.12 -7.77 5.88
C TYR A 66 7.11 -7.56 4.37
N LYS A 67 6.43 -8.46 3.64
CA LYS A 67 6.43 -8.45 2.18
C LYS A 67 5.13 -7.89 1.65
N LEU A 68 5.18 -7.42 0.40
CA LEU A 68 4.06 -6.84 -0.32
C LEU A 68 4.17 -7.29 -1.77
N LYS A 69 3.03 -7.33 -2.46
CA LYS A 69 2.86 -7.74 -3.85
C LYS A 69 1.60 -7.08 -4.40
N LEU A 70 1.37 -7.16 -5.71
CA LEU A 70 0.16 -6.68 -6.34
C LEU A 70 -1.08 -7.44 -5.87
N LYS A 71 -2.23 -6.74 -5.88
CA LYS A 71 -3.56 -7.31 -5.72
C LYS A 71 -4.49 -6.90 -6.85
N GLY A 72 -4.59 -5.59 -7.13
CA GLY A 72 -5.50 -5.08 -8.16
C GLY A 72 -5.53 -3.56 -8.11
N GLU A 73 -6.70 -2.96 -8.33
CA GLU A 73 -6.87 -1.52 -8.39
C GLU A 73 -8.36 -1.16 -8.28
N GLN A 74 -8.64 0.07 -7.82
CA GLN A 74 -9.95 0.71 -7.84
C GLN A 74 -11.04 -0.12 -7.13
N ASP A 75 -10.86 -0.31 -5.82
CA ASP A 75 -11.75 -1.05 -4.94
C ASP A 75 -11.55 -0.51 -3.53
N SER A 76 -12.58 0.15 -3.01
CA SER A 76 -12.68 0.66 -1.65
C SER A 76 -13.27 -0.40 -0.71
N ILE A 77 -14.58 -0.63 -0.84
CA ILE A 77 -15.41 -1.48 0.03
C ILE A 77 -15.27 -1.05 1.49
N GLU A 78 -15.99 0.00 1.89
CA GLU A 78 -16.21 0.26 3.30
C GLU A 78 -16.94 -0.94 3.92
N GLY A 79 -16.46 -1.39 5.08
CA GLY A 79 -17.03 -2.45 5.88
C GLY A 79 -16.54 -2.22 7.31
N ARG A 80 -16.94 -3.06 8.26
CA ARG A 80 -16.57 -2.94 9.65
C ARG A 80 -16.71 -4.34 10.24
CU CU1 B . 5.46 -4.88 14.32
N MET A 1 -6.85 11.93 -12.18
CA MET A 1 -5.52 12.49 -11.91
C MET A 1 -4.66 11.43 -11.22
N THR A 2 -4.93 11.18 -9.93
CA THR A 2 -4.34 10.07 -9.21
C THR A 2 -4.94 8.75 -9.72
N GLU A 3 -4.43 7.61 -9.25
CA GLU A 3 -5.00 6.30 -9.46
C GLU A 3 -5.28 5.69 -8.09
N LYS A 4 -5.79 4.47 -8.12
CA LYS A 4 -5.97 3.57 -6.99
C LYS A 4 -5.15 2.33 -7.31
N ALA A 5 -4.47 1.78 -6.30
CA ALA A 5 -3.70 0.56 -6.41
C ALA A 5 -3.92 -0.22 -5.13
N GLU A 6 -3.91 -1.54 -5.18
CA GLU A 6 -4.33 -2.36 -4.07
C GLU A 6 -3.32 -3.49 -4.03
N PHE A 7 -2.79 -3.74 -2.83
CA PHE A 7 -1.66 -4.61 -2.60
C PHE A 7 -1.96 -5.55 -1.44
N ASP A 8 -1.38 -6.74 -1.52
CA ASP A 8 -1.47 -7.80 -0.54
C ASP A 8 -0.23 -7.61 0.32
N ILE A 9 -0.34 -7.62 1.65
CA ILE A 9 0.84 -7.59 2.51
C ILE A 9 0.98 -8.96 3.15
N GLU A 10 2.21 -9.42 3.34
CA GLU A 10 2.51 -10.69 3.98
C GLU A 10 3.23 -10.43 5.30
N GLY A 11 2.57 -10.70 6.43
CA GLY A 11 3.19 -10.82 7.75
C GLY A 11 2.35 -10.23 8.88
N MET A 12 2.02 -8.94 8.77
CA MET A 12 1.18 -8.10 9.63
C MET A 12 0.99 -8.62 11.05
N THR A 13 2.11 -8.75 11.76
CA THR A 13 2.17 -9.48 13.00
C THR A 13 1.77 -8.57 14.16
N CYS A 14 1.59 -7.27 13.90
CA CYS A 14 1.08 -6.31 14.84
C CYS A 14 0.30 -5.22 14.11
N ALA A 15 -0.64 -4.56 14.80
CA ALA A 15 -1.34 -3.41 14.24
C ALA A 15 -0.36 -2.25 14.01
N ALA A 16 0.69 -2.18 14.85
CA ALA A 16 1.77 -1.23 14.69
C ALA A 16 2.47 -1.39 13.33
N CYS A 17 2.71 -2.64 12.94
CA CYS A 17 3.31 -3.01 11.65
C CYS A 17 2.44 -2.48 10.52
N ALA A 18 1.14 -2.78 10.56
CA ALA A 18 0.19 -2.21 9.62
C ALA A 18 0.33 -0.68 9.55
N ASN A 19 0.18 0.03 10.67
CA ASN A 19 0.30 1.49 10.69
C ASN A 19 1.65 1.96 10.13
N ARG A 20 2.72 1.19 10.34
CA ARG A 20 4.05 1.48 9.85
C ARG A 20 4.05 1.56 8.31
N ILE A 21 3.21 0.76 7.65
CA ILE A 21 3.03 0.84 6.19
C ILE A 21 2.65 2.28 5.86
N GLU A 22 1.56 2.78 6.46
CA GLU A 22 1.03 4.10 6.16
C GLU A 22 2.08 5.16 6.40
N LYS A 23 2.80 5.05 7.51
CA LYS A 23 3.90 5.96 7.81
C LYS A 23 4.89 5.97 6.65
N ARG A 24 5.38 4.81 6.22
CA ARG A 24 6.32 4.78 5.11
C ARG A 24 5.70 5.36 3.84
N LEU A 25 4.51 4.89 3.46
CA LEU A 25 3.86 5.35 2.24
C LEU A 25 3.67 6.86 2.25
N ASN A 26 3.17 7.43 3.34
CA ASN A 26 3.03 8.87 3.52
C ASN A 26 4.37 9.57 3.33
N LYS A 27 5.46 8.94 3.78
CA LYS A 27 6.79 9.50 3.59
C LYS A 27 7.14 9.60 2.09
N ILE A 28 6.53 8.80 1.21
CA ILE A 28 6.77 8.93 -0.21
C ILE A 28 5.95 10.08 -0.76
N GLU A 29 6.60 10.92 -1.57
CA GLU A 29 6.00 12.09 -2.16
C GLU A 29 5.11 11.65 -3.34
N GLY A 30 3.94 12.27 -3.50
CA GLY A 30 3.01 11.95 -4.59
C GLY A 30 2.02 10.84 -4.23
N VAL A 31 1.94 10.48 -2.95
CA VAL A 31 0.92 9.59 -2.41
C VAL A 31 -0.24 10.44 -1.88
N ALA A 32 -1.49 10.02 -2.17
CA ALA A 32 -2.67 10.68 -1.68
C ALA A 32 -3.07 10.08 -0.33
N ASN A 33 -3.19 8.75 -0.27
CA ASN A 33 -3.60 8.04 0.95
C ASN A 33 -3.35 6.55 0.75
N ALA A 34 -3.51 5.77 1.82
CA ALA A 34 -3.12 4.37 1.89
C ALA A 34 -3.65 3.66 3.14
N PRO A 35 -4.96 3.67 3.40
CA PRO A 35 -5.53 2.98 4.55
C PRO A 35 -5.22 1.48 4.47
N VAL A 36 -4.55 0.94 5.49
CA VAL A 36 -4.31 -0.50 5.57
C VAL A 36 -5.53 -1.20 6.14
N ASN A 37 -5.78 -2.43 5.67
CA ASN A 37 -6.75 -3.34 6.24
C ASN A 37 -6.02 -4.37 7.10
N PHE A 38 -6.62 -4.74 8.23
CA PHE A 38 -6.10 -5.78 9.13
C PHE A 38 -7.13 -6.91 9.27
N ALA A 39 -7.51 -7.51 8.14
CA ALA A 39 -8.37 -8.70 8.12
C ALA A 39 -8.14 -9.54 6.86
N LEU A 40 -8.16 -8.90 5.69
CA LEU A 40 -7.91 -9.52 4.40
C LEU A 40 -6.39 -9.60 4.17
N GLU A 41 -5.67 -8.68 4.81
CA GLU A 41 -4.21 -8.52 4.76
C GLU A 41 -3.83 -7.74 3.49
N THR A 42 -4.53 -6.61 3.30
CA THR A 42 -4.47 -5.77 2.11
C THR A 42 -4.20 -4.30 2.51
N VAL A 43 -3.57 -3.52 1.62
CA VAL A 43 -3.53 -2.07 1.69
C VAL A 43 -4.02 -1.52 0.35
N THR A 44 -4.84 -0.47 0.37
CA THR A 44 -5.34 0.19 -0.83
C THR A 44 -4.69 1.57 -0.91
N VAL A 45 -3.67 1.72 -1.77
CA VAL A 45 -2.91 2.94 -1.91
C VAL A 45 -3.50 3.77 -3.04
N GLU A 46 -3.87 5.00 -2.72
CA GLU A 46 -4.20 6.02 -3.71
C GLU A 46 -2.99 6.94 -3.84
N TYR A 47 -2.44 7.04 -5.05
CA TYR A 47 -1.25 7.83 -5.35
C TYR A 47 -1.28 8.25 -6.81
N ASN A 48 -0.26 8.99 -7.24
CA ASN A 48 -0.11 9.43 -8.62
C ASN A 48 1.18 8.84 -9.21
N PRO A 49 1.10 8.00 -10.26
CA PRO A 49 2.28 7.40 -10.88
C PRO A 49 3.03 8.44 -11.71
N LYS A 50 3.67 9.39 -11.02
CA LYS A 50 4.44 10.46 -11.64
C LYS A 50 5.76 10.62 -10.87
N GLU A 51 5.66 10.85 -9.55
CA GLU A 51 6.79 11.08 -8.67
C GLU A 51 7.15 9.82 -7.86
N ALA A 52 6.23 8.85 -7.79
CA ALA A 52 6.40 7.57 -7.14
C ALA A 52 5.85 6.50 -8.07
N SER A 53 6.13 5.22 -7.80
CA SER A 53 5.53 4.11 -8.51
C SER A 53 5.49 2.90 -7.59
N VAL A 54 4.68 1.93 -7.99
CA VAL A 54 4.37 0.74 -7.22
C VAL A 54 5.64 0.00 -6.79
N SER A 55 6.60 -0.17 -7.71
CA SER A 55 7.86 -0.84 -7.43
C SER A 55 8.64 -0.12 -6.31
N ASP A 56 8.62 1.21 -6.31
CA ASP A 56 9.42 2.00 -5.39
C ASP A 56 8.85 1.78 -4.00
N LEU A 57 7.53 2.02 -3.87
CA LEU A 57 6.85 1.83 -2.62
C LEU A 57 6.90 0.36 -2.18
N LYS A 58 6.99 -0.58 -3.13
CA LYS A 58 7.24 -1.97 -2.81
C LYS A 58 8.52 -2.03 -1.97
N GLU A 59 9.65 -1.57 -2.52
CA GLU A 59 10.93 -1.61 -1.81
C GLU A 59 10.79 -0.96 -0.44
N ALA A 60 10.08 0.15 -0.38
CA ALA A 60 9.85 0.93 0.82
C ALA A 60 9.13 0.09 1.89
N VAL A 61 8.11 -0.67 1.49
CA VAL A 61 7.43 -1.61 2.37
C VAL A 61 8.38 -2.76 2.73
N ASP A 62 9.03 -3.35 1.73
CA ASP A 62 10.00 -4.43 1.87
C ASP A 62 11.01 -4.08 2.97
N LYS A 63 11.49 -2.83 2.94
CA LYS A 63 12.48 -2.31 3.88
C LYS A 63 12.03 -2.41 5.34
N LEU A 64 10.73 -2.43 5.61
CA LEU A 64 10.20 -2.60 6.96
C LEU A 64 10.26 -4.05 7.43
N GLY A 65 10.40 -5.02 6.53
CA GLY A 65 10.64 -6.42 6.86
C GLY A 65 9.63 -7.32 6.16
N TYR A 66 8.34 -7.07 6.39
CA TYR A 66 7.23 -7.79 5.75
C TYR A 66 7.30 -7.65 4.22
N LYS A 67 6.58 -8.50 3.49
CA LYS A 67 6.57 -8.50 2.02
C LYS A 67 5.24 -7.91 1.53
N LEU A 68 5.17 -7.55 0.24
CA LEU A 68 4.01 -6.94 -0.38
C LEU A 68 4.00 -7.39 -1.84
N LYS A 69 2.80 -7.41 -2.44
CA LYS A 69 2.57 -7.77 -3.83
C LYS A 69 1.32 -7.04 -4.32
N LEU A 70 1.08 -7.07 -5.63
CA LEU A 70 -0.14 -6.55 -6.24
C LEU A 70 -1.37 -7.30 -5.75
N LYS A 71 -2.48 -6.57 -5.70
CA LYS A 71 -3.83 -7.09 -5.49
C LYS A 71 -4.75 -6.66 -6.63
N GLY A 72 -4.79 -5.37 -6.94
CA GLY A 72 -5.70 -4.82 -7.93
C GLY A 72 -5.49 -3.31 -8.00
N GLU A 73 -6.44 -2.59 -8.61
CA GLU A 73 -6.28 -1.18 -8.93
C GLU A 73 -7.64 -0.54 -9.29
N GLN A 74 -8.69 -0.91 -8.56
CA GLN A 74 -10.04 -0.38 -8.80
C GLN A 74 -10.94 -0.62 -7.59
N ASP A 75 -10.49 -0.18 -6.41
CA ASP A 75 -11.25 -0.21 -5.15
C ASP A 75 -11.95 -1.56 -4.93
N SER A 76 -11.19 -2.66 -4.80
CA SER A 76 -11.70 -4.02 -4.80
C SER A 76 -11.55 -4.66 -3.42
N ILE A 77 -11.80 -3.87 -2.36
CA ILE A 77 -11.58 -4.21 -0.96
C ILE A 77 -11.83 -5.70 -0.65
N GLU A 78 -13.06 -6.17 -0.84
CA GLU A 78 -13.42 -7.57 -0.70
C GLU A 78 -13.71 -8.17 -2.08
N GLY A 79 -13.52 -9.48 -2.21
CA GLY A 79 -13.66 -10.22 -3.46
C GLY A 79 -14.96 -11.02 -3.46
N ARG A 80 -14.90 -12.25 -3.96
CA ARG A 80 -15.99 -13.21 -3.96
C ARG A 80 -15.31 -14.57 -3.94
CU CU1 B . 4.44 -7.05 13.57
N MET A 1 -5.18 13.68 -12.54
CA MET A 1 -5.88 12.43 -12.18
C MET A 1 -5.04 11.72 -11.11
N THR A 2 -5.46 10.52 -10.69
CA THR A 2 -4.90 9.75 -9.60
C THR A 2 -5.35 8.31 -9.88
N GLU A 3 -4.71 7.30 -9.28
CA GLU A 3 -5.01 5.91 -9.47
C GLU A 3 -5.08 5.29 -8.09
N LYS A 4 -5.96 4.30 -7.99
CA LYS A 4 -6.15 3.42 -6.86
C LYS A 4 -5.41 2.13 -7.20
N ALA A 5 -4.62 1.62 -6.28
CA ALA A 5 -3.91 0.36 -6.43
C ALA A 5 -4.09 -0.40 -5.14
N GLU A 6 -4.09 -1.74 -5.17
CA GLU A 6 -4.26 -2.54 -3.98
C GLU A 6 -3.11 -3.52 -3.96
N PHE A 7 -2.50 -3.67 -2.79
CA PHE A 7 -1.40 -4.57 -2.58
C PHE A 7 -1.75 -5.53 -1.46
N ASP A 8 -1.28 -6.76 -1.59
CA ASP A 8 -1.40 -7.80 -0.60
C ASP A 8 -0.14 -7.70 0.24
N ILE A 9 -0.26 -7.74 1.57
CA ILE A 9 0.89 -7.74 2.46
C ILE A 9 0.93 -9.08 3.20
N GLU A 10 2.13 -9.58 3.48
CA GLU A 10 2.33 -10.76 4.32
C GLU A 10 3.21 -10.41 5.51
N GLY A 11 2.67 -10.59 6.71
CA GLY A 11 3.41 -10.69 7.96
C GLY A 11 2.93 -9.69 9.02
N MET A 12 2.13 -8.69 8.64
CA MET A 12 1.69 -7.60 9.50
C MET A 12 0.67 -8.08 10.53
N THR A 13 1.13 -8.92 11.45
CA THR A 13 0.27 -9.58 12.42
C THR A 13 0.04 -8.67 13.63
N CYS A 14 0.79 -7.57 13.72
CA CYS A 14 0.70 -6.57 14.77
C CYS A 14 0.14 -5.27 14.19
N ALA A 15 -0.70 -4.57 14.94
CA ALA A 15 -1.22 -3.27 14.53
C ALA A 15 -0.06 -2.30 14.26
N ALA A 16 0.99 -2.39 15.08
CA ALA A 16 2.21 -1.62 14.94
C ALA A 16 2.78 -1.73 13.52
N CYS A 17 2.89 -2.96 13.01
CA CYS A 17 3.37 -3.27 11.67
C CYS A 17 2.57 -2.47 10.65
N ALA A 18 1.25 -2.64 10.70
CA ALA A 18 0.35 -1.95 9.79
C ALA A 18 0.52 -0.44 9.89
N ASN A 19 0.53 0.15 11.10
CA ASN A 19 0.80 1.57 11.21
C ASN A 19 2.16 1.94 10.61
N ARG A 20 3.18 1.07 10.74
CA ARG A 20 4.48 1.31 10.15
C ARG A 20 4.39 1.34 8.62
N ILE A 21 3.57 0.47 8.03
CA ILE A 21 3.27 0.56 6.59
C ILE A 21 2.80 1.97 6.29
N GLU A 22 1.73 2.43 6.95
CA GLU A 22 1.13 3.72 6.70
C GLU A 22 2.20 4.80 6.79
N LYS A 23 3.02 4.73 7.84
CA LYS A 23 4.11 5.66 8.06
C LYS A 23 5.06 5.71 6.86
N ARG A 24 5.51 4.54 6.38
CA ARG A 24 6.34 4.51 5.17
C ARG A 24 5.60 5.08 3.98
N LEU A 25 4.39 4.59 3.70
CA LEU A 25 3.65 4.98 2.51
C LEU A 25 3.39 6.48 2.50
N ASN A 26 2.99 7.06 3.63
CA ASN A 26 2.85 8.50 3.79
C ASN A 26 4.15 9.23 3.44
N LYS A 27 5.29 8.64 3.79
CA LYS A 27 6.60 9.20 3.46
C LYS A 27 6.88 9.20 1.95
N ILE A 28 6.09 8.50 1.12
CA ILE A 28 6.28 8.55 -0.32
C ILE A 28 5.77 9.89 -0.85
N GLU A 29 6.54 10.48 -1.75
CA GLU A 29 6.24 11.78 -2.33
C GLU A 29 5.13 11.64 -3.37
N GLY A 30 4.12 12.51 -3.30
CA GLY A 30 3.04 12.56 -4.27
C GLY A 30 2.04 11.42 -4.05
N VAL A 31 2.02 10.84 -2.85
CA VAL A 31 1.01 9.87 -2.47
C VAL A 31 -0.28 10.62 -2.12
N ALA A 32 -1.45 10.06 -2.44
CA ALA A 32 -2.73 10.64 -2.04
C ALA A 32 -3.14 10.05 -0.69
N ASN A 33 -3.19 8.72 -0.58
CA ASN A 33 -3.56 8.04 0.65
C ASN A 33 -3.19 6.56 0.55
N ALA A 34 -3.34 5.82 1.65
CA ALA A 34 -2.88 4.44 1.81
C ALA A 34 -3.29 3.81 3.15
N PRO A 35 -4.59 3.74 3.48
CA PRO A 35 -5.03 3.08 4.71
C PRO A 35 -4.89 1.55 4.60
N VAL A 36 -4.19 0.92 5.55
CA VAL A 36 -4.09 -0.53 5.60
C VAL A 36 -5.43 -1.14 6.02
N ASN A 37 -5.86 -2.20 5.34
CA ASN A 37 -7.06 -2.94 5.68
C ASN A 37 -6.70 -4.17 6.52
N PHE A 38 -6.56 -3.97 7.83
CA PHE A 38 -6.21 -5.01 8.80
C PHE A 38 -7.37 -5.99 8.97
N ALA A 39 -7.51 -6.89 8.01
CA ALA A 39 -8.46 -8.00 8.02
C ALA A 39 -8.11 -8.98 6.89
N LEU A 40 -8.06 -8.44 5.66
CA LEU A 40 -7.73 -9.18 4.44
C LEU A 40 -6.21 -9.22 4.24
N GLU A 41 -5.48 -8.40 4.99
CA GLU A 41 -4.03 -8.21 4.87
C GLU A 41 -3.72 -7.63 3.49
N THR A 42 -4.48 -6.59 3.15
CA THR A 42 -4.42 -5.85 1.91
C THR A 42 -4.31 -4.35 2.29
N VAL A 43 -3.62 -3.55 1.48
CA VAL A 43 -3.60 -2.08 1.60
C VAL A 43 -4.00 -1.48 0.25
N THR A 44 -4.91 -0.51 0.27
CA THR A 44 -5.39 0.22 -0.90
C THR A 44 -4.61 1.54 -0.97
N VAL A 45 -3.59 1.62 -1.82
CA VAL A 45 -2.77 2.82 -1.98
C VAL A 45 -3.31 3.66 -3.12
N GLU A 46 -3.52 4.94 -2.87
CA GLU A 46 -3.99 5.90 -3.87
C GLU A 46 -2.87 6.94 -4.09
N TYR A 47 -2.47 7.16 -5.34
CA TYR A 47 -1.41 8.08 -5.71
C TYR A 47 -1.55 8.43 -7.18
N ASN A 48 -0.66 9.25 -7.73
CA ASN A 48 -0.60 9.55 -9.15
C ASN A 48 0.72 9.00 -9.69
N PRO A 49 0.71 8.32 -10.85
CA PRO A 49 1.90 7.72 -11.44
C PRO A 49 2.73 8.79 -12.14
N LYS A 50 3.13 9.83 -11.41
CA LYS A 50 3.91 10.94 -11.93
C LYS A 50 4.92 11.48 -10.92
N GLU A 51 5.05 10.77 -9.79
CA GLU A 51 5.88 11.14 -8.64
C GLU A 51 6.51 9.86 -8.11
N ALA A 52 5.66 8.97 -7.57
CA ALA A 52 6.05 7.68 -7.05
C ALA A 52 5.73 6.59 -8.07
N SER A 53 6.13 5.36 -7.73
CA SER A 53 5.84 4.17 -8.49
C SER A 53 5.62 2.99 -7.54
N VAL A 54 4.70 2.11 -7.92
CA VAL A 54 4.35 0.92 -7.13
C VAL A 54 5.59 0.14 -6.69
N SER A 55 6.52 -0.14 -7.61
CA SER A 55 7.74 -0.87 -7.31
C SER A 55 8.60 -0.19 -6.24
N ASP A 56 8.67 1.14 -6.25
CA ASP A 56 9.50 1.88 -5.30
C ASP A 56 8.91 1.68 -3.90
N LEU A 57 7.63 2.03 -3.75
CA LEU A 57 6.96 1.85 -2.48
C LEU A 57 6.96 0.38 -2.06
N LYS A 58 6.92 -0.54 -3.02
CA LYS A 58 7.07 -1.97 -2.73
C LYS A 58 8.36 -2.17 -1.94
N GLU A 59 9.51 -1.77 -2.51
CA GLU A 59 10.78 -1.94 -1.83
C GLU A 59 10.79 -1.19 -0.49
N ALA A 60 10.11 -0.05 -0.43
CA ALA A 60 10.02 0.78 0.76
C ALA A 60 9.29 0.04 1.89
N VAL A 61 8.24 -0.72 1.55
CA VAL A 61 7.57 -1.61 2.49
C VAL A 61 8.48 -2.79 2.81
N ASP A 62 9.09 -3.40 1.80
CA ASP A 62 10.02 -4.50 1.99
C ASP A 62 11.10 -4.12 3.00
N LYS A 63 11.61 -2.88 2.91
CA LYS A 63 12.57 -2.30 3.83
C LYS A 63 12.13 -2.33 5.30
N LEU A 64 10.83 -2.42 5.61
CA LEU A 64 10.34 -2.58 6.97
C LEU A 64 10.45 -4.03 7.46
N GLY A 65 10.48 -5.02 6.53
CA GLY A 65 10.73 -6.41 6.87
C GLY A 65 9.70 -7.34 6.21
N TYR A 66 8.42 -7.08 6.46
CA TYR A 66 7.31 -7.84 5.88
C TYR A 66 7.25 -7.63 4.36
N LYS A 67 6.63 -8.58 3.66
CA LYS A 67 6.59 -8.59 2.20
C LYS A 67 5.26 -8.04 1.70
N LEU A 68 5.23 -7.67 0.42
CA LEU A 68 4.10 -7.04 -0.26
C LEU A 68 4.14 -7.48 -1.72
N LYS A 69 2.97 -7.51 -2.35
CA LYS A 69 2.76 -7.87 -3.74
C LYS A 69 1.59 -7.06 -4.27
N LEU A 70 1.49 -6.94 -5.60
CA LEU A 70 0.32 -6.33 -6.23
C LEU A 70 -0.90 -7.23 -6.04
N LYS A 71 -2.07 -6.58 -6.02
CA LYS A 71 -3.37 -7.21 -6.05
C LYS A 71 -4.26 -6.54 -7.10
N GLY A 72 -4.36 -5.20 -7.05
CA GLY A 72 -5.18 -4.40 -7.94
C GLY A 72 -6.55 -4.16 -7.32
N GLU A 73 -6.99 -2.89 -7.28
CA GLU A 73 -8.24 -2.52 -6.63
C GLU A 73 -9.38 -2.73 -7.63
N GLN A 74 -9.35 -1.95 -8.71
CA GLN A 74 -10.36 -1.91 -9.76
C GLN A 74 -9.93 -0.81 -10.72
N ASP A 75 -9.55 0.36 -10.19
CA ASP A 75 -8.90 1.45 -10.88
C ASP A 75 -9.94 2.22 -11.71
N SER A 76 -10.58 1.50 -12.63
CA SER A 76 -11.62 1.96 -13.54
C SER A 76 -12.69 2.78 -12.81
N ILE A 77 -13.32 2.22 -11.78
CA ILE A 77 -14.31 2.92 -10.96
C ILE A 77 -13.98 2.73 -9.47
N GLU A 78 -14.42 1.62 -8.88
CA GLU A 78 -14.38 1.36 -7.44
C GLU A 78 -14.72 -0.12 -7.21
N GLY A 79 -15.97 -0.46 -6.90
CA GLY A 79 -16.41 -1.84 -6.79
C GLY A 79 -17.11 -2.32 -8.07
N ARG A 80 -17.80 -1.40 -8.74
CA ARG A 80 -18.63 -1.67 -9.91
C ARG A 80 -17.76 -1.58 -11.18
CU CU1 B . 3.64 -7.85 12.77
N MET A 1 -6.37 11.84 -12.31
CA MET A 1 -5.42 12.54 -11.41
C MET A 1 -4.70 11.50 -10.56
N THR A 2 -5.32 11.06 -9.46
CA THR A 2 -4.80 9.92 -8.72
C THR A 2 -5.11 8.63 -9.48
N GLU A 3 -4.55 7.51 -9.00
CA GLU A 3 -4.94 6.17 -9.30
C GLU A 3 -5.02 5.47 -7.93
N LYS A 4 -5.87 4.46 -7.84
CA LYS A 4 -6.12 3.69 -6.64
C LYS A 4 -5.71 2.25 -6.96
N ALA A 5 -4.62 1.82 -6.38
CA ALA A 5 -3.92 0.56 -6.58
C ALA A 5 -4.14 -0.27 -5.32
N GLU A 6 -4.01 -1.60 -5.37
CA GLU A 6 -4.31 -2.41 -4.21
C GLU A 6 -3.32 -3.54 -4.15
N PHE A 7 -2.80 -3.80 -2.95
CA PHE A 7 -1.68 -4.70 -2.69
C PHE A 7 -2.00 -5.63 -1.53
N ASP A 8 -1.36 -6.80 -1.54
CA ASP A 8 -1.46 -7.84 -0.54
C ASP A 8 -0.33 -7.58 0.46
N ILE A 9 -0.53 -7.76 1.77
CA ILE A 9 0.57 -7.60 2.73
C ILE A 9 0.84 -8.90 3.48
N GLU A 10 2.09 -9.37 3.43
CA GLU A 10 2.51 -10.61 4.05
C GLU A 10 3.33 -10.29 5.30
N GLY A 11 2.75 -10.54 6.48
CA GLY A 11 3.41 -10.45 7.77
C GLY A 11 2.47 -10.00 8.89
N MET A 12 2.18 -8.70 8.95
CA MET A 12 1.29 -8.05 9.91
C MET A 12 1.29 -8.68 11.31
N THR A 13 2.43 -8.62 11.99
CA THR A 13 2.57 -9.22 13.31
C THR A 13 1.83 -8.40 14.38
N CYS A 14 1.66 -7.09 14.18
CA CYS A 14 0.82 -6.27 15.04
C CYS A 14 0.22 -5.10 14.25
N ALA A 15 -0.81 -4.45 14.80
CA ALA A 15 -1.41 -3.28 14.19
C ALA A 15 -0.36 -2.19 13.92
N ALA A 16 0.67 -2.10 14.76
CA ALA A 16 1.74 -1.14 14.55
C ALA A 16 2.50 -1.43 13.26
N CYS A 17 2.61 -2.70 12.81
CA CYS A 17 3.19 -3.02 11.51
C CYS A 17 2.39 -2.29 10.43
N ALA A 18 1.09 -2.59 10.39
CA ALA A 18 0.15 -1.93 9.50
C ALA A 18 0.40 -0.41 9.49
N ASN A 19 0.36 0.22 10.66
CA ASN A 19 0.57 1.67 10.72
C ASN A 19 1.98 2.10 10.28
N ARG A 20 3.01 1.30 10.54
CA ARG A 20 4.36 1.54 10.03
C ARG A 20 4.31 1.63 8.50
N ILE A 21 3.55 0.75 7.85
CA ILE A 21 3.39 0.81 6.39
C ILE A 21 2.85 2.18 6.02
N GLU A 22 1.74 2.57 6.64
CA GLU A 22 1.07 3.84 6.36
C GLU A 22 2.06 5.00 6.49
N LYS A 23 2.80 5.02 7.61
CA LYS A 23 3.84 5.98 7.86
C LYS A 23 4.84 6.04 6.70
N ARG A 24 5.47 4.91 6.35
CA ARG A 24 6.46 4.90 5.27
C ARG A 24 5.83 5.34 3.95
N LEU A 25 4.65 4.83 3.61
CA LEU A 25 3.98 5.16 2.36
C LEU A 25 3.71 6.67 2.30
N ASN A 26 3.16 7.25 3.36
CA ASN A 26 3.00 8.70 3.49
C ASN A 26 4.34 9.42 3.29
N LYS A 27 5.43 8.83 3.78
CA LYS A 27 6.76 9.36 3.59
C LYS A 27 7.17 9.44 2.10
N ILE A 28 6.60 8.60 1.22
CA ILE A 28 6.89 8.67 -0.21
C ILE A 28 6.11 9.84 -0.81
N GLU A 29 6.82 10.67 -1.56
CA GLU A 29 6.28 11.84 -2.20
C GLU A 29 5.47 11.40 -3.43
N GLY A 30 4.25 11.91 -3.57
CA GLY A 30 3.34 11.52 -4.64
C GLY A 30 2.19 10.64 -4.15
N VAL A 31 2.35 10.01 -2.98
CA VAL A 31 1.31 9.18 -2.40
C VAL A 31 0.24 10.07 -1.77
N ALA A 32 -1.03 9.76 -2.05
CA ALA A 32 -2.18 10.48 -1.53
C ALA A 32 -2.68 9.82 -0.24
N ASN A 33 -2.90 8.50 -0.25
CA ASN A 33 -3.27 7.76 0.95
C ASN A 33 -2.93 6.28 0.77
N ALA A 34 -3.08 5.50 1.85
CA ALA A 34 -2.74 4.08 1.91
C ALA A 34 -3.23 3.39 3.19
N PRO A 35 -4.54 3.42 3.49
CA PRO A 35 -5.07 2.77 4.68
C PRO A 35 -4.91 1.23 4.59
N VAL A 36 -4.16 0.61 5.51
CA VAL A 36 -3.99 -0.84 5.51
C VAL A 36 -5.17 -1.52 6.23
N ASN A 37 -5.65 -2.68 5.75
CA ASN A 37 -6.76 -3.38 6.38
C ASN A 37 -6.34 -4.71 7.02
N PHE A 38 -6.39 -4.78 8.34
CA PHE A 38 -6.00 -5.95 9.14
C PHE A 38 -7.12 -7.01 9.14
N ALA A 39 -7.50 -7.48 7.95
CA ALA A 39 -8.52 -8.53 7.81
C ALA A 39 -8.43 -9.23 6.45
N LEU A 40 -8.49 -8.46 5.37
CA LEU A 40 -8.34 -8.99 4.01
C LEU A 40 -6.86 -9.03 3.61
N GLU A 41 -5.99 -8.66 4.56
CA GLU A 41 -4.54 -8.61 4.43
C GLU A 41 -4.16 -7.86 3.16
N THR A 42 -4.87 -6.75 2.94
CA THR A 42 -4.81 -5.93 1.74
C THR A 42 -4.69 -4.45 2.16
N VAL A 43 -4.00 -3.65 1.34
CA VAL A 43 -3.93 -2.20 1.44
C VAL A 43 -4.28 -1.60 0.08
N THR A 44 -5.23 -0.67 0.05
CA THR A 44 -5.53 0.15 -1.11
C THR A 44 -4.65 1.40 -1.02
N VAL A 45 -3.69 1.57 -1.94
CA VAL A 45 -2.83 2.75 -1.99
C VAL A 45 -3.37 3.68 -3.06
N GLU A 46 -3.63 4.93 -2.69
CA GLU A 46 -3.94 6.00 -3.64
C GLU A 46 -2.70 6.87 -3.84
N TYR A 47 -2.31 7.09 -5.09
CA TYR A 47 -1.18 7.95 -5.42
C TYR A 47 -1.41 8.49 -6.84
N ASN A 48 -0.48 9.28 -7.36
CA ASN A 48 -0.46 9.69 -8.75
C ASN A 48 0.80 9.13 -9.43
N PRO A 49 0.67 8.48 -10.60
CA PRO A 49 1.79 7.84 -11.27
C PRO A 49 2.62 8.88 -12.03
N LYS A 50 3.09 9.91 -11.33
CA LYS A 50 3.91 10.97 -11.92
C LYS A 50 5.07 11.38 -11.00
N GLU A 51 5.21 10.73 -9.84
CA GLU A 51 6.21 11.02 -8.82
C GLU A 51 6.78 9.68 -8.33
N ALA A 52 5.92 8.85 -7.77
CA ALA A 52 6.25 7.53 -7.26
C ALA A 52 5.69 6.45 -8.20
N SER A 53 5.99 5.19 -7.89
CA SER A 53 5.39 4.03 -8.52
C SER A 53 5.29 2.91 -7.49
N VAL A 54 4.56 1.88 -7.88
CA VAL A 54 4.25 0.72 -7.06
C VAL A 54 5.54 0.04 -6.61
N SER A 55 6.49 -0.19 -7.52
CA SER A 55 7.78 -0.80 -7.23
C SER A 55 8.53 -0.05 -6.12
N ASP A 56 8.55 1.28 -6.20
CA ASP A 56 9.36 2.15 -5.38
C ASP A 56 8.87 2.00 -3.96
N LEU A 57 7.56 2.20 -3.79
CA LEU A 57 6.93 2.06 -2.50
C LEU A 57 7.02 0.60 -2.03
N LYS A 58 6.95 -0.38 -2.94
CA LYS A 58 7.16 -1.78 -2.61
C LYS A 58 8.48 -1.93 -1.86
N GLU A 59 9.59 -1.43 -2.42
CA GLU A 59 10.89 -1.49 -1.75
C GLU A 59 10.76 -0.96 -0.33
N ALA A 60 10.15 0.22 -0.20
CA ALA A 60 10.01 0.93 1.05
C ALA A 60 9.23 0.11 2.09
N VAL A 61 8.25 -0.67 1.63
CA VAL A 61 7.50 -1.59 2.48
C VAL A 61 8.38 -2.79 2.83
N ASP A 62 9.05 -3.38 1.83
CA ASP A 62 10.01 -4.46 2.03
C ASP A 62 11.03 -4.04 3.10
N LYS A 63 11.41 -2.75 3.08
CA LYS A 63 12.31 -2.08 4.01
C LYS A 63 11.71 -1.87 5.42
N LEU A 64 10.58 -2.49 5.70
CA LEU A 64 10.03 -2.65 7.05
C LEU A 64 10.13 -4.11 7.50
N GLY A 65 10.29 -5.07 6.58
CA GLY A 65 10.54 -6.48 6.87
C GLY A 65 9.48 -7.37 6.22
N TYR A 66 8.21 -7.05 6.45
CA TYR A 66 7.10 -7.76 5.83
C TYR A 66 7.11 -7.54 4.32
N LYS A 67 6.44 -8.45 3.58
CA LYS A 67 6.43 -8.45 2.13
C LYS A 67 5.11 -7.83 1.63
N LEU A 68 5.11 -7.43 0.36
CA LEU A 68 3.97 -6.82 -0.29
C LEU A 68 4.04 -7.20 -1.77
N LYS A 69 2.89 -7.28 -2.43
CA LYS A 69 2.73 -7.64 -3.83
C LYS A 69 1.43 -7.01 -4.34
N LEU A 70 1.27 -6.91 -5.66
CA LEU A 70 0.07 -6.38 -6.29
C LEU A 70 -1.15 -7.24 -5.97
N LYS A 71 -2.31 -6.57 -5.90
CA LYS A 71 -3.62 -7.17 -5.79
C LYS A 71 -4.51 -6.77 -6.95
N GLY A 72 -4.66 -5.45 -7.17
CA GLY A 72 -5.54 -4.96 -8.21
C GLY A 72 -5.60 -3.44 -8.13
N GLU A 73 -6.75 -2.87 -8.47
CA GLU A 73 -7.02 -1.44 -8.45
C GLU A 73 -8.41 -1.23 -7.87
N GLN A 74 -8.59 -0.11 -7.14
CA GLN A 74 -9.84 0.34 -6.54
C GLN A 74 -10.32 -0.55 -5.39
N ASP A 75 -10.51 0.06 -4.21
CA ASP A 75 -11.10 -0.53 -3.00
C ASP A 75 -12.17 -1.59 -3.30
N SER A 76 -13.24 -1.20 -3.99
CA SER A 76 -14.33 -2.06 -4.43
C SER A 76 -14.78 -3.03 -3.33
N ILE A 77 -15.00 -2.49 -2.13
CA ILE A 77 -15.34 -3.25 -0.92
C ILE A 77 -16.41 -4.32 -1.17
N GLU A 78 -15.99 -5.58 -1.20
CA GLU A 78 -16.79 -6.77 -1.47
C GLU A 78 -15.96 -7.95 -0.97
N GLY A 79 -16.50 -9.17 -1.00
CA GLY A 79 -15.84 -10.36 -0.50
C GLY A 79 -16.17 -10.59 0.97
N ARG A 80 -16.00 -11.83 1.44
CA ARG A 80 -16.31 -12.29 2.77
C ARG A 80 -15.66 -13.66 2.88
CU CU1 B . 4.29 -5.56 14.26
N MET A 1 -6.59 11.52 -12.93
CA MET A 1 -6.27 12.39 -11.79
C MET A 1 -6.11 11.49 -10.57
N THR A 2 -4.88 11.05 -10.30
CA THR A 2 -4.62 10.06 -9.25
C THR A 2 -5.26 8.72 -9.65
N GLU A 3 -5.01 7.63 -8.90
CA GLU A 3 -5.55 6.31 -9.14
C GLU A 3 -5.48 5.61 -7.79
N LYS A 4 -6.35 4.61 -7.58
CA LYS A 4 -6.26 3.69 -6.45
C LYS A 4 -5.68 2.36 -6.91
N ALA A 5 -4.74 1.84 -6.13
CA ALA A 5 -4.07 0.55 -6.31
C ALA A 5 -4.20 -0.23 -5.02
N GLU A 6 -4.20 -1.57 -5.08
CA GLU A 6 -4.49 -2.44 -3.96
C GLU A 6 -3.35 -3.44 -3.96
N PHE A 7 -2.66 -3.58 -2.83
CA PHE A 7 -1.52 -4.47 -2.68
C PHE A 7 -1.80 -5.48 -1.58
N ASP A 8 -1.17 -6.65 -1.66
CA ASP A 8 -1.29 -7.84 -0.81
C ASP A 8 -0.14 -7.76 0.18
N ILE A 9 -0.37 -7.97 1.48
CA ILE A 9 0.70 -7.80 2.47
C ILE A 9 1.01 -9.11 3.18
N GLU A 10 2.28 -9.54 3.16
CA GLU A 10 2.73 -10.77 3.82
C GLU A 10 3.43 -10.41 5.14
N GLY A 11 2.76 -10.69 6.26
CA GLY A 11 3.31 -10.65 7.61
C GLY A 11 2.28 -10.18 8.64
N MET A 12 2.08 -8.86 8.69
CA MET A 12 1.17 -8.13 9.59
C MET A 12 0.97 -8.76 10.96
N THR A 13 2.05 -8.97 11.69
CA THR A 13 2.05 -9.65 12.97
C THR A 13 1.45 -8.76 14.07
N CYS A 14 1.53 -7.44 13.92
CA CYS A 14 0.89 -6.51 14.85
C CYS A 14 0.26 -5.32 14.14
N ALA A 15 -0.76 -4.73 14.78
CA ALA A 15 -1.38 -3.50 14.31
C ALA A 15 -0.33 -2.40 14.11
N ALA A 16 0.70 -2.39 14.96
CA ALA A 16 1.85 -1.51 14.78
C ALA A 16 2.52 -1.73 13.43
N CYS A 17 2.75 -3.00 13.03
CA CYS A 17 3.29 -3.31 11.72
C CYS A 17 2.40 -2.71 10.65
N ALA A 18 1.09 -2.96 10.75
CA ALA A 18 0.15 -2.35 9.82
C ALA A 18 0.32 -0.83 9.76
N ASN A 19 0.22 -0.13 10.89
CA ASN A 19 0.36 1.32 10.92
C ASN A 19 1.69 1.79 10.32
N ARG A 20 2.77 1.02 10.52
CA ARG A 20 4.06 1.31 9.93
C ARG A 20 3.97 1.35 8.41
N ILE A 21 3.11 0.53 7.79
CA ILE A 21 2.85 0.59 6.35
C ILE A 21 2.42 2.02 6.02
N GLU A 22 1.35 2.49 6.65
CA GLU A 22 0.77 3.79 6.33
C GLU A 22 1.83 4.86 6.49
N LYS A 23 2.59 4.80 7.59
CA LYS A 23 3.67 5.74 7.85
C LYS A 23 4.66 5.76 6.68
N ARG A 24 5.19 4.58 6.31
CA ARG A 24 6.19 4.50 5.25
C ARG A 24 5.61 5.02 3.94
N LEU A 25 4.40 4.57 3.60
CA LEU A 25 3.77 5.00 2.36
C LEU A 25 3.55 6.51 2.36
N ASN A 26 3.04 7.07 3.45
CA ASN A 26 2.87 8.51 3.63
C ASN A 26 4.19 9.25 3.40
N LYS A 27 5.31 8.65 3.79
CA LYS A 27 6.63 9.23 3.57
C LYS A 27 6.96 9.43 2.08
N ILE A 28 6.28 8.72 1.17
CA ILE A 28 6.54 8.87 -0.26
C ILE A 28 6.05 10.23 -0.73
N GLU A 29 6.81 10.85 -1.63
CA GLU A 29 6.45 12.10 -2.27
C GLU A 29 5.51 11.79 -3.44
N GLY A 30 4.32 12.40 -3.45
CA GLY A 30 3.34 12.24 -4.52
C GLY A 30 2.33 11.13 -4.25
N VAL A 31 2.20 10.71 -2.99
CA VAL A 31 1.12 9.83 -2.54
C VAL A 31 -0.05 10.72 -2.10
N ALA A 32 -1.29 10.27 -2.37
CA ALA A 32 -2.48 10.95 -1.88
C ALA A 32 -2.95 10.31 -0.58
N ASN A 33 -3.11 8.98 -0.55
CA ASN A 33 -3.59 8.25 0.62
C ASN A 33 -3.05 6.83 0.58
N ALA A 34 -3.16 6.10 1.69
CA ALA A 34 -2.73 4.71 1.80
C ALA A 34 -3.24 4.01 3.08
N PRO A 35 -4.55 4.00 3.36
CA PRO A 35 -5.07 3.25 4.49
C PRO A 35 -4.90 1.74 4.29
N VAL A 36 -4.44 1.02 5.33
CA VAL A 36 -4.28 -0.44 5.31
C VAL A 36 -5.33 -1.12 6.18
N ASN A 37 -5.82 -2.29 5.77
CA ASN A 37 -6.78 -3.06 6.54
C ASN A 37 -6.10 -4.20 7.30
N PHE A 38 -6.63 -4.54 8.48
CA PHE A 38 -6.18 -5.67 9.29
C PHE A 38 -7.28 -6.73 9.26
N ALA A 39 -7.25 -7.59 8.24
CA ALA A 39 -8.28 -8.56 7.90
C ALA A 39 -7.85 -9.38 6.68
N LEU A 40 -7.64 -8.69 5.55
CA LEU A 40 -7.36 -9.29 4.24
C LEU A 40 -5.90 -9.08 3.86
N GLU A 41 -5.23 -8.24 4.65
CA GLU A 41 -3.84 -7.87 4.54
C GLU A 41 -3.65 -7.20 3.19
N THR A 42 -4.25 -6.02 3.10
CA THR A 42 -4.38 -5.27 1.89
C THR A 42 -4.33 -3.78 2.24
N VAL A 43 -3.63 -3.01 1.41
CA VAL A 43 -3.56 -1.57 1.51
C VAL A 43 -4.03 -0.97 0.20
N THR A 44 -4.95 -0.01 0.28
CA THR A 44 -5.52 0.70 -0.85
C THR A 44 -4.73 1.99 -1.01
N VAL A 45 -3.69 1.98 -1.82
CA VAL A 45 -2.81 3.12 -2.01
C VAL A 45 -3.36 3.99 -3.12
N GLU A 46 -3.59 5.26 -2.79
CA GLU A 46 -4.03 6.30 -3.70
C GLU A 46 -2.81 7.17 -4.02
N TYR A 47 -2.41 7.22 -5.29
CA TYR A 47 -1.28 8.02 -5.74
C TYR A 47 -1.50 8.35 -7.21
N ASN A 48 -0.57 9.07 -7.84
CA ASN A 48 -0.56 9.31 -9.26
C ASN A 48 0.70 8.68 -9.85
N PRO A 49 0.62 8.01 -11.01
CA PRO A 49 1.76 7.36 -11.64
C PRO A 49 2.60 8.41 -12.39
N LYS A 50 3.02 9.46 -11.70
CA LYS A 50 3.84 10.52 -12.24
C LYS A 50 4.95 10.96 -11.27
N GLU A 51 4.92 10.44 -10.03
CA GLU A 51 5.87 10.77 -8.99
C GLU A 51 6.39 9.46 -8.36
N ALA A 52 5.48 8.67 -7.78
CA ALA A 52 5.78 7.39 -7.17
C ALA A 52 5.40 6.27 -8.13
N SER A 53 5.76 5.03 -7.77
CA SER A 53 5.28 3.82 -8.42
C SER A 53 5.28 2.66 -7.42
N VAL A 54 4.53 1.62 -7.78
CA VAL A 54 4.23 0.46 -6.94
C VAL A 54 5.50 -0.31 -6.59
N SER A 55 6.36 -0.53 -7.59
CA SER A 55 7.65 -1.18 -7.42
C SER A 55 8.50 -0.52 -6.33
N ASP A 56 8.55 0.82 -6.33
CA ASP A 56 9.46 1.59 -5.52
C ASP A 56 8.97 1.52 -4.08
N LEU A 57 7.71 1.87 -3.88
CA LEU A 57 7.09 1.74 -2.57
C LEU A 57 7.20 0.32 -2.04
N LYS A 58 7.16 -0.70 -2.93
CA LYS A 58 7.42 -2.06 -2.52
C LYS A 58 8.70 -2.11 -1.69
N GLU A 59 9.81 -1.57 -2.19
CA GLU A 59 11.09 -1.59 -1.48
C GLU A 59 10.97 -0.94 -0.10
N ALA A 60 10.15 0.10 0.00
CA ALA A 60 9.97 0.87 1.22
C ALA A 60 9.28 0.01 2.28
N VAL A 61 8.26 -0.73 1.85
CA VAL A 61 7.56 -1.70 2.68
C VAL A 61 8.50 -2.85 3.04
N ASP A 62 9.21 -3.39 2.05
CA ASP A 62 10.19 -4.45 2.19
C ASP A 62 11.18 -4.10 3.30
N LYS A 63 11.67 -2.84 3.28
CA LYS A 63 12.58 -2.28 4.28
C LYS A 63 12.09 -2.43 5.73
N LEU A 64 10.79 -2.67 5.96
CA LEU A 64 10.23 -2.86 7.30
C LEU A 64 10.24 -4.34 7.72
N GLY A 65 10.43 -5.27 6.79
CA GLY A 65 10.65 -6.69 7.08
C GLY A 65 9.58 -7.57 6.44
N TYR A 66 8.31 -7.21 6.65
CA TYR A 66 7.21 -7.86 5.96
C TYR A 66 7.28 -7.59 4.46
N LYS A 67 6.59 -8.41 3.67
CA LYS A 67 6.63 -8.35 2.22
C LYS A 67 5.30 -7.82 1.67
N LEU A 68 5.27 -7.47 0.39
CA LEU A 68 4.13 -6.89 -0.28
C LEU A 68 4.23 -7.24 -1.76
N LYS A 69 3.11 -7.22 -2.48
CA LYS A 69 3.01 -7.39 -3.92
C LYS A 69 1.72 -6.71 -4.37
N LEU A 70 1.57 -6.48 -5.67
CA LEU A 70 0.35 -5.94 -6.24
C LEU A 70 -0.82 -6.90 -6.06
N LYS A 71 -2.02 -6.34 -5.95
CA LYS A 71 -3.28 -7.06 -5.96
C LYS A 71 -4.15 -6.57 -7.12
N GLY A 72 -4.69 -5.35 -6.99
CA GLY A 72 -5.69 -4.80 -7.89
C GLY A 72 -5.40 -3.33 -8.16
N GLU A 73 -6.14 -2.73 -9.09
CA GLU A 73 -5.83 -1.43 -9.66
C GLU A 73 -6.97 -1.00 -10.58
N GLN A 74 -8.21 -1.08 -10.08
CA GLN A 74 -9.39 -0.85 -10.90
C GLN A 74 -9.47 0.62 -11.33
N ASP A 75 -9.50 1.52 -10.34
CA ASP A 75 -9.73 2.96 -10.47
C ASP A 75 -9.93 3.50 -9.05
N SER A 76 -11.01 3.06 -8.41
CA SER A 76 -11.51 3.57 -7.13
C SER A 76 -11.95 2.46 -6.17
N ILE A 77 -12.68 1.46 -6.64
CA ILE A 77 -13.19 0.36 -5.85
C ILE A 77 -13.26 -0.87 -6.76
N GLU A 78 -13.54 -2.07 -6.22
CA GLU A 78 -13.59 -3.33 -6.96
C GLU A 78 -12.22 -3.67 -7.54
N GLY A 79 -11.21 -3.78 -6.66
CA GLY A 79 -9.91 -4.33 -7.00
C GLY A 79 -10.05 -5.66 -7.71
N ARG A 80 -9.53 -5.74 -8.94
CA ARG A 80 -9.47 -6.95 -9.72
C ARG A 80 -8.37 -7.89 -9.21
CU CU1 B . 4.77 -5.48 14.43
N MET A 1 -9.92 10.33 -10.88
CA MET A 1 -8.73 11.16 -10.61
C MET A 1 -7.84 10.34 -9.68
N THR A 2 -6.53 10.56 -9.69
CA THR A 2 -5.54 9.71 -9.05
C THR A 2 -5.64 8.28 -9.60
N GLU A 3 -5.01 7.31 -8.93
CA GLU A 3 -5.09 5.90 -9.23
C GLU A 3 -5.23 5.25 -7.84
N LYS A 4 -6.25 4.42 -7.66
CA LYS A 4 -6.44 3.62 -6.46
C LYS A 4 -6.04 2.18 -6.78
N ALA A 5 -4.88 1.82 -6.25
CA ALA A 5 -4.17 0.56 -6.48
C ALA A 5 -4.27 -0.27 -5.20
N GLU A 6 -4.11 -1.59 -5.29
CA GLU A 6 -4.43 -2.48 -4.20
C GLU A 6 -3.30 -3.49 -4.18
N PHE A 7 -2.70 -3.68 -3.01
CA PHE A 7 -1.55 -4.52 -2.78
C PHE A 7 -1.84 -5.42 -1.59
N ASP A 8 -1.22 -6.60 -1.60
CA ASP A 8 -1.49 -7.71 -0.72
C ASP A 8 -0.23 -7.86 0.12
N ILE A 9 -0.36 -7.86 1.45
CA ILE A 9 0.78 -7.90 2.36
C ILE A 9 0.83 -9.26 3.05
N GLU A 10 2.05 -9.75 3.32
CA GLU A 10 2.27 -10.85 4.25
C GLU A 10 3.22 -10.42 5.36
N GLY A 11 2.76 -10.65 6.59
CA GLY A 11 3.58 -10.76 7.78
C GLY A 11 3.03 -9.95 8.96
N MET A 12 2.10 -9.01 8.72
CA MET A 12 1.77 -7.98 9.69
C MET A 12 0.82 -8.49 10.77
N THR A 13 1.26 -9.49 11.51
CA THR A 13 0.50 -10.19 12.52
C THR A 13 0.64 -9.45 13.85
N CYS A 14 0.37 -8.14 13.83
CA CYS A 14 0.66 -7.23 14.92
C CYS A 14 -0.45 -6.17 14.99
N ALA A 15 -0.27 -5.06 14.26
CA ALA A 15 -1.12 -3.87 14.15
C ALA A 15 -0.20 -2.67 13.95
N ALA A 16 0.74 -2.47 14.86
CA ALA A 16 1.70 -1.38 14.78
C ALA A 16 2.48 -1.47 13.47
N CYS A 17 2.88 -2.69 13.11
CA CYS A 17 3.46 -3.04 11.82
C CYS A 17 2.65 -2.48 10.65
N ALA A 18 1.32 -2.51 10.75
CA ALA A 18 0.44 -2.00 9.71
C ALA A 18 0.50 -0.47 9.67
N ASN A 19 0.32 0.18 10.82
CA ASN A 19 0.43 1.63 10.88
C ASN A 19 1.80 2.13 10.43
N ARG A 20 2.86 1.35 10.68
CA ARG A 20 4.20 1.63 10.22
C ARG A 20 4.22 1.72 8.69
N ILE A 21 3.43 0.89 8.00
CA ILE A 21 3.34 0.99 6.55
C ILE A 21 2.81 2.37 6.20
N GLU A 22 1.66 2.76 6.77
CA GLU A 22 1.04 4.06 6.51
C GLU A 22 2.07 5.17 6.65
N LYS A 23 2.83 5.13 7.76
CA LYS A 23 3.85 6.09 8.08
C LYS A 23 4.99 6.12 7.07
N ARG A 24 5.32 4.98 6.44
CA ARG A 24 6.30 4.93 5.36
C ARG A 24 5.67 5.50 4.08
N LEU A 25 4.49 5.00 3.72
CA LEU A 25 3.78 5.38 2.51
C LEU A 25 3.62 6.89 2.46
N ASN A 26 3.18 7.49 3.56
CA ASN A 26 3.10 8.95 3.72
C ASN A 26 4.42 9.64 3.43
N LYS A 27 5.54 9.05 3.86
CA LYS A 27 6.86 9.62 3.57
C LYS A 27 7.15 9.60 2.05
N ILE A 28 6.57 8.67 1.28
CA ILE A 28 6.80 8.66 -0.15
C ILE A 28 6.03 9.82 -0.79
N GLU A 29 6.78 10.68 -1.45
CA GLU A 29 6.27 11.82 -2.17
C GLU A 29 5.55 11.30 -3.42
N GLY A 30 4.35 11.82 -3.70
CA GLY A 30 3.54 11.40 -4.83
C GLY A 30 2.42 10.44 -4.44
N VAL A 31 2.44 9.91 -3.21
CA VAL A 31 1.34 9.13 -2.68
C VAL A 31 0.35 10.10 -2.04
N ALA A 32 -0.95 9.95 -2.34
CA ALA A 32 -1.99 10.80 -1.80
C ALA A 32 -2.43 10.27 -0.44
N ASN A 33 -2.69 8.96 -0.35
CA ASN A 33 -3.12 8.31 0.88
C ASN A 33 -3.03 6.81 0.64
N ALA A 34 -3.17 6.00 1.69
CA ALA A 34 -2.85 4.58 1.67
C ALA A 34 -3.18 3.86 2.98
N PRO A 35 -4.45 3.82 3.41
CA PRO A 35 -4.84 3.11 4.62
C PRO A 35 -4.72 1.59 4.41
N VAL A 36 -3.99 0.88 5.28
CA VAL A 36 -3.88 -0.57 5.21
C VAL A 36 -4.97 -1.26 6.04
N ASN A 37 -5.61 -2.28 5.46
CA ASN A 37 -6.73 -2.98 6.06
C ASN A 37 -6.25 -4.20 6.84
N PHE A 38 -6.20 -4.05 8.17
CA PHE A 38 -5.83 -5.11 9.10
C PHE A 38 -6.96 -6.14 9.23
N ALA A 39 -7.21 -6.88 8.14
CA ALA A 39 -8.17 -7.98 8.10
C ALA A 39 -7.86 -8.90 6.93
N LEU A 40 -7.85 -8.36 5.71
CA LEU A 40 -7.54 -9.11 4.51
C LEU A 40 -6.03 -9.16 4.28
N GLU A 41 -5.30 -8.31 5.02
CA GLU A 41 -3.87 -8.08 4.85
C GLU A 41 -3.68 -7.50 3.44
N THR A 42 -4.39 -6.42 3.18
CA THR A 42 -4.41 -5.70 1.91
C THR A 42 -4.32 -4.20 2.21
N VAL A 43 -3.55 -3.45 1.42
CA VAL A 43 -3.54 -1.98 1.45
C VAL A 43 -4.09 -1.47 0.12
N THR A 44 -4.92 -0.41 0.18
CA THR A 44 -5.37 0.32 -0.99
C THR A 44 -4.58 1.62 -1.04
N VAL A 45 -3.64 1.76 -1.98
CA VAL A 45 -2.80 2.94 -2.11
C VAL A 45 -3.40 3.86 -3.17
N GLU A 46 -3.60 5.13 -2.78
CA GLU A 46 -4.08 6.18 -3.65
C GLU A 46 -2.89 7.06 -4.04
N TYR A 47 -2.53 7.14 -5.32
CA TYR A 47 -1.39 7.91 -5.77
C TYR A 47 -1.56 8.35 -7.22
N ASN A 48 -0.56 9.06 -7.76
CA ASN A 48 -0.53 9.53 -9.14
C ASN A 48 0.62 8.82 -9.87
N PRO A 49 0.37 8.14 -11.01
CA PRO A 49 1.38 7.37 -11.74
C PRO A 49 2.34 8.26 -12.55
N LYS A 50 2.77 9.36 -11.93
CA LYS A 50 3.70 10.32 -12.48
C LYS A 50 4.65 10.85 -11.40
N GLU A 51 4.46 10.44 -10.14
CA GLU A 51 5.14 11.02 -8.99
C GLU A 51 5.74 9.91 -8.14
N ALA A 52 4.89 8.98 -7.69
CA ALA A 52 5.28 7.78 -6.98
C ALA A 52 5.12 6.58 -7.91
N SER A 53 5.66 5.43 -7.49
CA SER A 53 5.68 4.20 -8.27
C SER A 53 5.44 3.03 -7.32
N VAL A 54 4.61 2.07 -7.77
CA VAL A 54 4.30 0.87 -7.01
C VAL A 54 5.58 0.20 -6.53
N SER A 55 6.58 0.01 -7.40
CA SER A 55 7.83 -0.63 -7.06
C SER A 55 8.59 0.05 -5.91
N ASP A 56 8.58 1.39 -5.85
CA ASP A 56 9.36 2.13 -4.88
C ASP A 56 8.78 1.88 -3.50
N LEU A 57 7.48 2.15 -3.38
CA LEU A 57 6.79 1.93 -2.12
C LEU A 57 6.82 0.44 -1.76
N LYS A 58 6.71 -0.45 -2.75
CA LYS A 58 6.86 -1.88 -2.53
C LYS A 58 8.19 -2.12 -1.82
N GLU A 59 9.28 -1.60 -2.38
CA GLU A 59 10.60 -1.76 -1.78
C GLU A 59 10.56 -1.25 -0.34
N ALA A 60 9.96 -0.08 -0.11
CA ALA A 60 9.88 0.52 1.20
C ALA A 60 9.18 -0.41 2.19
N VAL A 61 8.04 -1.00 1.79
CA VAL A 61 7.35 -1.97 2.64
C VAL A 61 8.22 -3.19 2.86
N ASP A 62 8.82 -3.73 1.80
CA ASP A 62 9.76 -4.84 1.91
C ASP A 62 10.83 -4.52 2.97
N LYS A 63 11.35 -3.29 2.91
CA LYS A 63 12.38 -2.77 3.79
C LYS A 63 11.89 -2.61 5.23
N LEU A 64 10.58 -2.54 5.48
CA LEU A 64 10.04 -2.59 6.84
C LEU A 64 10.26 -3.99 7.45
N GLY A 65 10.34 -5.04 6.62
CA GLY A 65 10.65 -6.40 7.08
C GLY A 65 9.66 -7.41 6.49
N TYR A 66 8.37 -7.07 6.49
CA TYR A 66 7.31 -7.91 5.94
C TYR A 66 7.40 -7.89 4.39
N LYS A 67 6.50 -8.59 3.71
CA LYS A 67 6.46 -8.60 2.24
C LYS A 67 5.15 -8.01 1.75
N LEU A 68 5.17 -7.42 0.55
CA LEU A 68 4.04 -6.82 -0.12
C LEU A 68 4.19 -7.21 -1.59
N LYS A 69 3.07 -7.25 -2.29
CA LYS A 69 3.00 -7.54 -3.72
C LYS A 69 1.76 -6.85 -4.28
N LEU A 70 1.75 -6.57 -5.57
CA LEU A 70 0.59 -5.96 -6.22
C LEU A 70 -0.59 -6.92 -6.19
N LYS A 71 -1.80 -6.35 -6.08
CA LYS A 71 -3.05 -7.06 -6.17
C LYS A 71 -3.78 -6.65 -7.45
N GLY A 72 -4.00 -5.35 -7.64
CA GLY A 72 -4.70 -4.83 -8.80
C GLY A 72 -5.17 -3.41 -8.47
N GLU A 73 -6.27 -2.98 -9.08
CA GLU A 73 -6.82 -1.65 -8.96
C GLU A 73 -8.36 -1.72 -9.05
N GLN A 74 -9.05 -0.77 -8.43
CA GLN A 74 -10.51 -0.76 -8.33
C GLN A 74 -11.11 0.56 -8.84
N ASP A 75 -10.56 1.68 -8.37
CA ASP A 75 -11.07 3.06 -8.47
C ASP A 75 -12.48 3.17 -9.07
N SER A 76 -13.49 2.89 -8.24
CA SER A 76 -14.88 3.09 -8.61
C SER A 76 -15.70 3.26 -7.34
N ILE A 77 -15.72 2.22 -6.49
CA ILE A 77 -16.43 2.24 -5.22
C ILE A 77 -15.51 2.81 -4.13
N GLU A 78 -16.11 3.12 -2.96
CA GLU A 78 -15.42 3.63 -1.79
C GLU A 78 -14.30 2.70 -1.34
N GLY A 79 -14.65 1.45 -1.06
CA GLY A 79 -13.78 0.43 -0.49
C GLY A 79 -14.50 -0.90 -0.53
N ARG A 80 -13.96 -1.92 0.14
CA ARG A 80 -14.44 -3.29 0.14
C ARG A 80 -13.72 -3.97 1.30
CU CU1 B . 4.52 -4.53 15.00
N MET A 1 -9.14 13.09 -7.28
CA MET A 1 -8.31 12.11 -6.57
C MET A 1 -7.27 11.63 -7.58
N THR A 2 -6.55 10.53 -7.32
CA THR A 2 -5.52 10.03 -8.22
C THR A 2 -5.98 8.70 -8.84
N GLU A 3 -5.39 7.58 -8.44
CA GLU A 3 -5.85 6.24 -8.69
C GLU A 3 -5.97 5.60 -7.30
N LYS A 4 -6.38 4.34 -7.26
CA LYS A 4 -6.32 3.50 -6.09
C LYS A 4 -5.57 2.25 -6.53
N ALA A 5 -4.77 1.68 -5.64
CA ALA A 5 -4.03 0.46 -5.91
C ALA A 5 -4.08 -0.42 -4.69
N GLU A 6 -4.28 -1.72 -4.89
CA GLU A 6 -4.44 -2.67 -3.81
C GLU A 6 -3.21 -3.53 -3.88
N PHE A 7 -2.52 -3.65 -2.75
CA PHE A 7 -1.39 -4.52 -2.56
C PHE A 7 -1.67 -5.44 -1.39
N ASP A 8 -1.09 -6.63 -1.46
CA ASP A 8 -1.28 -7.79 -0.62
C ASP A 8 0.00 -7.92 0.18
N ILE A 9 -0.14 -7.97 1.51
CA ILE A 9 1.00 -7.99 2.41
C ILE A 9 0.99 -9.28 3.22
N GLU A 10 2.19 -9.86 3.43
CA GLU A 10 2.39 -10.98 4.32
C GLU A 10 3.21 -10.52 5.52
N GLY A 11 2.69 -10.77 6.71
CA GLY A 11 3.42 -10.76 7.97
C GLY A 11 2.99 -9.63 8.90
N MET A 12 2.00 -8.83 8.51
CA MET A 12 1.60 -7.69 9.33
C MET A 12 0.62 -8.13 10.41
N THR A 13 1.07 -9.05 11.25
CA THR A 13 0.24 -9.65 12.30
C THR A 13 0.00 -8.64 13.41
N CYS A 14 0.81 -7.58 13.46
CA CYS A 14 0.73 -6.54 14.48
C CYS A 14 0.03 -5.32 13.90
N ALA A 15 -0.94 -4.75 14.61
CA ALA A 15 -1.54 -3.48 14.21
C ALA A 15 -0.45 -2.43 13.96
N ALA A 16 0.60 -2.46 14.78
CA ALA A 16 1.79 -1.64 14.62
C ALA A 16 2.44 -1.80 13.24
N CYS A 17 2.54 -3.05 12.74
CA CYS A 17 3.13 -3.36 11.45
C CYS A 17 2.30 -2.69 10.37
N ALA A 18 0.99 -2.92 10.43
CA ALA A 18 0.06 -2.31 9.50
C ALA A 18 0.21 -0.79 9.51
N ASN A 19 0.17 -0.16 10.69
CA ASN A 19 0.32 1.29 10.78
C ASN A 19 1.67 1.75 10.19
N ARG A 20 2.72 0.94 10.36
CA ARG A 20 4.03 1.21 9.80
C ARG A 20 3.97 1.32 8.28
N ILE A 21 3.09 0.55 7.63
CA ILE A 21 2.88 0.64 6.18
C ILE A 21 2.57 2.09 5.84
N GLU A 22 1.49 2.62 6.44
CA GLU A 22 1.04 3.97 6.18
C GLU A 22 2.16 4.96 6.47
N LYS A 23 2.82 4.79 7.62
CA LYS A 23 3.92 5.63 8.05
C LYS A 23 5.01 5.69 6.98
N ARG A 24 5.40 4.55 6.41
CA ARG A 24 6.41 4.54 5.36
C ARG A 24 5.86 5.13 4.07
N LEU A 25 4.65 4.71 3.66
CA LEU A 25 4.05 5.21 2.42
C LEU A 25 3.95 6.74 2.43
N ASN A 26 3.57 7.32 3.56
CA ASN A 26 3.57 8.77 3.76
C ASN A 26 4.92 9.40 3.45
N LYS A 27 6.02 8.70 3.76
CA LYS A 27 7.36 9.15 3.46
C LYS A 27 7.60 9.19 1.93
N ILE A 28 6.85 8.44 1.13
CA ILE A 28 6.97 8.50 -0.32
C ILE A 28 6.15 9.69 -0.83
N GLU A 29 6.72 10.41 -1.79
CA GLU A 29 6.27 11.70 -2.22
C GLU A 29 5.45 11.50 -3.50
N GLY A 30 4.28 12.14 -3.57
CA GLY A 30 3.28 11.89 -4.62
C GLY A 30 2.26 10.82 -4.24
N VAL A 31 2.27 10.37 -2.97
CA VAL A 31 1.19 9.56 -2.40
C VAL A 31 0.07 10.48 -1.92
N ALA A 32 -1.18 10.10 -2.18
CA ALA A 32 -2.36 10.82 -1.74
C ALA A 32 -2.80 10.31 -0.36
N ASN A 33 -2.93 8.99 -0.21
CA ASN A 33 -3.29 8.35 1.06
C ASN A 33 -3.12 6.84 0.91
N ALA A 34 -3.33 6.08 1.99
CA ALA A 34 -3.03 4.65 2.03
C ALA A 34 -3.61 3.92 3.23
N PRO A 35 -4.93 3.94 3.47
CA PRO A 35 -5.53 3.20 4.57
C PRO A 35 -5.24 1.70 4.46
N VAL A 36 -4.60 1.14 5.50
CA VAL A 36 -4.32 -0.28 5.61
C VAL A 36 -5.57 -1.04 6.06
N ASN A 37 -5.82 -2.20 5.45
CA ASN A 37 -7.04 -2.99 5.67
C ASN A 37 -6.69 -4.25 6.47
N PHE A 38 -6.69 -4.11 7.80
CA PHE A 38 -6.36 -5.17 8.75
C PHE A 38 -7.48 -6.21 8.83
N ALA A 39 -7.58 -7.03 7.79
CA ALA A 39 -8.49 -8.19 7.74
C ALA A 39 -8.07 -9.11 6.59
N LEU A 40 -8.02 -8.52 5.38
CA LEU A 40 -7.64 -9.20 4.15
C LEU A 40 -6.12 -9.34 4.07
N GLU A 41 -5.40 -8.50 4.83
CA GLU A 41 -3.95 -8.33 4.80
C GLU A 41 -3.57 -7.64 3.47
N THR A 42 -4.20 -6.48 3.28
CA THR A 42 -4.17 -5.64 2.09
C THR A 42 -3.96 -4.19 2.52
N VAL A 43 -3.28 -3.39 1.71
CA VAL A 43 -3.30 -1.93 1.80
C VAL A 43 -3.88 -1.36 0.50
N THR A 44 -4.73 -0.33 0.62
CA THR A 44 -5.31 0.37 -0.52
C THR A 44 -4.63 1.73 -0.62
N VAL A 45 -3.64 1.86 -1.51
CA VAL A 45 -2.85 3.07 -1.67
C VAL A 45 -3.43 3.93 -2.79
N GLU A 46 -3.70 5.19 -2.50
CA GLU A 46 -3.93 6.20 -3.51
C GLU A 46 -2.65 7.02 -3.68
N TYR A 47 -2.15 7.11 -4.92
CA TYR A 47 -0.97 7.89 -5.29
C TYR A 47 -1.17 8.27 -6.74
N ASN A 48 -0.28 9.12 -7.28
CA ASN A 48 -0.38 9.56 -8.67
C ASN A 48 0.70 8.87 -9.51
N PRO A 49 0.35 8.17 -10.59
CA PRO A 49 1.28 7.38 -11.41
C PRO A 49 2.11 8.29 -12.33
N LYS A 50 2.81 9.26 -11.73
CA LYS A 50 3.74 10.16 -12.39
C LYS A 50 4.85 10.61 -11.42
N GLU A 51 4.81 10.14 -10.17
CA GLU A 51 5.76 10.49 -9.12
C GLU A 51 6.26 9.19 -8.50
N ALA A 52 5.40 8.54 -7.71
CA ALA A 52 5.64 7.25 -7.11
C ALA A 52 5.20 6.16 -8.10
N SER A 53 5.65 4.94 -7.85
CA SER A 53 5.23 3.75 -8.53
C SER A 53 5.12 2.61 -7.52
N VAL A 54 4.26 1.64 -7.84
CA VAL A 54 4.05 0.43 -7.04
C VAL A 54 5.37 -0.27 -6.76
N SER A 55 6.24 -0.38 -7.77
CA SER A 55 7.55 -1.01 -7.64
C SER A 55 8.46 -0.24 -6.68
N ASP A 56 8.45 1.09 -6.74
CA ASP A 56 9.28 1.90 -5.85
C ASP A 56 8.82 1.68 -4.41
N LEU A 57 7.55 1.96 -4.15
CA LEU A 57 7.01 1.90 -2.81
C LEU A 57 7.15 0.48 -2.25
N LYS A 58 7.11 -0.55 -3.12
CA LYS A 58 7.45 -1.91 -2.74
C LYS A 58 8.72 -1.90 -1.88
N GLU A 59 9.79 -1.28 -2.36
CA GLU A 59 11.07 -1.28 -1.65
C GLU A 59 10.91 -0.64 -0.26
N ALA A 60 10.10 0.42 -0.17
CA ALA A 60 9.86 1.13 1.07
C ALA A 60 9.17 0.23 2.09
N VAL A 61 8.11 -0.47 1.71
CA VAL A 61 7.45 -1.38 2.62
C VAL A 61 8.37 -2.55 2.95
N ASP A 62 9.03 -3.11 1.95
CA ASP A 62 10.01 -4.18 2.13
C ASP A 62 11.04 -3.79 3.19
N LYS A 63 11.52 -2.53 3.14
CA LYS A 63 12.43 -1.95 4.12
C LYS A 63 11.93 -2.05 5.57
N LEU A 64 10.62 -2.22 5.81
CA LEU A 64 10.07 -2.41 7.14
C LEU A 64 10.32 -3.83 7.66
N GLY A 65 10.47 -4.82 6.77
CA GLY A 65 10.83 -6.19 7.13
C GLY A 65 9.91 -7.21 6.46
N TYR A 66 8.60 -7.02 6.58
CA TYR A 66 7.60 -7.86 5.92
C TYR A 66 7.61 -7.62 4.40
N LYS A 67 6.82 -8.40 3.65
CA LYS A 67 6.81 -8.34 2.20
C LYS A 67 5.40 -8.05 1.68
N LEU A 68 5.35 -7.36 0.54
CA LEU A 68 4.19 -6.81 -0.13
C LEU A 68 4.28 -7.28 -1.58
N LYS A 69 3.14 -7.39 -2.24
CA LYS A 69 3.02 -7.67 -3.66
C LYS A 69 1.77 -6.95 -4.16
N LEU A 70 1.67 -6.76 -5.47
CA LEU A 70 0.52 -6.14 -6.08
C LEU A 70 -0.70 -7.04 -5.96
N LYS A 71 -1.87 -6.40 -5.88
CA LYS A 71 -3.17 -7.04 -6.05
C LYS A 71 -3.87 -6.47 -7.29
N GLY A 72 -3.91 -5.14 -7.42
CA GLY A 72 -4.42 -4.51 -8.63
C GLY A 72 -4.53 -2.99 -8.51
N GLU A 73 -4.13 -2.26 -9.54
CA GLU A 73 -4.22 -0.82 -9.62
C GLU A 73 -5.65 -0.38 -9.95
N GLN A 74 -6.60 -0.70 -9.06
CA GLN A 74 -7.93 -0.10 -9.06
C GLN A 74 -8.64 -0.43 -7.75
N ASP A 75 -9.73 0.30 -7.49
CA ASP A 75 -10.74 -0.02 -6.50
C ASP A 75 -12.09 0.38 -7.10
N SER A 76 -12.78 -0.59 -7.70
CA SER A 76 -14.11 -0.47 -8.33
C SER A 76 -14.59 -1.88 -8.69
N ILE A 77 -14.87 -2.72 -7.69
CA ILE A 77 -15.45 -4.04 -7.93
C ILE A 77 -16.86 -3.85 -8.47
N GLU A 78 -17.23 -4.58 -9.53
CA GLU A 78 -18.56 -4.59 -10.11
C GLU A 78 -18.84 -6.02 -10.61
N GLY A 79 -20.11 -6.35 -10.85
CA GLY A 79 -20.55 -7.68 -11.27
C GLY A 79 -20.42 -8.66 -10.10
N ARG A 80 -19.18 -9.08 -9.83
CA ARG A 80 -18.78 -9.86 -8.67
C ARG A 80 -19.50 -11.22 -8.58
CU CU1 B . 3.83 -7.87 12.59
N MET A 1 -7.35 13.65 -7.40
CA MET A 1 -7.16 13.38 -8.83
C MET A 1 -5.90 12.52 -8.97
N THR A 2 -6.07 11.22 -8.76
CA THR A 2 -5.02 10.23 -8.56
C THR A 2 -5.66 8.88 -8.90
N GLU A 3 -4.91 7.76 -8.89
CA GLU A 3 -5.48 6.44 -9.10
C GLU A 3 -5.66 5.79 -7.74
N LYS A 4 -5.95 4.48 -7.75
CA LYS A 4 -5.92 3.63 -6.58
C LYS A 4 -5.32 2.30 -6.99
N ALA A 5 -4.45 1.77 -6.13
CA ALA A 5 -3.69 0.56 -6.32
C ALA A 5 -3.89 -0.29 -5.08
N GLU A 6 -4.00 -1.61 -5.24
CA GLU A 6 -4.36 -2.49 -4.14
C GLU A 6 -3.27 -3.54 -4.12
N PHE A 7 -2.70 -3.77 -2.95
CA PHE A 7 -1.59 -4.66 -2.72
C PHE A 7 -1.93 -5.57 -1.55
N ASP A 8 -1.42 -6.79 -1.61
CA ASP A 8 -1.51 -7.81 -0.60
C ASP A 8 -0.23 -7.65 0.20
N ILE A 9 -0.32 -7.79 1.52
CA ILE A 9 0.81 -7.76 2.41
C ILE A 9 0.89 -9.12 3.13
N GLU A 10 2.11 -9.61 3.36
CA GLU A 10 2.36 -10.82 4.13
C GLU A 10 3.35 -10.46 5.25
N GLY A 11 2.97 -10.75 6.50
CA GLY A 11 3.89 -10.80 7.63
C GLY A 11 3.46 -9.93 8.80
N MET A 12 2.50 -9.02 8.58
CA MET A 12 2.04 -8.09 9.59
C MET A 12 1.15 -8.79 10.61
N THR A 13 1.79 -9.45 11.56
CA THR A 13 1.13 -10.02 12.72
C THR A 13 0.53 -8.91 13.59
N CYS A 14 1.09 -7.70 13.52
CA CYS A 14 0.73 -6.58 14.37
C CYS A 14 0.07 -5.44 13.59
N ALA A 15 -0.97 -4.84 14.19
CA ALA A 15 -1.58 -3.63 13.65
C ALA A 15 -0.57 -2.48 13.66
N ALA A 16 0.37 -2.48 14.61
CA ALA A 16 1.45 -1.50 14.66
C ALA A 16 2.25 -1.53 13.35
N CYS A 17 2.69 -2.71 12.93
CA CYS A 17 3.36 -2.93 11.66
C CYS A 17 2.53 -2.35 10.52
N ALA A 18 1.25 -2.70 10.48
CA ALA A 18 0.32 -2.16 9.50
C ALA A 18 0.33 -0.63 9.49
N ASN A 19 0.23 0.01 10.66
CA ASN A 19 0.27 1.46 10.76
C ASN A 19 1.64 2.00 10.31
N ARG A 20 2.73 1.27 10.56
CA ARG A 20 4.06 1.69 10.15
C ARG A 20 4.12 1.82 8.62
N ILE A 21 3.46 0.90 7.91
CA ILE A 21 3.41 0.96 6.45
C ILE A 21 2.82 2.31 6.04
N GLU A 22 1.70 2.70 6.66
CA GLU A 22 1.02 3.95 6.35
C GLU A 22 2.00 5.12 6.50
N LYS A 23 2.75 5.12 7.60
CA LYS A 23 3.74 6.15 7.87
C LYS A 23 4.83 6.18 6.78
N ARG A 24 5.38 5.02 6.40
CA ARG A 24 6.35 4.97 5.31
C ARG A 24 5.74 5.49 4.02
N LEU A 25 4.56 5.00 3.65
CA LEU A 25 3.89 5.40 2.42
C LEU A 25 3.64 6.90 2.42
N ASN A 26 3.16 7.46 3.54
CA ASN A 26 3.00 8.90 3.72
C ASN A 26 4.30 9.65 3.43
N LYS A 27 5.44 9.07 3.79
CA LYS A 27 6.75 9.66 3.53
C LYS A 27 7.06 9.75 2.03
N ILE A 28 6.40 8.97 1.17
CA ILE A 28 6.63 9.02 -0.28
C ILE A 28 6.04 10.32 -0.85
N GLU A 29 6.77 10.89 -1.79
CA GLU A 29 6.40 12.12 -2.48
C GLU A 29 5.35 11.81 -3.55
N GLY A 30 4.22 12.52 -3.52
CA GLY A 30 3.15 12.39 -4.50
C GLY A 30 2.25 11.20 -4.22
N VAL A 31 2.18 10.78 -2.96
CA VAL A 31 1.17 9.85 -2.46
C VAL A 31 -0.08 10.66 -2.09
N ALA A 32 -1.27 10.05 -2.18
CA ALA A 32 -2.50 10.62 -1.67
C ALA A 32 -2.86 9.98 -0.33
N ASN A 33 -3.04 8.66 -0.29
CA ASN A 33 -3.46 7.95 0.91
C ASN A 33 -2.94 6.52 0.85
N ALA A 34 -3.06 5.77 1.95
CA ALA A 34 -2.71 4.37 2.03
C ALA A 34 -3.19 3.70 3.33
N PRO A 35 -4.50 3.70 3.63
CA PRO A 35 -5.02 2.98 4.78
C PRO A 35 -4.82 1.46 4.59
N VAL A 36 -4.14 0.80 5.53
CA VAL A 36 -3.91 -0.64 5.44
C VAL A 36 -5.06 -1.39 6.11
N ASN A 37 -5.67 -2.33 5.38
CA ASN A 37 -6.87 -3.02 5.77
C ASN A 37 -6.49 -4.30 6.53
N PHE A 38 -6.29 -4.14 7.84
CA PHE A 38 -5.86 -5.19 8.76
C PHE A 38 -6.99 -6.21 9.02
N ALA A 39 -7.30 -7.01 8.00
CA ALA A 39 -8.22 -8.14 8.07
C ALA A 39 -7.97 -9.04 6.86
N LEU A 40 -8.03 -8.43 5.67
CA LEU A 40 -7.73 -9.04 4.38
C LEU A 40 -6.22 -9.02 4.11
N GLU A 41 -5.46 -8.37 4.99
CA GLU A 41 -4.00 -8.23 4.93
C GLU A 41 -3.64 -7.60 3.59
N THR A 42 -4.38 -6.54 3.26
CA THR A 42 -4.33 -5.83 2.00
C THR A 42 -4.22 -4.34 2.32
N VAL A 43 -3.58 -3.55 1.45
CA VAL A 43 -3.58 -2.09 1.53
C VAL A 43 -4.13 -1.54 0.22
N THR A 44 -4.83 -0.40 0.32
CA THR A 44 -5.37 0.35 -0.79
C THR A 44 -4.61 1.67 -0.86
N VAL A 45 -3.55 1.73 -1.68
CA VAL A 45 -2.73 2.91 -1.81
C VAL A 45 -3.32 3.81 -2.90
N GLU A 46 -3.57 5.07 -2.55
CA GLU A 46 -3.96 6.10 -3.50
C GLU A 46 -2.72 6.96 -3.74
N TYR A 47 -2.29 7.05 -5.00
CA TYR A 47 -1.18 7.89 -5.43
C TYR A 47 -1.41 8.19 -6.91
N ASN A 48 -0.51 8.94 -7.54
CA ASN A 48 -0.59 9.27 -8.96
C ASN A 48 0.67 8.76 -9.66
N PRO A 49 0.56 7.99 -10.76
CA PRO A 49 1.69 7.32 -11.41
C PRO A 49 2.49 8.30 -12.28
N LYS A 50 2.95 9.39 -11.66
CA LYS A 50 3.81 10.39 -12.26
C LYS A 50 4.68 11.01 -11.17
N GLU A 51 4.82 10.35 -10.01
CA GLU A 51 5.61 10.82 -8.88
C GLU A 51 6.21 9.60 -8.21
N ALA A 52 5.34 8.80 -7.58
CA ALA A 52 5.68 7.53 -6.97
C ALA A 52 5.44 6.41 -7.98
N SER A 53 5.92 5.21 -7.63
CA SER A 53 5.69 3.99 -8.39
C SER A 53 5.43 2.84 -7.42
N VAL A 54 4.68 1.84 -7.88
CA VAL A 54 4.37 0.66 -7.09
C VAL A 54 5.67 -0.07 -6.69
N SER A 55 6.53 -0.36 -7.67
CA SER A 55 7.82 -1.00 -7.44
C SER A 55 8.72 -0.21 -6.46
N ASP A 56 8.58 1.11 -6.42
CA ASP A 56 9.39 1.94 -5.53
C ASP A 56 8.92 1.69 -4.10
N LEU A 57 7.64 1.99 -3.84
CA LEU A 57 7.07 1.78 -2.51
C LEU A 57 7.22 0.33 -2.07
N LYS A 58 7.22 -0.61 -3.02
CA LYS A 58 7.53 -2.01 -2.78
C LYS A 58 8.79 -2.16 -1.93
N GLU A 59 9.91 -1.55 -2.34
CA GLU A 59 11.15 -1.61 -1.58
C GLU A 59 10.90 -1.10 -0.17
N ALA A 60 10.14 0.00 -0.08
CA ALA A 60 9.97 0.76 1.15
C ALA A 60 9.24 -0.08 2.18
N VAL A 61 8.24 -0.85 1.75
CA VAL A 61 7.52 -1.75 2.63
C VAL A 61 8.38 -2.97 2.98
N ASP A 62 8.98 -3.62 1.97
CA ASP A 62 9.93 -4.71 2.19
C ASP A 62 10.97 -4.31 3.26
N LYS A 63 11.44 -3.05 3.20
CA LYS A 63 12.41 -2.49 4.13
C LYS A 63 11.97 -2.60 5.60
N LEU A 64 10.66 -2.61 5.87
CA LEU A 64 10.13 -2.77 7.21
C LEU A 64 10.16 -4.24 7.67
N GLY A 65 10.26 -5.20 6.74
CA GLY A 65 10.46 -6.61 7.04
C GLY A 65 9.40 -7.48 6.36
N TYR A 66 8.12 -7.16 6.63
CA TYR A 66 7.00 -7.81 5.97
C TYR A 66 7.04 -7.51 4.47
N LYS A 67 6.43 -8.38 3.67
CA LYS A 67 6.47 -8.30 2.22
C LYS A 67 5.11 -7.84 1.69
N LEU A 68 5.10 -7.38 0.44
CA LEU A 68 3.95 -6.84 -0.26
C LEU A 68 4.04 -7.35 -1.70
N LYS A 69 2.89 -7.48 -2.35
CA LYS A 69 2.74 -7.84 -3.74
C LYS A 69 1.43 -7.27 -4.27
N LEU A 70 1.22 -7.28 -5.59
CA LEU A 70 0.07 -6.66 -6.23
C LEU A 70 -1.23 -7.39 -5.89
N LYS A 71 -2.33 -6.63 -5.88
CA LYS A 71 -3.69 -7.13 -5.70
C LYS A 71 -4.71 -6.58 -6.69
N GLY A 72 -4.58 -5.32 -7.10
CA GLY A 72 -5.54 -4.69 -8.00
C GLY A 72 -5.08 -3.26 -8.30
N GLU A 73 -5.81 -2.58 -9.19
CA GLU A 73 -5.47 -1.24 -9.63
C GLU A 73 -6.69 -0.49 -10.16
N GLN A 74 -7.80 -0.59 -9.42
CA GLN A 74 -9.05 0.09 -9.72
C GLN A 74 -9.92 0.03 -8.46
N ASP A 75 -10.58 1.13 -8.12
CA ASP A 75 -11.67 1.20 -7.15
C ASP A 75 -12.66 2.26 -7.65
N SER A 76 -13.59 1.89 -8.53
CA SER A 76 -14.53 2.85 -9.11
C SER A 76 -15.62 2.13 -9.92
N ILE A 77 -16.60 1.54 -9.23
CA ILE A 77 -17.80 0.94 -9.80
C ILE A 77 -17.44 -0.01 -10.96
N GLU A 78 -16.56 -0.97 -10.67
CA GLU A 78 -16.32 -2.12 -11.51
C GLU A 78 -17.49 -3.12 -11.41
N GLY A 79 -17.63 -3.97 -12.42
CA GLY A 79 -18.44 -5.19 -12.33
C GLY A 79 -19.94 -4.96 -12.45
N ARG A 80 -20.36 -4.15 -13.43
CA ARG A 80 -21.73 -3.82 -13.81
C ARG A 80 -22.12 -2.48 -13.17
CU CU1 B . 4.69 -4.21 14.72
N MET A 1 -4.32 14.41 -9.90
CA MET A 1 -4.46 13.23 -10.76
C MET A 1 -3.73 12.05 -10.11
N THR A 2 -4.39 11.40 -9.16
CA THR A 2 -3.92 10.19 -8.51
C THR A 2 -4.89 9.07 -8.92
N GLU A 3 -4.47 7.80 -8.80
CA GLU A 3 -5.27 6.64 -9.08
C GLU A 3 -5.62 5.97 -7.76
N LYS A 4 -6.10 4.73 -7.83
CA LYS A 4 -6.29 3.84 -6.71
C LYS A 4 -5.68 2.50 -7.13
N ALA A 5 -4.84 1.95 -6.27
CA ALA A 5 -4.13 0.70 -6.44
C ALA A 5 -4.38 -0.15 -5.20
N GLU A 6 -4.24 -1.48 -5.28
CA GLU A 6 -4.57 -2.35 -4.18
C GLU A 6 -3.50 -3.43 -4.18
N PHE A 7 -2.95 -3.71 -2.99
CA PHE A 7 -1.80 -4.57 -2.78
C PHE A 7 -2.09 -5.53 -1.63
N ASP A 8 -1.46 -6.71 -1.64
CA ASP A 8 -1.54 -7.73 -0.60
C ASP A 8 -0.34 -7.49 0.32
N ILE A 9 -0.43 -7.72 1.64
CA ILE A 9 0.72 -7.55 2.53
C ILE A 9 1.04 -8.86 3.24
N GLU A 10 2.32 -9.24 3.25
CA GLU A 10 2.82 -10.47 3.84
C GLU A 10 3.60 -10.15 5.13
N GLY A 11 3.03 -10.49 6.29
CA GLY A 11 3.73 -10.46 7.58
C GLY A 11 2.81 -10.01 8.72
N MET A 12 2.53 -8.70 8.79
CA MET A 12 1.64 -8.07 9.76
C MET A 12 1.62 -8.71 11.15
N THR A 13 2.72 -8.59 11.89
CA THR A 13 2.85 -9.22 13.20
C THR A 13 2.11 -8.44 14.29
N CYS A 14 1.83 -7.15 14.08
CA CYS A 14 0.98 -6.39 14.99
C CYS A 14 0.36 -5.20 14.25
N ALA A 15 -0.66 -4.56 14.84
CA ALA A 15 -1.30 -3.39 14.25
C ALA A 15 -0.26 -2.31 13.89
N ALA A 16 0.78 -2.18 14.70
CA ALA A 16 1.83 -1.20 14.46
C ALA A 16 2.58 -1.49 13.15
N CYS A 17 2.67 -2.74 12.70
CA CYS A 17 3.21 -3.06 11.38
C CYS A 17 2.43 -2.29 10.32
N ALA A 18 1.13 -2.59 10.28
CA ALA A 18 0.19 -1.96 9.37
C ALA A 18 0.38 -0.44 9.41
N ASN A 19 0.31 0.16 10.61
CA ASN A 19 0.44 1.61 10.70
C ASN A 19 1.84 2.10 10.29
N ARG A 20 2.90 1.33 10.50
CA ARG A 20 4.21 1.67 10.00
C ARG A 20 4.17 1.77 8.47
N ILE A 21 3.47 0.84 7.81
CA ILE A 21 3.35 0.93 6.35
C ILE A 21 2.68 2.26 5.98
N GLU A 22 1.57 2.59 6.64
CA GLU A 22 0.82 3.81 6.39
C GLU A 22 1.76 5.01 6.49
N LYS A 23 2.52 5.07 7.57
CA LYS A 23 3.54 6.08 7.80
C LYS A 23 4.53 6.14 6.64
N ARG A 24 5.13 4.99 6.29
CA ARG A 24 6.12 4.93 5.23
C ARG A 24 5.53 5.49 3.93
N LEU A 25 4.36 4.96 3.56
CA LEU A 25 3.69 5.31 2.32
C LEU A 25 3.39 6.80 2.30
N ASN A 26 2.84 7.35 3.39
CA ASN A 26 2.64 8.79 3.55
C ASN A 26 3.94 9.55 3.27
N LYS A 27 5.08 9.03 3.72
CA LYS A 27 6.36 9.68 3.49
C LYS A 27 6.81 9.61 2.02
N ILE A 28 6.29 8.70 1.20
CA ILE A 28 6.69 8.63 -0.20
C ILE A 28 6.00 9.75 -0.99
N GLU A 29 6.83 10.50 -1.69
CA GLU A 29 6.46 11.70 -2.42
C GLU A 29 5.66 11.31 -3.67
N GLY A 30 4.34 11.48 -3.58
CA GLY A 30 3.41 11.14 -4.65
C GLY A 30 2.26 10.26 -4.16
N VAL A 31 2.33 9.77 -2.91
CA VAL A 31 1.24 9.05 -2.29
C VAL A 31 0.28 10.07 -1.66
N ALA A 32 -1.02 9.89 -1.89
CA ALA A 32 -2.08 10.65 -1.26
C ALA A 32 -2.54 9.93 0.01
N ASN A 33 -2.99 8.68 -0.11
CA ASN A 33 -3.52 7.89 1.01
C ASN A 33 -3.05 6.44 0.86
N ALA A 34 -3.21 5.66 1.93
CA ALA A 34 -2.75 4.28 2.01
C ALA A 34 -3.30 3.50 3.22
N PRO A 35 -4.61 3.44 3.45
CA PRO A 35 -5.18 2.75 4.62
C PRO A 35 -4.98 1.23 4.54
N VAL A 36 -4.24 0.62 5.47
CA VAL A 36 -4.01 -0.81 5.49
C VAL A 36 -5.21 -1.56 6.11
N ASN A 37 -5.70 -2.61 5.44
CA ASN A 37 -6.91 -3.34 5.84
C ASN A 37 -6.55 -4.69 6.50
N PHE A 38 -6.25 -4.62 7.80
CA PHE A 38 -5.91 -5.74 8.66
C PHE A 38 -7.16 -6.58 8.93
N ALA A 39 -7.42 -7.52 8.03
CA ALA A 39 -8.51 -8.48 7.98
C ALA A 39 -8.42 -9.31 6.68
N LEU A 40 -8.10 -8.63 5.57
CA LEU A 40 -7.93 -9.19 4.23
C LEU A 40 -6.47 -9.10 3.81
N GLU A 41 -5.64 -8.47 4.65
CA GLU A 41 -4.20 -8.36 4.51
C GLU A 41 -3.92 -7.76 3.15
N THR A 42 -4.69 -6.69 2.90
CA THR A 42 -4.69 -5.94 1.67
C THR A 42 -4.61 -4.46 2.08
N VAL A 43 -3.92 -3.63 1.30
CA VAL A 43 -3.89 -2.18 1.46
C VAL A 43 -4.31 -1.58 0.13
N THR A 44 -5.28 -0.66 0.18
CA THR A 44 -5.58 0.23 -0.93
C THR A 44 -4.62 1.41 -0.79
N VAL A 45 -3.94 1.81 -1.87
CA VAL A 45 -3.09 2.98 -1.90
C VAL A 45 -3.59 3.90 -3.00
N GLU A 46 -3.76 5.17 -2.66
CA GLU A 46 -4.04 6.22 -3.61
C GLU A 46 -2.76 7.03 -3.78
N TYR A 47 -2.17 6.99 -4.98
CA TYR A 47 -0.96 7.73 -5.33
C TYR A 47 -1.05 8.16 -6.78
N ASN A 48 -0.06 8.92 -7.26
CA ASN A 48 0.06 9.30 -8.65
C ASN A 48 1.26 8.62 -9.32
N PRO A 49 1.06 7.83 -10.40
CA PRO A 49 2.14 7.19 -11.15
C PRO A 49 2.91 8.27 -11.91
N LYS A 50 3.82 8.93 -11.19
CA LYS A 50 4.58 10.06 -11.70
C LYS A 50 5.85 10.21 -10.87
N GLU A 51 5.67 10.42 -9.56
CA GLU A 51 6.74 10.65 -8.60
C GLU A 51 6.92 9.41 -7.71
N ALA A 52 5.83 8.67 -7.47
CA ALA A 52 5.82 7.41 -6.76
C ALA A 52 5.30 6.34 -7.73
N SER A 53 5.69 5.08 -7.51
CA SER A 53 5.19 3.95 -8.26
C SER A 53 5.16 2.71 -7.35
N VAL A 54 4.30 1.74 -7.72
CA VAL A 54 4.08 0.51 -6.96
C VAL A 54 5.40 -0.18 -6.62
N SER A 55 6.32 -0.26 -7.58
CA SER A 55 7.67 -0.78 -7.46
C SER A 55 8.42 -0.14 -6.29
N ASP A 56 8.39 1.19 -6.25
CA ASP A 56 9.24 2.01 -5.41
C ASP A 56 8.71 1.90 -3.99
N LEU A 57 7.40 2.09 -3.84
CA LEU A 57 6.76 1.87 -2.55
C LEU A 57 6.99 0.43 -2.07
N LYS A 58 7.01 -0.55 -2.98
CA LYS A 58 7.37 -1.92 -2.62
C LYS A 58 8.68 -1.95 -1.82
N GLU A 59 9.75 -1.33 -2.33
CA GLU A 59 11.04 -1.30 -1.64
C GLU A 59 10.87 -0.78 -0.21
N ALA A 60 10.00 0.22 -0.06
CA ALA A 60 9.80 0.93 1.20
C ALA A 60 9.11 0.01 2.19
N VAL A 61 8.24 -0.86 1.68
CA VAL A 61 7.53 -1.85 2.48
C VAL A 61 8.51 -2.97 2.86
N ASP A 62 9.18 -3.58 1.87
CA ASP A 62 10.22 -4.58 2.11
C ASP A 62 11.21 -4.08 3.18
N LYS A 63 11.64 -2.81 3.09
CA LYS A 63 12.53 -2.20 4.06
C LYS A 63 12.06 -2.32 5.51
N LEU A 64 10.74 -2.39 5.75
CA LEU A 64 10.20 -2.55 7.09
C LEU A 64 10.21 -4.02 7.54
N GLY A 65 10.37 -4.97 6.61
CA GLY A 65 10.57 -6.38 6.89
C GLY A 65 9.50 -7.22 6.21
N TYR A 66 8.24 -6.89 6.48
CA TYR A 66 7.11 -7.53 5.81
C TYR A 66 7.12 -7.20 4.32
N LYS A 67 6.49 -8.07 3.52
CA LYS A 67 6.43 -7.95 2.07
C LYS A 67 5.09 -7.41 1.61
N LEU A 68 5.01 -7.14 0.30
CA LEU A 68 3.83 -6.62 -0.36
C LEU A 68 3.91 -7.08 -1.82
N LYS A 69 2.75 -7.17 -2.47
CA LYS A 69 2.60 -7.54 -3.87
C LYS A 69 1.30 -6.93 -4.39
N LEU A 70 1.10 -6.94 -5.69
CA LEU A 70 -0.08 -6.37 -6.33
C LEU A 70 -1.34 -7.15 -6.00
N LYS A 71 -2.47 -6.44 -5.93
CA LYS A 71 -3.81 -6.99 -5.82
C LYS A 71 -4.67 -6.56 -7.01
N GLY A 72 -4.74 -5.26 -7.26
CA GLY A 72 -5.55 -4.72 -8.35
C GLY A 72 -5.39 -3.20 -8.39
N GLU A 73 -6.23 -2.54 -9.19
CA GLU A 73 -6.16 -1.10 -9.41
C GLU A 73 -7.48 -0.58 -9.98
N GLN A 74 -8.59 -1.14 -9.50
CA GLN A 74 -9.92 -0.73 -9.90
C GLN A 74 -10.90 -0.98 -8.76
N ASP A 75 -10.50 -0.55 -7.55
CA ASP A 75 -11.40 -0.36 -6.42
C ASP A 75 -12.07 -1.67 -6.00
N SER A 76 -11.25 -2.70 -5.74
CA SER A 76 -11.73 -4.07 -5.62
C SER A 76 -12.31 -4.36 -4.24
N ILE A 77 -11.48 -4.32 -3.19
CA ILE A 77 -11.86 -4.70 -1.83
C ILE A 77 -12.23 -6.20 -1.74
N GLU A 78 -12.51 -6.68 -0.52
CA GLU A 78 -12.94 -8.06 -0.26
C GLU A 78 -11.83 -9.07 -0.60
N GLY A 79 -12.15 -10.36 -0.52
CA GLY A 79 -11.22 -11.47 -0.69
C GLY A 79 -11.09 -11.89 -2.15
N ARG A 80 -11.36 -13.18 -2.44
CA ARG A 80 -11.23 -13.83 -3.73
C ARG A 80 -11.71 -15.27 -3.51
CU CU1 B . 4.27 -5.21 14.18
N MET A 1 -4.95 14.36 -10.37
CA MET A 1 -4.95 13.06 -11.06
C MET A 1 -4.18 12.07 -10.17
N THR A 2 -4.89 11.10 -9.60
CA THR A 2 -4.33 10.01 -8.82
C THR A 2 -5.10 8.77 -9.24
N GLU A 3 -4.61 7.57 -8.91
CA GLU A 3 -5.32 6.33 -9.09
C GLU A 3 -5.49 5.73 -7.70
N LYS A 4 -6.16 4.58 -7.68
CA LYS A 4 -6.30 3.71 -6.53
C LYS A 4 -5.68 2.40 -6.94
N ALA A 5 -4.76 1.89 -6.12
CA ALA A 5 -4.06 0.64 -6.35
C ALA A 5 -4.21 -0.20 -5.10
N GLU A 6 -4.16 -1.53 -5.24
CA GLU A 6 -4.48 -2.43 -4.16
C GLU A 6 -3.34 -3.44 -4.14
N PHE A 7 -2.77 -3.68 -2.97
CA PHE A 7 -1.62 -4.52 -2.76
C PHE A 7 -1.88 -5.51 -1.63
N ASP A 8 -1.24 -6.67 -1.74
CA ASP A 8 -1.31 -7.87 -0.93
C ASP A 8 -0.14 -7.72 0.02
N ILE A 9 -0.37 -7.80 1.33
CA ILE A 9 0.72 -7.79 2.31
C ILE A 9 0.82 -9.15 2.95
N GLU A 10 2.05 -9.60 3.25
CA GLU A 10 2.30 -10.85 3.94
C GLU A 10 2.96 -10.56 5.29
N GLY A 11 2.29 -10.90 6.38
CA GLY A 11 2.90 -11.05 7.71
C GLY A 11 2.08 -10.44 8.83
N MET A 12 2.02 -9.09 8.86
CA MET A 12 1.21 -8.30 9.78
C MET A 12 1.17 -8.84 11.21
N THR A 13 2.32 -8.85 11.88
CA THR A 13 2.45 -9.46 13.19
C THR A 13 1.76 -8.65 14.29
N CYS A 14 1.52 -7.35 14.07
CA CYS A 14 0.62 -6.59 14.92
C CYS A 14 0.05 -5.40 14.15
N ALA A 15 -1.00 -4.76 14.68
CA ALA A 15 -1.59 -3.57 14.07
C ALA A 15 -0.53 -2.49 13.81
N ALA A 16 0.48 -2.39 14.67
CA ALA A 16 1.54 -1.42 14.50
C ALA A 16 2.37 -1.70 13.23
N CYS A 17 2.48 -2.96 12.78
CA CYS A 17 3.10 -3.27 11.49
C CYS A 17 2.37 -2.50 10.40
N ALA A 18 1.07 -2.78 10.30
CA ALA A 18 0.19 -2.12 9.36
C ALA A 18 0.35 -0.59 9.44
N ASN A 19 0.22 -0.04 10.65
CA ASN A 19 0.41 1.38 10.89
C ASN A 19 1.76 1.89 10.37
N ARG A 20 2.83 1.12 10.56
CA ARG A 20 4.14 1.46 10.06
C ARG A 20 4.12 1.58 8.54
N ILE A 21 3.39 0.68 7.85
CA ILE A 21 3.23 0.77 6.40
C ILE A 21 2.68 2.15 6.06
N GLU A 22 1.60 2.57 6.74
CA GLU A 22 0.94 3.83 6.46
C GLU A 22 1.96 4.97 6.59
N LYS A 23 2.73 4.96 7.69
CA LYS A 23 3.77 5.93 7.96
C LYS A 23 4.81 5.97 6.83
N ARG A 24 5.32 4.80 6.44
CA ARG A 24 6.31 4.70 5.39
C ARG A 24 5.75 5.25 4.09
N LEU A 25 4.56 4.78 3.71
CA LEU A 25 3.95 5.18 2.47
C LEU A 25 3.71 6.70 2.48
N ASN A 26 3.29 7.26 3.61
CA ASN A 26 3.18 8.70 3.79
C ASN A 26 4.47 9.44 3.45
N LYS A 27 5.64 8.83 3.70
CA LYS A 27 6.92 9.43 3.35
C LYS A 27 7.07 9.63 1.84
N ILE A 28 6.37 8.84 1.01
CA ILE A 28 6.51 8.92 -0.43
C ILE A 28 6.05 10.29 -0.94
N GLU A 29 6.74 10.77 -1.97
CA GLU A 29 6.45 12.02 -2.63
C GLU A 29 5.42 11.74 -3.74
N GLY A 30 4.28 12.44 -3.70
CA GLY A 30 3.20 12.27 -4.68
C GLY A 30 2.32 11.07 -4.37
N VAL A 31 2.19 10.77 -3.07
CA VAL A 31 1.19 9.83 -2.55
C VAL A 31 -0.02 10.65 -2.08
N ALA A 32 -1.21 10.06 -2.14
CA ALA A 32 -2.42 10.65 -1.57
C ALA A 32 -2.72 9.98 -0.23
N ASN A 33 -2.94 8.65 -0.22
CA ASN A 33 -3.31 7.90 0.97
C ASN A 33 -2.80 6.47 0.85
N ALA A 34 -2.89 5.71 1.94
CA ALA A 34 -2.55 4.29 1.98
C ALA A 34 -2.95 3.62 3.31
N PRO A 35 -4.22 3.65 3.73
CA PRO A 35 -4.66 2.97 4.94
C PRO A 35 -4.60 1.46 4.75
N VAL A 36 -3.92 0.72 5.64
CA VAL A 36 -3.81 -0.73 5.53
C VAL A 36 -5.00 -1.41 6.23
N ASN A 37 -5.58 -2.44 5.59
CA ASN A 37 -6.77 -3.10 6.08
C ASN A 37 -6.42 -4.41 6.79
N PHE A 38 -6.38 -4.35 8.13
CA PHE A 38 -6.00 -5.45 9.01
C PHE A 38 -7.11 -6.50 9.11
N ALA A 39 -7.41 -7.17 8.00
CA ALA A 39 -8.37 -8.26 7.94
C ALA A 39 -8.13 -9.11 6.70
N LEU A 40 -8.12 -8.46 5.53
CA LEU A 40 -7.95 -9.12 4.23
C LEU A 40 -6.47 -9.33 3.93
N GLU A 41 -5.61 -8.60 4.65
CA GLU A 41 -4.16 -8.56 4.49
C GLU A 41 -3.84 -7.79 3.19
N THR A 42 -4.53 -6.65 3.02
CA THR A 42 -4.51 -5.81 1.84
C THR A 42 -4.31 -4.35 2.26
N VAL A 43 -3.66 -3.55 1.41
CA VAL A 43 -3.64 -2.09 1.51
C VAL A 43 -4.15 -1.52 0.20
N THR A 44 -5.01 -0.50 0.28
CA THR A 44 -5.44 0.30 -0.85
C THR A 44 -4.61 1.57 -0.85
N VAL A 45 -3.63 1.68 -1.75
CA VAL A 45 -2.78 2.86 -1.87
C VAL A 45 -3.38 3.78 -2.92
N GLU A 46 -3.55 5.05 -2.56
CA GLU A 46 -3.93 6.10 -3.48
C GLU A 46 -2.68 6.93 -3.75
N TYR A 47 -2.21 6.97 -5.00
CA TYR A 47 -1.02 7.71 -5.39
C TYR A 47 -1.16 8.21 -6.82
N ASN A 48 -0.18 9.00 -7.27
CA ASN A 48 -0.11 9.53 -8.62
C ASN A 48 0.94 8.76 -9.42
N PRO A 49 0.58 8.05 -10.52
CA PRO A 49 1.52 7.32 -11.34
C PRO A 49 2.33 8.25 -12.25
N LYS A 50 2.93 9.29 -11.66
CA LYS A 50 3.82 10.24 -12.31
C LYS A 50 4.80 10.83 -11.28
N GLU A 51 4.94 10.17 -10.12
CA GLU A 51 5.72 10.63 -8.98
C GLU A 51 6.34 9.40 -8.31
N ALA A 52 5.47 8.48 -7.87
CA ALA A 52 5.85 7.23 -7.25
C ALA A 52 5.42 6.07 -8.15
N SER A 53 5.89 4.86 -7.83
CA SER A 53 5.57 3.65 -8.54
C SER A 53 5.37 2.51 -7.54
N VAL A 54 4.54 1.53 -7.91
CA VAL A 54 4.28 0.35 -7.09
C VAL A 54 5.59 -0.33 -6.68
N SER A 55 6.54 -0.47 -7.60
CA SER A 55 7.85 -1.03 -7.32
C SER A 55 8.62 -0.24 -6.25
N ASP A 56 8.63 1.09 -6.37
CA ASP A 56 9.40 1.95 -5.47
C ASP A 56 8.85 1.78 -4.07
N LEU A 57 7.53 1.99 -3.94
CA LEU A 57 6.87 1.83 -2.65
C LEU A 57 7.07 0.42 -2.12
N LYS A 58 7.08 -0.60 -2.99
CA LYS A 58 7.35 -1.97 -2.58
C LYS A 58 8.57 -1.97 -1.66
N GLU A 59 9.73 -1.54 -2.16
CA GLU A 59 10.97 -1.63 -1.43
C GLU A 59 10.93 -0.78 -0.15
N ALA A 60 10.17 0.32 -0.17
CA ALA A 60 10.01 1.21 0.96
C ALA A 60 9.31 0.50 2.12
N VAL A 61 8.30 -0.32 1.80
CA VAL A 61 7.61 -1.15 2.78
C VAL A 61 8.44 -2.38 3.11
N ASP A 62 9.07 -3.01 2.11
CA ASP A 62 9.97 -4.15 2.31
C ASP A 62 11.02 -3.80 3.36
N LYS A 63 11.53 -2.56 3.30
CA LYS A 63 12.45 -2.01 4.30
C LYS A 63 12.00 -2.24 5.75
N LEU A 64 10.68 -2.29 5.99
CA LEU A 64 10.10 -2.53 7.31
C LEU A 64 10.22 -4.00 7.74
N GLY A 65 10.17 -4.95 6.80
CA GLY A 65 10.40 -6.36 7.08
C GLY A 65 9.45 -7.25 6.27
N TYR A 66 8.14 -7.06 6.48
CA TYR A 66 7.12 -7.80 5.75
C TYR A 66 7.14 -7.42 4.26
N LYS A 67 6.55 -8.27 3.42
CA LYS A 67 6.56 -8.12 1.97
C LYS A 67 5.18 -7.71 1.48
N LEU A 68 5.17 -7.14 0.27
CA LEU A 68 4.06 -6.49 -0.36
C LEU A 68 4.14 -6.85 -1.84
N LYS A 69 3.01 -7.02 -2.52
CA LYS A 69 2.91 -7.35 -3.92
C LYS A 69 1.58 -6.80 -4.44
N LEU A 70 1.36 -6.84 -5.76
CA LEU A 70 0.17 -6.31 -6.39
C LEU A 70 -1.07 -7.11 -6.01
N LYS A 71 -2.20 -6.41 -5.91
CA LYS A 71 -3.54 -6.98 -5.76
C LYS A 71 -4.46 -6.52 -6.90
N GLY A 72 -4.56 -5.22 -7.15
CA GLY A 72 -5.55 -4.69 -8.09
C GLY A 72 -5.36 -3.21 -8.39
N GLU A 73 -4.50 -2.88 -9.37
CA GLU A 73 -4.25 -1.51 -9.80
C GLU A 73 -5.36 -1.00 -10.73
N GLN A 74 -6.63 -1.11 -10.30
CA GLN A 74 -7.78 -0.68 -11.08
C GLN A 74 -9.08 -0.85 -10.28
N ASP A 75 -9.20 -0.07 -9.21
CA ASP A 75 -10.38 0.05 -8.33
C ASP A 75 -11.20 -1.25 -8.21
N SER A 76 -10.59 -2.29 -7.65
CA SER A 76 -11.16 -3.62 -7.58
C SER A 76 -11.16 -4.09 -6.13
N ILE A 77 -11.88 -3.38 -5.26
CA ILE A 77 -11.96 -3.71 -3.85
C ILE A 77 -12.64 -5.07 -3.68
N GLU A 78 -12.07 -5.94 -2.84
CA GLU A 78 -12.66 -7.22 -2.51
C GLU A 78 -13.99 -7.00 -1.76
N GLY A 79 -15.12 -6.98 -2.49
CA GLY A 79 -16.42 -6.73 -1.90
C GLY A 79 -17.59 -7.31 -2.70
N ARG A 80 -17.98 -6.64 -3.80
CA ARG A 80 -19.22 -6.90 -4.52
C ARG A 80 -18.90 -7.16 -6.00
CU CU1 B . 4.01 -5.53 14.35
N MET A 1 -9.52 12.47 -8.86
CA MET A 1 -9.06 11.17 -8.30
C MET A 1 -7.66 10.95 -8.86
N THR A 2 -6.81 10.19 -8.18
CA THR A 2 -5.46 9.90 -8.69
C THR A 2 -5.49 8.53 -9.37
N GLU A 3 -4.65 7.55 -8.95
CA GLU A 3 -4.80 6.16 -9.31
C GLU A 3 -4.89 5.39 -7.99
N LYS A 4 -5.77 4.39 -8.01
CA LYS A 4 -5.96 3.42 -6.94
C LYS A 4 -5.04 2.24 -7.23
N ALA A 5 -4.54 1.56 -6.19
CA ALA A 5 -3.69 0.39 -6.36
C ALA A 5 -3.79 -0.46 -5.10
N GLU A 6 -4.01 -1.78 -5.22
CA GLU A 6 -4.27 -2.62 -4.07
C GLU A 6 -3.13 -3.62 -4.03
N PHE A 7 -2.55 -3.82 -2.84
CA PHE A 7 -1.46 -4.73 -2.61
C PHE A 7 -1.80 -5.65 -1.45
N ASP A 8 -1.22 -6.85 -1.49
CA ASP A 8 -1.39 -7.92 -0.50
C ASP A 8 -0.14 -7.87 0.37
N ILE A 9 -0.30 -7.88 1.69
CA ILE A 9 0.81 -7.76 2.63
C ILE A 9 0.93 -8.98 3.55
N GLU A 10 2.09 -9.64 3.54
CA GLU A 10 2.38 -10.81 4.37
C GLU A 10 3.35 -10.44 5.50
N GLY A 11 2.93 -10.65 6.75
CA GLY A 11 3.79 -10.64 7.93
C GLY A 11 3.42 -9.56 8.95
N MET A 12 2.60 -8.58 8.58
CA MET A 12 2.19 -7.51 9.45
C MET A 12 1.10 -7.99 10.42
N THR A 13 1.43 -8.91 11.32
CA THR A 13 0.46 -9.54 12.20
C THR A 13 0.14 -8.63 13.40
N CYS A 14 0.32 -7.31 13.23
CA CYS A 14 0.17 -6.34 14.30
C CYS A 14 -0.46 -5.07 13.71
N ALA A 15 -1.38 -4.44 14.45
CA ALA A 15 -1.92 -3.15 14.03
C ALA A 15 -0.79 -2.13 13.84
N ALA A 16 0.16 -2.13 14.79
CA ALA A 16 1.34 -1.25 14.75
C ALA A 16 2.21 -1.52 13.52
N CYS A 17 2.37 -2.80 13.15
CA CYS A 17 3.08 -3.22 11.95
C CYS A 17 2.44 -2.52 10.77
N ALA A 18 1.12 -2.72 10.61
CA ALA A 18 0.37 -2.11 9.54
C ALA A 18 0.56 -0.58 9.54
N ASN A 19 0.35 0.05 10.70
CA ASN A 19 0.51 1.49 10.88
C ASN A 19 1.89 1.97 10.39
N ARG A 20 2.95 1.19 10.66
CA ARG A 20 4.29 1.48 10.17
C ARG A 20 4.29 1.58 8.64
N ILE A 21 3.56 0.67 7.99
CA ILE A 21 3.44 0.68 6.53
C ILE A 21 2.78 2.00 6.11
N GLU A 22 1.69 2.39 6.76
CA GLU A 22 1.04 3.67 6.47
C GLU A 22 2.06 4.80 6.58
N LYS A 23 2.83 4.81 7.67
CA LYS A 23 3.87 5.80 7.93
C LYS A 23 4.86 5.87 6.75
N ARG A 24 5.46 4.73 6.37
CA ARG A 24 6.39 4.67 5.25
C ARG A 24 5.72 5.13 3.95
N LEU A 25 4.51 4.64 3.66
CA LEU A 25 3.79 5.00 2.45
C LEU A 25 3.54 6.51 2.41
N ASN A 26 3.08 7.09 3.52
CA ASN A 26 2.90 8.52 3.67
C ASN A 26 4.20 9.28 3.38
N LYS A 27 5.33 8.69 3.76
CA LYS A 27 6.65 9.25 3.51
C LYS A 27 7.00 9.30 2.01
N ILE A 28 6.29 8.56 1.14
CA ILE A 28 6.48 8.65 -0.31
C ILE A 28 5.93 9.99 -0.80
N GLU A 29 6.61 10.59 -1.78
CA GLU A 29 6.22 11.86 -2.35
C GLU A 29 5.16 11.65 -3.43
N GLY A 30 4.08 12.42 -3.38
CA GLY A 30 3.00 12.36 -4.37
C GLY A 30 2.04 11.19 -4.10
N VAL A 31 1.96 10.77 -2.83
CA VAL A 31 0.99 9.81 -2.36
C VAL A 31 -0.26 10.56 -1.90
N ALA A 32 -1.46 10.02 -2.16
CA ALA A 32 -2.70 10.64 -1.70
C ALA A 32 -3.12 10.01 -0.38
N ASN A 33 -3.33 8.70 -0.32
CA ASN A 33 -3.70 8.02 0.92
C ASN A 33 -3.57 6.50 0.75
N ALA A 34 -2.94 5.85 1.72
CA ALA A 34 -2.52 4.47 1.65
C ALA A 34 -2.71 3.72 2.98
N PRO A 35 -3.93 3.70 3.52
CA PRO A 35 -4.20 3.02 4.78
C PRO A 35 -4.29 1.50 4.56
N VAL A 36 -3.48 0.73 5.30
CA VAL A 36 -3.51 -0.73 5.26
C VAL A 36 -4.57 -1.28 6.22
N ASN A 37 -5.18 -2.41 5.86
CA ASN A 37 -6.28 -3.01 6.60
C ASN A 37 -5.89 -4.34 7.24
N PHE A 38 -5.82 -4.36 8.58
CA PHE A 38 -5.50 -5.53 9.39
C PHE A 38 -6.71 -6.47 9.49
N ALA A 39 -7.12 -7.03 8.35
CA ALA A 39 -8.20 -8.02 8.27
C ALA A 39 -8.19 -8.75 6.93
N LEU A 40 -8.15 -8.00 5.82
CA LEU A 40 -8.11 -8.55 4.46
C LEU A 40 -6.66 -8.64 3.99
N GLU A 41 -5.73 -8.32 4.89
CA GLU A 41 -4.28 -8.35 4.70
C GLU A 41 -3.87 -7.65 3.41
N THR A 42 -4.56 -6.54 3.16
CA THR A 42 -4.49 -5.75 1.94
C THR A 42 -4.31 -4.28 2.32
N VAL A 43 -3.64 -3.51 1.44
CA VAL A 43 -3.61 -2.06 1.49
C VAL A 43 -4.15 -1.48 0.19
N THR A 44 -4.91 -0.40 0.30
CA THR A 44 -5.53 0.35 -0.79
C THR A 44 -4.75 1.67 -0.92
N VAL A 45 -3.73 1.71 -1.77
CA VAL A 45 -2.94 2.90 -1.99
C VAL A 45 -3.62 3.75 -3.06
N GLU A 46 -3.82 5.03 -2.76
CA GLU A 46 -4.17 6.03 -3.75
C GLU A 46 -2.98 6.98 -3.90
N TYR A 47 -2.49 7.16 -5.12
CA TYR A 47 -1.37 8.04 -5.45
C TYR A 47 -1.42 8.40 -6.92
N ASN A 48 -0.53 9.27 -7.39
CA ASN A 48 -0.52 9.72 -8.78
C ASN A 48 0.68 9.12 -9.53
N PRO A 49 0.49 8.44 -10.67
CA PRO A 49 1.55 7.76 -11.41
C PRO A 49 2.42 8.74 -12.21
N LYS A 50 2.94 9.77 -11.54
CA LYS A 50 3.85 10.74 -12.14
C LYS A 50 4.71 11.39 -11.05
N GLU A 51 4.89 10.70 -9.92
CA GLU A 51 5.67 11.16 -8.78
C GLU A 51 6.40 9.93 -8.23
N ALA A 52 5.62 8.96 -7.74
CA ALA A 52 6.08 7.70 -7.21
C ALA A 52 5.65 6.57 -8.13
N SER A 53 6.08 5.34 -7.80
CA SER A 53 5.73 4.13 -8.50
C SER A 53 5.50 3.00 -7.51
N VAL A 54 4.57 2.10 -7.87
CA VAL A 54 4.25 0.91 -7.10
C VAL A 54 5.52 0.16 -6.69
N SER A 55 6.44 -0.06 -7.63
CA SER A 55 7.66 -0.81 -7.36
C SER A 55 8.57 -0.13 -6.33
N ASP A 56 8.59 1.21 -6.27
CA ASP A 56 9.42 1.91 -5.30
C ASP A 56 8.84 1.69 -3.91
N LEU A 57 7.55 2.00 -3.76
CA LEU A 57 6.88 1.85 -2.49
C LEU A 57 6.92 0.38 -2.04
N LYS A 58 6.87 -0.56 -2.99
CA LYS A 58 7.00 -1.98 -2.72
C LYS A 58 8.28 -2.19 -1.92
N GLU A 59 9.41 -1.72 -2.48
CA GLU A 59 10.72 -1.86 -1.86
C GLU A 59 10.73 -1.18 -0.47
N ALA A 60 10.10 0.00 -0.36
CA ALA A 60 9.97 0.75 0.88
C ALA A 60 9.21 -0.05 1.95
N VAL A 61 8.17 -0.79 1.56
CA VAL A 61 7.47 -1.69 2.48
C VAL A 61 8.36 -2.88 2.80
N ASP A 62 8.96 -3.51 1.80
CA ASP A 62 9.88 -4.63 1.98
C ASP A 62 10.96 -4.25 3.01
N LYS A 63 11.47 -3.02 2.92
CA LYS A 63 12.43 -2.46 3.86
C LYS A 63 12.01 -2.58 5.33
N LEU A 64 10.70 -2.59 5.63
CA LEU A 64 10.20 -2.75 6.99
C LEU A 64 10.30 -4.21 7.47
N GLY A 65 10.35 -5.19 6.57
CA GLY A 65 10.58 -6.59 6.90
C GLY A 65 9.53 -7.50 6.27
N TYR A 66 8.25 -7.22 6.53
CA TYR A 66 7.15 -7.95 5.92
C TYR A 66 7.12 -7.73 4.40
N LYS A 67 6.54 -8.68 3.68
CA LYS A 67 6.55 -8.69 2.21
C LYS A 67 5.21 -8.18 1.69
N LEU A 68 5.24 -7.74 0.43
CA LEU A 68 4.12 -7.12 -0.25
C LEU A 68 4.18 -7.57 -1.70
N LYS A 69 3.02 -7.63 -2.35
CA LYS A 69 2.86 -7.91 -3.77
C LYS A 69 1.63 -7.17 -4.28
N LEU A 70 1.58 -6.98 -5.60
CA LEU A 70 0.43 -6.39 -6.27
C LEU A 70 -0.79 -7.27 -6.12
N LYS A 71 -1.95 -6.62 -6.06
CA LYS A 71 -3.25 -7.26 -6.01
C LYS A 71 -4.15 -6.70 -7.13
N GLY A 72 -4.32 -5.39 -7.21
CA GLY A 72 -5.09 -4.80 -8.32
C GLY A 72 -5.47 -3.35 -8.08
N GLU A 73 -6.77 -3.03 -8.18
CA GLU A 73 -7.40 -1.71 -8.11
C GLU A 73 -7.07 -0.74 -9.25
N GLN A 74 -5.91 -0.88 -9.89
CA GLN A 74 -5.43 0.05 -10.92
C GLN A 74 -6.39 0.06 -12.13
N ASP A 75 -7.47 0.83 -11.99
CA ASP A 75 -8.63 0.92 -12.85
C ASP A 75 -9.39 2.15 -12.38
N SER A 76 -9.53 3.11 -13.29
CA SER A 76 -10.40 4.26 -13.15
C SER A 76 -11.43 4.30 -14.28
N ILE A 77 -12.06 3.17 -14.61
CA ILE A 77 -13.11 3.05 -15.60
C ILE A 77 -14.27 2.27 -14.99
N GLU A 78 -15.02 2.94 -14.11
CA GLU A 78 -16.15 2.39 -13.34
C GLU A 78 -17.00 1.43 -14.18
N GLY A 79 -17.52 1.91 -15.32
CA GLY A 79 -18.22 1.11 -16.31
C GLY A 79 -19.22 0.14 -15.68
N ARG A 80 -19.09 -1.15 -16.01
CA ARG A 80 -19.85 -2.25 -15.46
C ARG A 80 -19.21 -3.50 -16.07
CU CU1 B . 3.62 -7.75 12.99
N MET A 1 -5.79 13.92 -10.10
CA MET A 1 -6.47 12.76 -10.70
C MET A 1 -6.18 11.49 -9.89
N THR A 2 -4.90 11.15 -9.70
CA THR A 2 -4.46 9.94 -9.02
C THR A 2 -5.02 8.67 -9.69
N GLU A 3 -4.71 7.50 -9.15
CA GLU A 3 -5.38 6.25 -9.42
C GLU A 3 -5.58 5.58 -8.06
N LYS A 4 -6.28 4.46 -8.08
CA LYS A 4 -6.49 3.58 -6.94
C LYS A 4 -5.72 2.29 -7.21
N ALA A 5 -4.96 1.78 -6.24
CA ALA A 5 -4.20 0.56 -6.40
C ALA A 5 -4.34 -0.28 -5.14
N GLU A 6 -4.27 -1.61 -5.25
CA GLU A 6 -4.44 -2.50 -4.12
C GLU A 6 -3.21 -3.38 -4.07
N PHE A 7 -2.59 -3.54 -2.89
CA PHE A 7 -1.43 -4.39 -2.70
C PHE A 7 -1.70 -5.34 -1.55
N ASP A 8 -1.18 -6.56 -1.70
CA ASP A 8 -1.36 -7.69 -0.80
C ASP A 8 -0.12 -7.72 0.07
N ILE A 9 -0.28 -7.79 1.39
CA ILE A 9 0.83 -7.74 2.32
C ILE A 9 0.89 -9.07 3.08
N GLU A 10 2.10 -9.59 3.29
CA GLU A 10 2.33 -10.70 4.21
C GLU A 10 3.33 -10.31 5.27
N GLY A 11 2.89 -10.47 6.51
CA GLY A 11 3.70 -10.51 7.73
C GLY A 11 3.21 -9.55 8.81
N MET A 12 2.12 -8.81 8.58
CA MET A 12 1.66 -7.84 9.55
C MET A 12 0.77 -8.50 10.61
N THR A 13 1.40 -9.27 11.48
CA THR A 13 0.71 -9.96 12.55
C THR A 13 0.20 -8.96 13.59
N CYS A 14 0.83 -7.78 13.67
CA CYS A 14 0.50 -6.74 14.63
C CYS A 14 -0.03 -5.49 13.93
N ALA A 15 -0.97 -4.78 14.58
CA ALA A 15 -1.49 -3.53 14.04
C ALA A 15 -0.37 -2.50 13.88
N ALA A 16 0.67 -2.57 14.73
CA ALA A 16 1.84 -1.73 14.61
C ALA A 16 2.48 -1.87 13.22
N CYS A 17 2.66 -3.11 12.77
CA CYS A 17 3.21 -3.44 11.46
C CYS A 17 2.37 -2.78 10.37
N ALA A 18 1.05 -2.91 10.47
CA ALA A 18 0.14 -2.24 9.55
C ALA A 18 0.34 -0.72 9.59
N ASN A 19 0.24 -0.09 10.76
CA ASN A 19 0.41 1.36 10.89
C ASN A 19 1.76 1.81 10.33
N ARG A 20 2.81 1.00 10.48
CA ARG A 20 4.12 1.26 9.96
C ARG A 20 4.09 1.36 8.43
N ILE A 21 3.23 0.58 7.77
CA ILE A 21 3.00 0.71 6.32
C ILE A 21 2.65 2.16 6.03
N GLU A 22 1.54 2.65 6.59
CA GLU A 22 1.07 4.00 6.31
C GLU A 22 2.15 5.02 6.59
N LYS A 23 2.80 4.89 7.74
CA LYS A 23 3.89 5.75 8.13
C LYS A 23 4.94 5.84 7.01
N ARG A 24 5.36 4.70 6.46
CA ARG A 24 6.31 4.69 5.34
C ARG A 24 5.68 5.24 4.06
N LEU A 25 4.48 4.78 3.68
CA LEU A 25 3.85 5.25 2.45
C LEU A 25 3.71 6.78 2.45
N ASN A 26 3.23 7.36 3.55
CA ASN A 26 3.17 8.80 3.76
C ASN A 26 4.53 9.44 3.56
N LYS A 27 5.60 8.75 3.99
CA LYS A 27 6.96 9.23 3.82
C LYS A 27 7.35 9.33 2.34
N ILE A 28 6.76 8.52 1.45
CA ILE A 28 7.07 8.56 0.03
C ILE A 28 6.42 9.80 -0.59
N GLU A 29 7.19 10.47 -1.44
CA GLU A 29 6.77 11.64 -2.18
C GLU A 29 6.01 11.17 -3.43
N GLY A 30 4.70 11.47 -3.51
CA GLY A 30 3.86 11.12 -4.66
C GLY A 30 2.65 10.25 -4.29
N VAL A 31 2.60 9.75 -3.05
CA VAL A 31 1.43 9.04 -2.53
C VAL A 31 0.45 10.07 -1.96
N ALA A 32 -0.85 9.92 -2.25
CA ALA A 32 -1.87 10.83 -1.75
C ALA A 32 -2.42 10.29 -0.43
N ASN A 33 -2.84 9.02 -0.42
CA ASN A 33 -3.36 8.36 0.77
C ASN A 33 -3.25 6.86 0.59
N ALA A 34 -3.41 6.10 1.67
CA ALA A 34 -3.09 4.69 1.75
C ALA A 34 -3.60 4.01 3.02
N PRO A 35 -4.92 4.04 3.29
CA PRO A 35 -5.48 3.36 4.45
C PRO A 35 -5.22 1.84 4.36
N VAL A 36 -4.46 1.29 5.30
CA VAL A 36 -4.20 -0.14 5.36
C VAL A 36 -5.36 -0.88 6.03
N ASN A 37 -5.66 -2.12 5.59
CA ASN A 37 -6.72 -2.92 6.17
C ASN A 37 -6.16 -4.11 6.95
N PHE A 38 -6.58 -4.22 8.22
CA PHE A 38 -6.09 -5.22 9.15
C PHE A 38 -7.11 -6.36 9.28
N ALA A 39 -7.31 -7.08 8.18
CA ALA A 39 -8.20 -8.24 8.12
C ALA A 39 -7.86 -9.10 6.90
N LEU A 40 -7.82 -8.49 5.71
CA LEU A 40 -7.47 -9.17 4.47
C LEU A 40 -5.96 -9.24 4.29
N GLU A 41 -5.24 -8.37 5.02
CA GLU A 41 -3.81 -8.16 4.91
C GLU A 41 -3.53 -7.52 3.56
N THR A 42 -4.15 -6.36 3.35
CA THR A 42 -4.08 -5.63 2.10
C THR A 42 -4.07 -4.13 2.42
N VAL A 43 -3.44 -3.34 1.55
CA VAL A 43 -3.50 -1.89 1.59
C VAL A 43 -4.10 -1.40 0.28
N THR A 44 -4.95 -0.38 0.36
CA THR A 44 -5.50 0.31 -0.81
C THR A 44 -4.79 1.65 -0.90
N VAL A 45 -3.86 1.81 -1.83
CA VAL A 45 -3.08 3.02 -2.00
C VAL A 45 -3.70 3.87 -3.10
N GLU A 46 -3.96 5.14 -2.78
CA GLU A 46 -4.27 6.16 -3.76
C GLU A 46 -3.03 7.03 -3.93
N TYR A 47 -2.40 6.92 -5.11
CA TYR A 47 -1.23 7.69 -5.50
C TYR A 47 -1.42 8.11 -6.96
N ASN A 48 -0.46 8.85 -7.51
CA ASN A 48 -0.50 9.28 -8.90
C ASN A 48 0.68 8.65 -9.64
N PRO A 49 0.46 7.89 -10.73
CA PRO A 49 1.51 7.23 -11.49
C PRO A 49 2.25 8.24 -12.40
N LYS A 50 2.76 9.30 -11.79
CA LYS A 50 3.57 10.33 -12.42
C LYS A 50 4.59 10.87 -11.38
N GLU A 51 4.62 10.32 -10.16
CA GLU A 51 5.40 10.83 -9.06
C GLU A 51 6.00 9.66 -8.27
N ALA A 52 5.13 8.76 -7.79
CA ALA A 52 5.52 7.53 -7.10
C ALA A 52 5.13 6.34 -7.98
N SER A 53 5.66 5.16 -7.66
CA SER A 53 5.40 3.91 -8.38
C SER A 53 5.24 2.77 -7.37
N VAL A 54 4.42 1.78 -7.73
CA VAL A 54 4.19 0.59 -6.92
C VAL A 54 5.50 -0.10 -6.53
N SER A 55 6.43 -0.16 -7.48
CA SER A 55 7.78 -0.68 -7.32
C SER A 55 8.54 0.04 -6.20
N ASP A 56 8.45 1.38 -6.16
CA ASP A 56 9.24 2.19 -5.24
C ASP A 56 8.75 1.90 -3.82
N LEU A 57 7.45 2.12 -3.62
CA LEU A 57 6.79 1.85 -2.36
C LEU A 57 6.98 0.41 -1.92
N LYS A 58 7.06 -0.53 -2.88
CA LYS A 58 7.44 -1.91 -2.56
C LYS A 58 8.70 -1.89 -1.68
N GLU A 59 9.78 -1.29 -2.16
CA GLU A 59 11.06 -1.28 -1.46
C GLU A 59 10.90 -0.63 -0.07
N ALA A 60 10.08 0.42 0.01
CA ALA A 60 9.83 1.17 1.23
C ALA A 60 9.18 0.29 2.31
N VAL A 61 8.18 -0.51 1.96
CA VAL A 61 7.60 -1.44 2.92
C VAL A 61 8.55 -2.61 3.17
N ASP A 62 9.14 -3.17 2.12
CA ASP A 62 10.10 -4.25 2.22
C ASP A 62 11.20 -3.89 3.22
N LYS A 63 11.64 -2.62 3.19
CA LYS A 63 12.55 -2.02 4.17
C LYS A 63 12.24 -2.43 5.61
N LEU A 64 10.95 -2.50 5.96
CA LEU A 64 10.47 -2.78 7.31
C LEU A 64 10.51 -4.28 7.65
N GLY A 65 10.57 -5.16 6.65
CA GLY A 65 10.83 -6.59 6.83
C GLY A 65 9.80 -7.44 6.11
N TYR A 66 8.51 -7.21 6.42
CA TYR A 66 7.40 -7.90 5.77
C TYR A 66 7.39 -7.63 4.26
N LYS A 67 6.64 -8.43 3.50
CA LYS A 67 6.62 -8.32 2.04
C LYS A 67 5.25 -7.84 1.58
N LEU A 68 5.22 -7.24 0.39
CA LEU A 68 4.06 -6.66 -0.26
C LEU A 68 4.19 -7.05 -1.74
N LYS A 69 3.05 -7.16 -2.42
CA LYS A 69 2.95 -7.47 -3.83
C LYS A 69 1.72 -6.75 -4.37
N LEU A 70 1.68 -6.53 -5.68
CA LEU A 70 0.52 -5.91 -6.33
C LEU A 70 -0.67 -6.86 -6.29
N LYS A 71 -1.86 -6.27 -6.22
CA LYS A 71 -3.14 -6.94 -6.25
C LYS A 71 -4.05 -6.28 -7.29
N GLY A 72 -5.31 -5.99 -6.97
CA GLY A 72 -6.30 -5.55 -7.93
C GLY A 72 -6.42 -4.02 -7.99
N GLU A 73 -7.63 -3.55 -8.28
CA GLU A 73 -7.98 -2.15 -8.44
C GLU A 73 -7.39 -1.61 -9.74
N GLN A 74 -6.57 -0.54 -9.71
CA GLN A 74 -5.92 0.07 -10.89
C GLN A 74 -6.86 0.13 -12.09
N ASP A 75 -7.92 0.93 -11.95
CA ASP A 75 -8.95 1.22 -12.94
C ASP A 75 -9.35 -0.04 -13.73
N SER A 76 -9.73 -1.10 -13.00
CA SER A 76 -10.21 -2.35 -13.56
C SER A 76 -11.49 -2.77 -12.84
N ILE A 77 -11.44 -2.90 -11.51
CA ILE A 77 -12.54 -3.36 -10.66
C ILE A 77 -12.80 -4.85 -10.94
N GLU A 78 -12.06 -5.71 -10.25
CA GLU A 78 -12.11 -7.17 -10.39
C GLU A 78 -11.77 -7.78 -9.03
N GLY A 79 -11.93 -9.11 -8.90
CA GLY A 79 -11.99 -9.78 -7.60
C GLY A 79 -10.73 -10.58 -7.26
N ARG A 80 -10.47 -11.64 -8.02
CA ARG A 80 -9.39 -12.60 -7.82
C ARG A 80 -9.16 -13.22 -9.20
CU CU1 B . 3.79 -7.73 13.18
N MET A 1 -4.67 10.64 -13.29
CA MET A 1 -4.53 11.79 -12.36
C MET A 1 -4.89 11.30 -10.96
N THR A 2 -3.92 10.68 -10.29
CA THR A 2 -4.13 9.80 -9.14
C THR A 2 -4.94 8.56 -9.54
N GLU A 3 -4.77 7.45 -8.82
CA GLU A 3 -5.49 6.21 -9.03
C GLU A 3 -5.36 5.38 -7.76
N LYS A 4 -6.24 4.38 -7.67
CA LYS A 4 -6.33 3.41 -6.61
C LYS A 4 -5.58 2.16 -7.03
N ALA A 5 -4.58 1.79 -6.23
CA ALA A 5 -3.78 0.60 -6.38
C ALA A 5 -3.95 -0.22 -5.11
N GLU A 6 -4.00 -1.55 -5.21
CA GLU A 6 -4.27 -2.40 -4.07
C GLU A 6 -3.15 -3.41 -4.05
N PHE A 7 -2.62 -3.66 -2.85
CA PHE A 7 -1.51 -4.54 -2.61
C PHE A 7 -1.82 -5.46 -1.46
N ASP A 8 -1.27 -6.67 -1.57
CA ASP A 8 -1.43 -7.80 -0.69
C ASP A 8 -0.16 -7.80 0.14
N ILE A 9 -0.30 -7.90 1.46
CA ILE A 9 0.84 -7.90 2.39
C ILE A 9 0.89 -9.24 3.09
N GLU A 10 2.10 -9.74 3.35
CA GLU A 10 2.32 -10.94 4.16
C GLU A 10 3.10 -10.58 5.41
N GLY A 11 2.51 -10.87 6.57
CA GLY A 11 3.19 -10.98 7.85
C GLY A 11 2.34 -10.37 8.96
N MET A 12 2.16 -9.05 8.89
CA MET A 12 1.38 -8.20 9.79
C MET A 12 1.22 -8.76 11.20
N THR A 13 2.34 -8.90 11.91
CA THR A 13 2.41 -9.57 13.19
C THR A 13 1.78 -8.71 14.29
N CYS A 14 1.67 -7.40 14.05
CA CYS A 14 1.15 -6.46 15.01
C CYS A 14 0.43 -5.34 14.26
N ALA A 15 -0.60 -4.75 14.88
CA ALA A 15 -1.32 -3.63 14.28
C ALA A 15 -0.35 -2.50 13.91
N ALA A 16 0.68 -2.32 14.74
CA ALA A 16 1.79 -1.42 14.46
C ALA A 16 2.42 -1.68 13.10
N CYS A 17 2.61 -2.95 12.71
CA CYS A 17 3.18 -3.33 11.43
C CYS A 17 2.34 -2.76 10.30
N ALA A 18 1.03 -2.95 10.40
CA ALA A 18 0.10 -2.36 9.44
C ALA A 18 0.22 -0.85 9.45
N ASN A 19 0.11 -0.21 10.63
CA ASN A 19 0.17 1.24 10.71
C ASN A 19 1.49 1.79 10.14
N ARG A 20 2.57 1.01 10.22
CA ARG A 20 3.86 1.31 9.65
C ARG A 20 3.80 1.39 8.12
N ILE A 21 2.94 0.58 7.49
CA ILE A 21 2.71 0.63 6.04
C ILE A 21 2.37 2.06 5.67
N GLU A 22 1.32 2.61 6.27
CA GLU A 22 0.86 3.95 5.99
C GLU A 22 1.96 4.97 6.27
N LYS A 23 2.62 4.81 7.42
CA LYS A 23 3.66 5.71 7.90
C LYS A 23 4.81 5.79 6.89
N ARG A 24 5.24 4.67 6.33
CA ARG A 24 6.23 4.68 5.26
C ARG A 24 5.63 5.22 3.97
N LEU A 25 4.48 4.71 3.53
CA LEU A 25 3.88 5.16 2.27
C LEU A 25 3.75 6.68 2.21
N ASN A 26 3.25 7.29 3.27
CA ASN A 26 3.12 8.74 3.40
C ASN A 26 4.47 9.45 3.18
N LYS A 27 5.56 8.81 3.59
CA LYS A 27 6.90 9.36 3.41
C LYS A 27 7.29 9.45 1.93
N ILE A 28 6.63 8.71 1.03
CA ILE A 28 6.93 8.77 -0.39
C ILE A 28 6.19 9.97 -1.00
N GLU A 29 6.95 10.80 -1.70
CA GLU A 29 6.46 11.99 -2.36
C GLU A 29 5.53 11.57 -3.51
N GLY A 30 4.28 12.04 -3.49
CA GLY A 30 3.29 11.76 -4.53
C GLY A 30 2.14 10.88 -4.02
N VAL A 31 2.30 10.19 -2.90
CA VAL A 31 1.21 9.38 -2.35
C VAL A 31 0.14 10.31 -1.78
N ALA A 32 -1.11 10.11 -2.19
CA ALA A 32 -2.24 10.90 -1.73
C ALA A 32 -2.82 10.29 -0.45
N ASN A 33 -3.10 8.99 -0.47
CA ASN A 33 -3.69 8.28 0.68
C ASN A 33 -3.14 6.87 0.68
N ALA A 34 -3.32 6.13 1.78
CA ALA A 34 -2.98 4.72 1.84
C ALA A 34 -3.59 3.97 3.03
N PRO A 35 -4.92 3.96 3.20
CA PRO A 35 -5.53 3.22 4.30
C PRO A 35 -5.24 1.70 4.21
N VAL A 36 -4.62 1.13 5.26
CA VAL A 36 -4.41 -0.31 5.39
C VAL A 36 -5.56 -0.99 6.14
N ASN A 37 -5.78 -2.29 5.89
CA ASN A 37 -6.84 -3.05 6.54
C ASN A 37 -6.29 -4.33 7.20
N PHE A 38 -6.58 -4.50 8.49
CA PHE A 38 -6.12 -5.63 9.30
C PHE A 38 -7.20 -6.71 9.34
N ALA A 39 -7.51 -7.28 8.18
CA ALA A 39 -8.42 -8.43 8.07
C ALA A 39 -8.12 -9.24 6.82
N LEU A 40 -8.05 -8.58 5.67
CA LEU A 40 -7.78 -9.22 4.38
C LEU A 40 -6.28 -9.39 4.17
N GLU A 41 -5.49 -8.59 4.90
CA GLU A 41 -4.04 -8.48 4.76
C GLU A 41 -3.73 -7.76 3.44
N THR A 42 -4.37 -6.58 3.29
CA THR A 42 -4.34 -5.73 2.11
C THR A 42 -4.20 -4.26 2.52
N VAL A 43 -3.56 -3.47 1.65
CA VAL A 43 -3.58 -2.01 1.67
C VAL A 43 -4.11 -1.51 0.33
N THR A 44 -4.90 -0.43 0.35
CA THR A 44 -5.21 0.37 -0.82
C THR A 44 -4.32 1.60 -0.75
N VAL A 45 -3.47 1.81 -1.75
CA VAL A 45 -2.70 3.04 -1.89
C VAL A 45 -3.36 3.89 -2.96
N GLU A 46 -3.52 5.18 -2.65
CA GLU A 46 -3.99 6.16 -3.61
C GLU A 46 -2.80 7.09 -3.91
N TYR A 47 -2.31 7.06 -5.15
CA TYR A 47 -1.16 7.84 -5.58
C TYR A 47 -1.27 8.11 -7.08
N ASN A 48 -0.32 8.87 -7.63
CA ASN A 48 -0.19 9.18 -9.03
C ASN A 48 1.11 8.59 -9.59
N PRO A 49 1.07 7.81 -10.68
CA PRO A 49 2.25 7.21 -11.29
C PRO A 49 3.06 8.28 -12.02
N LYS A 50 3.72 9.14 -11.26
CA LYS A 50 4.63 10.16 -11.75
C LYS A 50 5.80 10.27 -10.79
N GLU A 51 5.53 10.59 -9.51
CA GLU A 51 6.55 10.85 -8.51
C GLU A 51 6.73 9.66 -7.55
N ALA A 52 5.73 8.77 -7.49
CA ALA A 52 5.77 7.50 -6.79
C ALA A 52 5.30 6.43 -7.75
N SER A 53 5.74 5.19 -7.57
CA SER A 53 5.35 4.04 -8.38
C SER A 53 5.20 2.83 -7.46
N VAL A 54 4.35 1.87 -7.86
CA VAL A 54 4.16 0.63 -7.14
C VAL A 54 5.49 -0.04 -6.77
N SER A 55 6.43 -0.09 -7.72
CA SER A 55 7.76 -0.66 -7.48
C SER A 55 8.49 0.08 -6.35
N ASP A 56 8.35 1.40 -6.31
CA ASP A 56 9.15 2.26 -5.44
C ASP A 56 8.68 2.03 -4.01
N LEU A 57 7.37 2.21 -3.82
CA LEU A 57 6.72 1.92 -2.56
C LEU A 57 6.96 0.48 -2.14
N LYS A 58 7.01 -0.47 -3.09
CA LYS A 58 7.36 -1.84 -2.79
C LYS A 58 8.64 -1.86 -1.96
N GLU A 59 9.71 -1.22 -2.44
CA GLU A 59 10.97 -1.20 -1.70
C GLU A 59 10.76 -0.61 -0.30
N ALA A 60 9.99 0.47 -0.23
CA ALA A 60 9.76 1.22 1.00
C ALA A 60 9.07 0.36 2.06
N VAL A 61 8.04 -0.41 1.69
CA VAL A 61 7.42 -1.33 2.62
C VAL A 61 8.33 -2.51 2.91
N ASP A 62 8.97 -3.08 1.88
CA ASP A 62 9.92 -4.16 2.06
C ASP A 62 10.98 -3.76 3.10
N LYS A 63 11.42 -2.50 3.06
CA LYS A 63 12.32 -1.89 4.03
C LYS A 63 11.91 -2.15 5.50
N LEU A 64 10.61 -2.35 5.78
CA LEU A 64 10.09 -2.62 7.10
C LEU A 64 10.29 -4.09 7.51
N GLY A 65 10.40 -5.02 6.57
CA GLY A 65 10.72 -6.43 6.83
C GLY A 65 9.72 -7.39 6.17
N TYR A 66 8.43 -7.12 6.36
CA TYR A 66 7.37 -7.89 5.70
C TYR A 66 7.42 -7.69 4.19
N LYS A 67 6.67 -8.50 3.43
CA LYS A 67 6.62 -8.38 1.98
C LYS A 67 5.23 -7.96 1.53
N LEU A 68 5.17 -7.34 0.35
CA LEU A 68 4.02 -6.73 -0.27
C LEU A 68 4.08 -7.11 -1.74
N LYS A 69 2.94 -7.21 -2.40
CA LYS A 69 2.79 -7.55 -3.81
C LYS A 69 1.52 -6.89 -4.34
N LEU A 70 1.38 -6.85 -5.66
CA LEU A 70 0.20 -6.31 -6.32
C LEU A 70 -1.05 -7.12 -6.02
N LYS A 71 -2.19 -6.43 -5.99
CA LYS A 71 -3.52 -7.00 -5.86
C LYS A 71 -4.48 -6.41 -6.89
N GLY A 72 -4.59 -5.08 -6.96
CA GLY A 72 -5.35 -4.36 -7.97
C GLY A 72 -6.84 -4.17 -7.62
N GLU A 73 -7.23 -2.94 -7.25
CA GLU A 73 -8.58 -2.57 -6.86
C GLU A 73 -9.33 -1.92 -8.04
N GLN A 74 -8.87 -0.74 -8.48
CA GLN A 74 -9.49 0.07 -9.53
C GLN A 74 -11.02 0.20 -9.39
N ASP A 75 -11.49 0.51 -8.19
CA ASP A 75 -12.91 0.67 -7.83
C ASP A 75 -13.01 1.03 -6.34
N SER A 76 -12.93 0.04 -5.46
CA SER A 76 -13.06 0.21 -4.01
C SER A 76 -12.62 -1.06 -3.26
N ILE A 77 -13.13 -2.23 -3.69
CA ILE A 77 -12.91 -3.57 -3.14
C ILE A 77 -12.51 -3.54 -1.64
N GLU A 78 -13.47 -3.14 -0.81
CA GLU A 78 -13.36 -3.19 0.65
C GLU A 78 -14.79 -3.31 1.18
N GLY A 79 -15.09 -4.32 2.01
CA GLY A 79 -16.39 -4.44 2.62
C GLY A 79 -16.74 -5.86 3.07
N ARG A 80 -17.20 -6.68 2.14
CA ARG A 80 -17.87 -7.95 2.43
C ARG A 80 -16.91 -9.10 2.16
CU CU1 B . 4.48 -3.97 14.16
N MET A 1 -8.88 12.12 -6.80
CA MET A 1 -8.66 12.28 -8.24
C MET A 1 -7.23 11.85 -8.56
N THR A 2 -6.99 10.55 -8.44
CA THR A 2 -5.68 9.91 -8.50
C THR A 2 -5.95 8.47 -8.97
N GLU A 3 -4.94 7.60 -9.05
CA GLU A 3 -5.23 6.20 -9.22
C GLU A 3 -5.66 5.67 -7.86
N LYS A 4 -6.05 4.41 -7.91
CA LYS A 4 -6.31 3.50 -6.81
C LYS A 4 -5.61 2.21 -7.21
N ALA A 5 -4.88 1.60 -6.29
CA ALA A 5 -4.16 0.35 -6.50
C ALA A 5 -4.33 -0.50 -5.24
N GLU A 6 -4.27 -1.83 -5.36
CA GLU A 6 -4.47 -2.72 -4.24
C GLU A 6 -3.24 -3.59 -4.19
N PHE A 7 -2.64 -3.73 -3.02
CA PHE A 7 -1.52 -4.61 -2.78
C PHE A 7 -1.86 -5.52 -1.62
N ASP A 8 -1.21 -6.69 -1.58
CA ASP A 8 -1.46 -7.76 -0.66
C ASP A 8 -0.26 -7.81 0.28
N ILE A 9 -0.46 -7.89 1.60
CA ILE A 9 0.61 -7.71 2.58
C ILE A 9 0.87 -9.01 3.34
N GLU A 10 2.14 -9.44 3.37
CA GLU A 10 2.57 -10.66 4.04
C GLU A 10 3.33 -10.28 5.31
N GLY A 11 2.73 -10.56 6.47
CA GLY A 11 3.39 -10.46 7.76
C GLY A 11 2.45 -10.01 8.88
N MET A 12 2.13 -8.71 8.91
CA MET A 12 1.24 -8.04 9.86
C MET A 12 1.19 -8.69 11.25
N THR A 13 2.29 -8.55 12.01
CA THR A 13 2.35 -9.17 13.33
C THR A 13 1.49 -8.41 14.34
N CYS A 14 1.33 -7.09 14.17
CA CYS A 14 0.49 -6.27 15.02
C CYS A 14 -0.02 -5.06 14.23
N ALA A 15 -1.02 -4.36 14.76
CA ALA A 15 -1.55 -3.15 14.13
C ALA A 15 -0.44 -2.14 13.86
N ALA A 16 0.58 -2.08 14.73
CA ALA A 16 1.71 -1.18 14.52
C ALA A 16 2.49 -1.54 13.26
N CYS A 17 2.52 -2.81 12.83
CA CYS A 17 3.12 -3.16 11.54
C CYS A 17 2.40 -2.41 10.44
N ALA A 18 1.09 -2.63 10.34
CA ALA A 18 0.21 -1.92 9.42
C ALA A 18 0.51 -0.42 9.46
N ASN A 19 0.46 0.17 10.65
CA ASN A 19 0.68 1.60 10.81
C ASN A 19 2.08 2.04 10.36
N ARG A 20 3.12 1.23 10.63
CA ARG A 20 4.47 1.47 10.20
C ARG A 20 4.51 1.56 8.67
N ILE A 21 3.75 0.70 7.98
CA ILE A 21 3.65 0.81 6.51
C ILE A 21 3.19 2.23 6.18
N GLU A 22 2.05 2.64 6.73
CA GLU A 22 1.44 3.93 6.47
C GLU A 22 2.44 5.06 6.73
N LYS A 23 3.18 4.94 7.82
CA LYS A 23 4.28 5.82 8.17
C LYS A 23 5.27 5.97 7.00
N ARG A 24 5.81 4.87 6.47
CA ARG A 24 6.71 4.96 5.32
C ARG A 24 5.99 5.54 4.11
N LEU A 25 4.81 4.99 3.78
CA LEU A 25 4.03 5.38 2.62
C LEU A 25 3.85 6.89 2.58
N ASN A 26 3.36 7.48 3.67
CA ASN A 26 3.21 8.92 3.82
C ASN A 26 4.52 9.66 3.51
N LYS A 27 5.65 9.08 3.92
CA LYS A 27 6.95 9.68 3.70
C LYS A 27 7.38 9.63 2.23
N ILE A 28 6.81 8.75 1.38
CA ILE A 28 7.18 8.70 -0.03
C ILE A 28 6.57 9.90 -0.76
N GLU A 29 7.41 10.58 -1.51
CA GLU A 29 7.04 11.71 -2.34
C GLU A 29 6.11 11.23 -3.46
N GLY A 30 4.83 11.63 -3.39
CA GLY A 30 3.85 11.38 -4.45
C GLY A 30 2.69 10.48 -4.01
N VAL A 31 2.77 9.87 -2.82
CA VAL A 31 1.67 9.08 -2.29
C VAL A 31 0.61 10.01 -1.72
N ALA A 32 -0.68 9.70 -1.94
CA ALA A 32 -1.80 10.47 -1.41
C ALA A 32 -2.36 9.78 -0.17
N ASN A 33 -2.79 8.53 -0.29
CA ASN A 33 -3.30 7.73 0.82
C ASN A 33 -2.86 6.29 0.63
N ALA A 34 -2.97 5.49 1.69
CA ALA A 34 -2.67 4.06 1.68
C ALA A 34 -3.02 3.40 3.02
N PRO A 35 -4.30 3.44 3.46
CA PRO A 35 -4.71 2.76 4.68
C PRO A 35 -4.66 1.23 4.50
N VAL A 36 -3.94 0.53 5.39
CA VAL A 36 -3.76 -0.92 5.35
C VAL A 36 -4.88 -1.59 6.15
N ASN A 37 -5.54 -2.65 5.64
CA ASN A 37 -6.55 -3.35 6.42
C ASN A 37 -5.90 -4.39 7.33
N PHE A 38 -6.68 -4.98 8.21
CA PHE A 38 -6.25 -6.11 9.04
C PHE A 38 -7.37 -7.15 9.01
N ALA A 39 -7.78 -7.55 7.81
CA ALA A 39 -8.87 -8.51 7.61
C ALA A 39 -8.72 -9.31 6.31
N LEU A 40 -8.29 -8.67 5.22
CA LEU A 40 -8.09 -9.30 3.92
C LEU A 40 -6.65 -9.09 3.46
N GLU A 41 -5.82 -8.56 4.37
CA GLU A 41 -4.38 -8.43 4.24
C GLU A 41 -4.07 -7.69 2.95
N THR A 42 -4.81 -6.60 2.75
CA THR A 42 -4.78 -5.76 1.57
C THR A 42 -4.63 -4.31 2.02
N VAL A 43 -3.89 -3.52 1.23
CA VAL A 43 -3.82 -2.07 1.35
C VAL A 43 -4.28 -1.46 0.03
N THR A 44 -5.16 -0.46 0.11
CA THR A 44 -5.66 0.29 -1.02
C THR A 44 -4.86 1.60 -1.12
N VAL A 45 -3.86 1.65 -2.00
CA VAL A 45 -2.98 2.80 -2.14
C VAL A 45 -3.54 3.76 -3.19
N GLU A 46 -3.64 5.04 -2.84
CA GLU A 46 -3.92 6.14 -3.73
C GLU A 46 -2.65 6.97 -3.91
N TYR A 47 -2.25 7.17 -5.17
CA TYR A 47 -1.12 7.99 -5.54
C TYR A 47 -1.35 8.45 -6.99
N ASN A 48 -0.48 9.32 -7.49
CA ASN A 48 -0.52 9.78 -8.87
C ASN A 48 0.50 8.97 -9.67
N PRO A 49 0.12 8.38 -10.82
CA PRO A 49 0.98 7.55 -11.64
C PRO A 49 1.94 8.44 -12.47
N LYS A 50 2.57 9.42 -11.83
CA LYS A 50 3.49 10.34 -12.46
C LYS A 50 4.47 10.96 -11.46
N GLU A 51 4.46 10.50 -10.19
CA GLU A 51 5.30 11.00 -9.12
C GLU A 51 5.90 9.79 -8.39
N ALA A 52 5.08 9.09 -7.61
CA ALA A 52 5.46 7.86 -6.95
C ALA A 52 5.28 6.71 -7.93
N SER A 53 5.69 5.50 -7.51
CA SER A 53 5.61 4.30 -8.30
C SER A 53 5.40 3.10 -7.38
N VAL A 54 4.60 2.13 -7.86
CA VAL A 54 4.27 0.92 -7.12
C VAL A 54 5.55 0.20 -6.66
N SER A 55 6.53 0.00 -7.55
CA SER A 55 7.79 -0.64 -7.19
C SER A 55 8.52 0.06 -6.04
N ASP A 56 8.54 1.40 -6.03
CA ASP A 56 9.29 2.13 -5.02
C ASP A 56 8.65 1.90 -3.66
N LEU A 57 7.35 2.20 -3.56
CA LEU A 57 6.63 2.02 -2.31
C LEU A 57 6.67 0.56 -1.89
N LYS A 58 6.56 -0.36 -2.85
CA LYS A 58 6.69 -1.78 -2.58
C LYS A 58 7.99 -2.02 -1.82
N GLU A 59 9.11 -1.61 -2.42
CA GLU A 59 10.43 -1.77 -1.80
C GLU A 59 10.43 -1.14 -0.40
N ALA A 60 9.86 0.05 -0.29
CA ALA A 60 9.78 0.82 0.94
C ALA A 60 9.03 0.07 2.04
N VAL A 61 7.97 -0.65 1.67
CA VAL A 61 7.27 -1.54 2.59
C VAL A 61 8.16 -2.73 2.92
N ASP A 62 8.70 -3.40 1.91
CA ASP A 62 9.63 -4.52 2.07
C ASP A 62 10.70 -4.17 3.10
N LYS A 63 11.25 -2.95 2.98
CA LYS A 63 12.29 -2.42 3.86
C LYS A 63 11.91 -2.45 5.35
N LEU A 64 10.62 -2.42 5.69
CA LEU A 64 10.14 -2.47 7.07
C LEU A 64 10.07 -3.90 7.63
N GLY A 65 10.23 -4.93 6.79
CA GLY A 65 10.40 -6.31 7.22
C GLY A 65 9.38 -7.24 6.57
N TYR A 66 8.10 -6.90 6.75
CA TYR A 66 7.00 -7.61 6.10
C TYR A 66 7.05 -7.38 4.59
N LYS A 67 6.42 -8.28 3.83
CA LYS A 67 6.47 -8.29 2.38
C LYS A 67 5.18 -7.73 1.80
N LEU A 68 5.21 -7.33 0.53
CA LEU A 68 4.10 -6.77 -0.19
C LEU A 68 4.28 -7.13 -1.66
N LYS A 69 3.16 -7.15 -2.38
CA LYS A 69 3.04 -7.63 -3.75
C LYS A 69 1.77 -7.00 -4.34
N LEU A 70 1.71 -6.86 -5.67
CA LEU A 70 0.56 -6.28 -6.35
C LEU A 70 -0.66 -7.20 -6.23
N LYS A 71 -1.84 -6.56 -6.24
CA LYS A 71 -3.12 -7.25 -6.26
C LYS A 71 -4.05 -6.66 -7.34
N GLY A 72 -4.24 -5.34 -7.33
CA GLY A 72 -5.05 -4.64 -8.32
C GLY A 72 -6.51 -4.54 -7.87
N GLU A 73 -7.17 -3.44 -8.26
CA GLU A 73 -8.52 -3.07 -7.84
C GLU A 73 -9.24 -2.45 -9.04
N GLN A 74 -8.87 -1.23 -9.41
CA GLN A 74 -9.51 -0.45 -10.47
C GLN A 74 -10.97 -0.22 -10.12
N ASP A 75 -11.19 0.48 -9.00
CA ASP A 75 -12.48 0.98 -8.55
C ASP A 75 -13.55 -0.13 -8.57
N SER A 76 -13.25 -1.26 -7.94
CA SER A 76 -14.03 -2.48 -8.07
C SER A 76 -15.47 -2.32 -7.58
N ILE A 77 -15.63 -1.96 -6.30
CA ILE A 77 -16.92 -1.74 -5.61
C ILE A 77 -17.96 -2.78 -6.06
N GLU A 78 -17.75 -4.04 -5.64
CA GLU A 78 -18.59 -5.18 -6.02
C GLU A 78 -18.93 -6.00 -4.77
N GLY A 79 -19.90 -6.91 -4.92
CA GLY A 79 -20.37 -7.81 -3.87
C GLY A 79 -21.13 -8.94 -4.57
N ARG A 80 -20.38 -9.95 -5.01
CA ARG A 80 -20.86 -11.03 -5.87
C ARG A 80 -21.07 -12.29 -5.02
CU CU1 B . 4.01 -5.59 14.35
N MET A 1 -9.91 12.13 -9.36
CA MET A 1 -8.83 12.53 -8.45
C MET A 1 -7.64 11.65 -8.83
N THR A 2 -6.83 11.20 -7.88
CA THR A 2 -5.97 10.05 -8.13
C THR A 2 -6.84 8.80 -8.25
N GLU A 3 -6.21 7.71 -8.64
CA GLU A 3 -6.72 6.37 -8.75
C GLU A 3 -6.56 5.70 -7.38
N LYS A 4 -6.71 4.37 -7.36
CA LYS A 4 -6.51 3.50 -6.23
C LYS A 4 -5.82 2.25 -6.76
N ALA A 5 -4.76 1.83 -6.07
CA ALA A 5 -4.00 0.62 -6.30
C ALA A 5 -4.13 -0.25 -5.06
N GLU A 6 -4.08 -1.58 -5.17
CA GLU A 6 -4.38 -2.46 -4.07
C GLU A 6 -3.25 -3.46 -4.06
N PHE A 7 -2.66 -3.65 -2.88
CA PHE A 7 -1.53 -4.51 -2.65
C PHE A 7 -1.80 -5.39 -1.46
N ASP A 8 -1.24 -6.57 -1.48
CA ASP A 8 -1.40 -7.59 -0.47
C ASP A 8 -0.08 -7.61 0.28
N ILE A 9 -0.13 -7.64 1.60
CA ILE A 9 1.05 -7.67 2.44
C ILE A 9 1.16 -9.08 3.02
N GLU A 10 2.39 -9.53 3.22
CA GLU A 10 2.72 -10.77 3.89
C GLU A 10 3.63 -10.45 5.06
N GLY A 11 3.07 -10.58 6.26
CA GLY A 11 3.78 -10.66 7.53
C GLY A 11 3.36 -9.63 8.58
N MET A 12 2.27 -8.87 8.37
CA MET A 12 1.84 -7.90 9.39
C MET A 12 0.98 -8.60 10.44
N THR A 13 1.62 -9.27 11.38
CA THR A 13 0.96 -9.96 12.46
C THR A 13 0.32 -8.95 13.41
N CYS A 14 0.87 -7.73 13.49
CA CYS A 14 0.46 -6.70 14.42
C CYS A 14 -0.13 -5.48 13.71
N ALA A 15 -1.15 -4.86 14.31
CA ALA A 15 -1.69 -3.61 13.79
C ALA A 15 -0.60 -2.53 13.75
N ALA A 16 0.33 -2.58 14.71
CA ALA A 16 1.49 -1.72 14.77
C ALA A 16 2.31 -1.77 13.47
N CYS A 17 2.50 -2.98 12.93
CA CYS A 17 3.19 -3.23 11.68
C CYS A 17 2.41 -2.58 10.55
N ALA A 18 1.10 -2.79 10.53
CA ALA A 18 0.23 -2.18 9.54
C ALA A 18 0.35 -0.65 9.57
N ASN A 19 0.26 -0.03 10.74
CA ASN A 19 0.45 1.42 10.86
C ASN A 19 1.78 1.90 10.28
N ARG A 20 2.87 1.11 10.43
CA ARG A 20 4.15 1.46 9.86
C ARG A 20 4.05 1.60 8.34
N ILE A 21 3.22 0.77 7.68
CA ILE A 21 2.98 0.87 6.24
C ILE A 21 2.55 2.29 5.92
N GLU A 22 1.47 2.74 6.57
CA GLU A 22 0.82 3.99 6.23
C GLU A 22 1.83 5.12 6.35
N LYS A 23 2.58 5.13 7.45
CA LYS A 23 3.60 6.13 7.69
C LYS A 23 4.67 6.11 6.60
N ARG A 24 5.23 4.94 6.29
CA ARG A 24 6.25 4.88 5.24
C ARG A 24 5.68 5.33 3.90
N LEU A 25 4.49 4.84 3.52
CA LEU A 25 3.88 5.25 2.27
C LEU A 25 3.68 6.77 2.24
N ASN A 26 3.16 7.35 3.31
CA ASN A 26 3.03 8.80 3.46
C ASN A 26 4.36 9.50 3.25
N LYS A 27 5.47 8.91 3.72
CA LYS A 27 6.79 9.48 3.52
C LYS A 27 7.15 9.55 2.03
N ILE A 28 6.60 8.67 1.18
CA ILE A 28 6.90 8.73 -0.25
C ILE A 28 6.18 9.92 -0.88
N GLU A 29 6.97 10.73 -1.55
CA GLU A 29 6.57 11.88 -2.33
C GLU A 29 5.60 11.44 -3.45
N GLY A 30 4.40 12.02 -3.47
CA GLY A 30 3.41 11.81 -4.52
C GLY A 30 2.29 10.83 -4.14
N VAL A 31 2.32 10.29 -2.92
CA VAL A 31 1.24 9.47 -2.39
C VAL A 31 0.18 10.39 -1.81
N ALA A 32 -1.10 10.11 -2.10
CA ALA A 32 -2.23 10.86 -1.57
C ALA A 32 -2.73 10.21 -0.29
N ASN A 33 -3.07 8.91 -0.33
CA ASN A 33 -3.59 8.19 0.83
C ASN A 33 -3.10 6.75 0.75
N ALA A 34 -3.24 6.02 1.85
CA ALA A 34 -2.84 4.62 1.94
C ALA A 34 -3.49 3.87 3.12
N PRO A 35 -4.82 3.85 3.24
CA PRO A 35 -5.49 3.13 4.32
C PRO A 35 -5.19 1.62 4.26
N VAL A 36 -4.61 1.08 5.33
CA VAL A 36 -4.34 -0.35 5.45
C VAL A 36 -5.57 -1.11 5.97
N ASN A 37 -5.97 -2.19 5.28
CA ASN A 37 -7.13 -3.00 5.62
C ASN A 37 -6.65 -4.20 6.45
N PHE A 38 -6.49 -3.98 7.76
CA PHE A 38 -6.02 -4.97 8.70
C PHE A 38 -7.08 -6.04 8.99
N ALA A 39 -7.31 -6.90 8.01
CA ALA A 39 -8.17 -8.08 8.12
C ALA A 39 -7.79 -9.07 7.01
N LEU A 40 -7.81 -8.59 5.76
CA LEU A 40 -7.44 -9.34 4.57
C LEU A 40 -5.92 -9.43 4.46
N GLU A 41 -5.23 -8.45 5.05
CA GLU A 41 -3.78 -8.24 4.94
C GLU A 41 -3.49 -7.58 3.60
N THR A 42 -4.24 -6.50 3.34
CA THR A 42 -4.23 -5.76 2.09
C THR A 42 -4.16 -4.26 2.43
N VAL A 43 -3.42 -3.47 1.65
CA VAL A 43 -3.44 -2.01 1.70
C VAL A 43 -4.00 -1.49 0.38
N THR A 44 -4.82 -0.44 0.44
CA THR A 44 -5.26 0.29 -0.73
C THR A 44 -4.48 1.62 -0.74
N VAL A 45 -3.67 1.85 -1.77
CA VAL A 45 -2.86 3.05 -1.89
C VAL A 45 -3.42 3.93 -2.99
N GLU A 46 -3.66 5.20 -2.66
CA GLU A 46 -4.07 6.22 -3.58
C GLU A 46 -2.82 7.08 -3.84
N TYR A 47 -2.20 6.93 -5.01
CA TYR A 47 -1.02 7.68 -5.41
C TYR A 47 -1.05 7.90 -6.90
N ASN A 48 -0.29 8.91 -7.34
CA ASN A 48 -0.23 9.33 -8.72
C ASN A 48 0.98 8.68 -9.41
N PRO A 49 0.79 7.91 -10.49
CA PRO A 49 1.87 7.26 -11.23
C PRO A 49 2.59 8.28 -12.13
N LYS A 50 3.12 9.33 -11.50
CA LYS A 50 3.92 10.36 -12.14
C LYS A 50 5.13 10.73 -11.28
N GLU A 51 5.13 10.36 -9.99
CA GLU A 51 6.19 10.62 -9.04
C GLU A 51 6.64 9.30 -8.42
N ALA A 52 5.78 8.70 -7.58
CA ALA A 52 6.00 7.39 -7.00
C ALA A 52 5.59 6.33 -8.01
N SER A 53 5.87 5.07 -7.68
CA SER A 53 5.38 3.90 -8.38
C SER A 53 5.34 2.72 -7.42
N VAL A 54 4.63 1.68 -7.84
CA VAL A 54 4.35 0.49 -7.04
C VAL A 54 5.64 -0.21 -6.63
N SER A 55 6.59 -0.34 -7.55
CA SER A 55 7.91 -0.91 -7.32
C SER A 55 8.64 -0.22 -6.17
N ASP A 56 8.61 1.10 -6.14
CA ASP A 56 9.43 1.92 -5.26
C ASP A 56 8.88 1.78 -3.84
N LEU A 57 7.57 2.06 -3.70
CA LEU A 57 6.87 1.81 -2.46
C LEU A 57 7.00 0.36 -2.02
N LYS A 58 7.07 -0.59 -2.96
CA LYS A 58 7.39 -1.97 -2.64
C LYS A 58 8.64 -1.99 -1.76
N GLU A 59 9.76 -1.46 -2.26
CA GLU A 59 11.03 -1.52 -1.54
C GLU A 59 10.88 -0.89 -0.16
N ALA A 60 10.14 0.21 -0.07
CA ALA A 60 9.91 0.95 1.16
C ALA A 60 9.19 0.07 2.18
N VAL A 61 8.21 -0.71 1.73
CA VAL A 61 7.53 -1.67 2.60
C VAL A 61 8.47 -2.83 2.93
N ASP A 62 9.10 -3.44 1.91
CA ASP A 62 10.05 -4.54 2.08
C ASP A 62 11.10 -4.18 3.14
N LYS A 63 11.58 -2.93 3.08
CA LYS A 63 12.58 -2.38 4.01
C LYS A 63 12.14 -2.50 5.48
N LEU A 64 10.83 -2.55 5.76
CA LEU A 64 10.30 -2.72 7.10
C LEU A 64 10.37 -4.18 7.58
N GLY A 65 10.48 -5.15 6.66
CA GLY A 65 10.71 -6.55 6.99
C GLY A 65 9.67 -7.45 6.33
N TYR A 66 8.39 -7.18 6.61
CA TYR A 66 7.29 -7.83 5.90
C TYR A 66 7.33 -7.42 4.43
N LYS A 67 6.66 -8.22 3.59
CA LYS A 67 6.72 -8.07 2.14
C LYS A 67 5.35 -7.70 1.59
N LEU A 68 5.31 -7.28 0.33
CA LEU A 68 4.14 -6.75 -0.33
C LEU A 68 4.19 -7.18 -1.79
N LYS A 69 3.02 -7.28 -2.41
CA LYS A 69 2.82 -7.68 -3.78
C LYS A 69 1.56 -6.98 -4.28
N LEU A 70 1.40 -6.89 -5.60
CA LEU A 70 0.21 -6.31 -6.21
C LEU A 70 -1.02 -7.16 -5.92
N LYS A 71 -2.17 -6.52 -5.85
CA LYS A 71 -3.47 -7.14 -5.66
C LYS A 71 -4.50 -6.72 -6.71
N GLY A 72 -4.65 -5.43 -6.94
CA GLY A 72 -5.67 -4.91 -7.84
C GLY A 72 -5.44 -3.43 -8.07
N GLU A 73 -6.32 -2.79 -8.86
CA GLU A 73 -6.17 -1.39 -9.24
C GLU A 73 -7.50 -0.79 -9.73
N GLN A 74 -8.61 -1.08 -9.04
CA GLN A 74 -9.90 -0.43 -9.25
C GLN A 74 -10.87 -0.70 -8.09
N ASP A 75 -10.60 -0.05 -6.96
CA ASP A 75 -11.50 0.10 -5.82
C ASP A 75 -12.64 1.02 -6.24
N SER A 76 -13.54 0.45 -7.05
CA SER A 76 -14.84 1.02 -7.40
C SER A 76 -15.75 -0.09 -7.94
N ILE A 77 -15.52 -0.55 -9.18
CA ILE A 77 -16.34 -1.58 -9.84
C ILE A 77 -15.66 -2.95 -9.75
N GLU A 78 -14.33 -2.98 -9.93
CA GLU A 78 -13.57 -4.23 -9.96
C GLU A 78 -13.50 -4.82 -8.55
N GLY A 79 -13.15 -3.98 -7.57
CA GLY A 79 -13.20 -4.36 -6.15
C GLY A 79 -14.54 -5.01 -5.80
N ARG A 80 -14.49 -6.25 -5.31
CA ARG A 80 -15.63 -7.08 -4.94
C ARG A 80 -15.12 -8.01 -3.84
CU CU1 B . 3.85 -7.62 13.16
N MET A 1 -4.83 14.15 -9.41
CA MET A 1 -4.58 13.14 -10.46
C MET A 1 -3.82 11.97 -9.83
N THR A 2 -4.53 11.13 -9.09
CA THR A 2 -4.01 9.93 -8.43
C THR A 2 -4.88 8.76 -8.90
N GLU A 3 -4.50 7.52 -8.55
CA GLU A 3 -5.23 6.32 -8.84
C GLU A 3 -5.21 5.51 -7.55
N LYS A 4 -6.24 4.69 -7.34
CA LYS A 4 -6.35 3.77 -6.23
C LYS A 4 -5.79 2.40 -6.63
N ALA A 5 -4.79 1.92 -5.90
CA ALA A 5 -4.04 0.70 -6.19
C ALA A 5 -4.18 -0.23 -5.00
N GLU A 6 -4.22 -1.55 -5.22
CA GLU A 6 -4.50 -2.50 -4.16
C GLU A 6 -3.31 -3.45 -4.16
N PHE A 7 -2.76 -3.69 -2.98
CA PHE A 7 -1.60 -4.53 -2.76
C PHE A 7 -1.88 -5.51 -1.64
N ASP A 8 -1.29 -6.70 -1.75
CA ASP A 8 -1.36 -7.79 -0.79
C ASP A 8 -0.12 -7.58 0.07
N ILE A 9 -0.23 -7.71 1.38
CA ILE A 9 0.93 -7.66 2.26
C ILE A 9 1.19 -9.05 2.82
N GLU A 10 2.46 -9.40 3.01
CA GLU A 10 2.85 -10.62 3.72
C GLU A 10 3.58 -10.25 5.01
N GLY A 11 2.90 -10.41 6.15
CA GLY A 11 3.49 -10.40 7.49
C GLY A 11 2.51 -9.99 8.58
N MET A 12 2.18 -8.69 8.63
CA MET A 12 1.27 -8.03 9.57
C MET A 12 1.07 -8.75 10.91
N THR A 13 2.09 -8.76 11.75
CA THR A 13 2.04 -9.51 13.00
C THR A 13 1.13 -8.80 14.01
N CYS A 14 1.06 -7.46 13.96
CA CYS A 14 0.18 -6.68 14.83
C CYS A 14 -0.25 -5.40 14.14
N ALA A 15 -1.27 -4.74 14.67
CA ALA A 15 -1.72 -3.45 14.18
C ALA A 15 -0.57 -2.44 14.09
N ALA A 16 0.44 -2.58 14.97
CA ALA A 16 1.60 -1.70 14.99
C ALA A 16 2.49 -1.89 13.75
N CYS A 17 2.42 -3.06 13.08
CA CYS A 17 3.02 -3.25 11.76
C CYS A 17 2.24 -2.43 10.74
N ALA A 18 0.93 -2.63 10.72
CA ALA A 18 0.02 -1.98 9.78
C ALA A 18 0.17 -0.46 9.86
N ASN A 19 0.14 0.10 11.08
CA ASN A 19 0.44 1.51 11.32
C ASN A 19 1.73 1.93 10.60
N ARG A 20 2.77 1.11 10.71
CA ARG A 20 4.05 1.35 10.08
C ARG A 20 3.94 1.37 8.56
N ILE A 21 3.08 0.52 7.97
CA ILE A 21 2.78 0.59 6.54
C ILE A 21 2.35 2.01 6.22
N GLU A 22 1.29 2.48 6.87
CA GLU A 22 0.72 3.78 6.57
C GLU A 22 1.78 4.85 6.73
N LYS A 23 2.53 4.79 7.83
CA LYS A 23 3.59 5.74 8.14
C LYS A 23 4.64 5.79 7.01
N ARG A 24 5.14 4.63 6.58
CA ARG A 24 6.14 4.59 5.53
C ARG A 24 5.55 5.09 4.23
N LEU A 25 4.38 4.58 3.87
CA LEU A 25 3.74 4.96 2.61
C LEU A 25 3.52 6.47 2.58
N ASN A 26 3.04 7.06 3.67
CA ASN A 26 2.89 8.50 3.85
C ASN A 26 4.17 9.26 3.49
N LYS A 27 5.33 8.67 3.77
CA LYS A 27 6.61 9.30 3.48
C LYS A 27 6.86 9.46 1.97
N ILE A 28 6.21 8.66 1.12
CA ILE A 28 6.52 8.65 -0.31
C ILE A 28 6.04 9.95 -0.97
N GLU A 29 6.91 10.52 -1.78
CA GLU A 29 6.67 11.68 -2.61
C GLU A 29 5.54 11.36 -3.60
N GLY A 30 4.40 12.06 -3.47
CA GLY A 30 3.28 11.92 -4.40
C GLY A 30 2.19 10.98 -3.89
N VAL A 31 2.36 10.40 -2.70
CA VAL A 31 1.26 9.66 -2.10
C VAL A 31 0.15 10.65 -1.71
N ALA A 32 -1.09 10.36 -2.07
CA ALA A 32 -2.22 11.11 -1.50
C ALA A 32 -2.62 10.49 -0.16
N ASN A 33 -2.74 9.16 -0.08
CA ASN A 33 -3.16 8.47 1.13
C ASN A 33 -2.95 6.98 0.91
N ALA A 34 -3.09 6.18 1.98
CA ALA A 34 -2.73 4.77 1.96
C ALA A 34 -3.24 4.00 3.18
N PRO A 35 -4.57 3.94 3.40
CA PRO A 35 -5.13 3.16 4.50
C PRO A 35 -4.91 1.66 4.27
N VAL A 36 -4.43 0.93 5.29
CA VAL A 36 -4.28 -0.52 5.28
C VAL A 36 -5.39 -1.21 6.07
N ASN A 37 -5.77 -2.43 5.68
CA ASN A 37 -6.87 -3.17 6.29
C ASN A 37 -6.41 -4.44 7.00
N PHE A 38 -6.47 -4.42 8.34
CA PHE A 38 -6.06 -5.53 9.20
C PHE A 38 -7.11 -6.64 9.23
N ALA A 39 -7.36 -7.27 8.07
CA ALA A 39 -8.23 -8.43 7.98
C ALA A 39 -7.91 -9.25 6.73
N LEU A 40 -7.89 -8.61 5.56
CA LEU A 40 -7.61 -9.26 4.29
C LEU A 40 -6.10 -9.39 4.07
N GLU A 41 -5.34 -8.59 4.82
CA GLU A 41 -3.90 -8.41 4.66
C GLU A 41 -3.63 -7.68 3.35
N THR A 42 -4.39 -6.60 3.14
CA THR A 42 -4.36 -5.75 1.95
C THR A 42 -4.13 -4.30 2.38
N VAL A 43 -3.41 -3.53 1.55
CA VAL A 43 -3.42 -2.07 1.61
C VAL A 43 -3.98 -1.51 0.30
N THR A 44 -4.77 -0.45 0.43
CA THR A 44 -5.30 0.37 -0.64
C THR A 44 -4.51 1.68 -0.65
N VAL A 45 -3.68 1.91 -1.67
CA VAL A 45 -2.86 3.11 -1.78
C VAL A 45 -3.47 4.05 -2.82
N GLU A 46 -3.59 5.34 -2.48
CA GLU A 46 -3.69 6.39 -3.47
C GLU A 46 -2.33 7.06 -3.67
N TYR A 47 -1.78 6.89 -4.87
CA TYR A 47 -0.64 7.63 -5.35
C TYR A 47 -0.91 7.93 -6.82
N ASN A 48 0.05 8.58 -7.48
CA ASN A 48 0.01 8.88 -8.89
C ASN A 48 1.18 8.23 -9.64
N PRO A 49 0.92 7.50 -10.74
CA PRO A 49 1.94 6.82 -11.52
C PRO A 49 2.69 7.85 -12.37
N LYS A 50 3.50 8.67 -11.70
CA LYS A 50 4.19 9.78 -12.31
C LYS A 50 5.49 10.06 -11.56
N GLU A 51 5.38 10.27 -10.25
CA GLU A 51 6.50 10.58 -9.36
C GLU A 51 6.81 9.42 -8.40
N ALA A 52 5.88 8.47 -8.24
CA ALA A 52 6.09 7.22 -7.51
C ALA A 52 5.51 6.08 -8.35
N SER A 53 5.79 4.83 -7.97
CA SER A 53 5.30 3.64 -8.61
C SER A 53 5.00 2.57 -7.57
N VAL A 54 4.19 1.57 -7.95
CA VAL A 54 4.00 0.36 -7.17
C VAL A 54 5.35 -0.27 -6.82
N SER A 55 6.24 -0.39 -7.81
CA SER A 55 7.58 -0.94 -7.63
C SER A 55 8.39 -0.17 -6.58
N ASP A 56 8.37 1.17 -6.66
CA ASP A 56 9.11 2.01 -5.72
C ASP A 56 8.57 1.78 -4.31
N LEU A 57 7.28 2.01 -4.12
CA LEU A 57 6.67 1.93 -2.80
C LEU A 57 6.81 0.52 -2.22
N LYS A 58 6.82 -0.50 -3.09
CA LYS A 58 7.16 -1.86 -2.68
C LYS A 58 8.41 -1.82 -1.80
N GLU A 59 9.47 -1.15 -2.27
CA GLU A 59 10.75 -1.10 -1.57
C GLU A 59 10.59 -0.42 -0.20
N ALA A 60 9.75 0.60 -0.09
CA ALA A 60 9.48 1.29 1.15
C ALA A 60 8.90 0.32 2.18
N VAL A 61 7.95 -0.51 1.75
CA VAL A 61 7.40 -1.56 2.60
C VAL A 61 8.47 -2.61 2.90
N ASP A 62 9.19 -3.09 1.88
CA ASP A 62 10.25 -4.07 2.04
C ASP A 62 11.27 -3.59 3.09
N LYS A 63 11.58 -2.29 3.06
CA LYS A 63 12.45 -1.62 4.02
C LYS A 63 12.07 -1.87 5.49
N LEU A 64 10.82 -2.21 5.77
CA LEU A 64 10.33 -2.52 7.10
C LEU A 64 10.54 -4.00 7.46
N GLY A 65 10.57 -4.90 6.46
CA GLY A 65 10.85 -6.31 6.67
C GLY A 65 9.82 -7.20 5.97
N TYR A 66 8.54 -6.99 6.30
CA TYR A 66 7.43 -7.68 5.65
C TYR A 66 7.38 -7.34 4.16
N LYS A 67 6.73 -8.20 3.36
CA LYS A 67 6.70 -8.06 1.91
C LYS A 67 5.32 -7.58 1.44
N LEU A 68 5.23 -7.24 0.16
CA LEU A 68 4.06 -6.69 -0.49
C LEU A 68 4.07 -7.18 -1.93
N LYS A 69 2.90 -7.24 -2.56
CA LYS A 69 2.71 -7.58 -3.97
C LYS A 69 1.49 -6.83 -4.48
N LEU A 70 1.36 -6.74 -5.81
CA LEU A 70 0.17 -6.17 -6.44
C LEU A 70 -1.04 -7.04 -6.15
N LYS A 71 -2.20 -6.38 -6.10
CA LYS A 71 -3.49 -7.03 -5.93
C LYS A 71 -4.50 -6.63 -6.99
N GLY A 72 -4.53 -5.36 -7.40
CA GLY A 72 -5.38 -4.95 -8.51
C GLY A 72 -5.86 -3.51 -8.35
N GLU A 73 -5.40 -2.63 -9.24
CA GLU A 73 -5.82 -1.24 -9.30
C GLU A 73 -7.21 -1.14 -9.92
N GLN A 74 -8.22 -1.66 -9.21
CA GLN A 74 -9.61 -1.64 -9.65
C GLN A 74 -10.10 -0.22 -9.97
N ASP A 75 -9.77 0.73 -9.08
CA ASP A 75 -10.19 2.13 -9.06
C ASP A 75 -11.46 2.43 -9.86
N SER A 76 -12.61 2.12 -9.27
CA SER A 76 -13.90 2.36 -9.88
C SER A 76 -14.98 2.46 -8.80
N ILE A 77 -14.86 3.46 -7.92
CA ILE A 77 -15.79 3.74 -6.82
C ILE A 77 -16.23 2.48 -6.07
N GLU A 78 -15.27 1.61 -5.74
CA GLU A 78 -15.49 0.32 -5.12
C GLU A 78 -14.34 0.06 -4.14
N GLY A 79 -14.58 -0.81 -3.16
CA GLY A 79 -13.66 -1.14 -2.10
C GLY A 79 -14.37 -2.13 -1.18
N ARG A 80 -13.97 -3.40 -1.21
CA ARG A 80 -14.69 -4.50 -0.60
C ARG A 80 -13.66 -5.54 -0.20
CU CU1 B . 3.69 -6.00 14.36
N MET A 1 -4.40 14.01 -11.21
CA MET A 1 -4.72 12.66 -11.72
C MET A 1 -4.01 11.64 -10.84
N THR A 2 -4.72 11.10 -9.85
CA THR A 2 -4.27 9.95 -9.08
C THR A 2 -5.03 8.73 -9.62
N GLU A 3 -4.60 7.51 -9.27
CA GLU A 3 -5.30 6.29 -9.59
C GLU A 3 -5.74 5.64 -8.29
N LYS A 4 -6.12 4.37 -8.37
CA LYS A 4 -6.33 3.48 -7.25
C LYS A 4 -5.53 2.22 -7.55
N ALA A 5 -4.87 1.67 -6.55
CA ALA A 5 -4.06 0.47 -6.69
C ALA A 5 -4.14 -0.28 -5.38
N GLU A 6 -4.29 -1.61 -5.42
CA GLU A 6 -4.55 -2.40 -4.23
C GLU A 6 -3.38 -3.36 -4.15
N PHE A 7 -2.76 -3.45 -2.97
CA PHE A 7 -1.62 -4.31 -2.73
C PHE A 7 -1.90 -5.21 -1.54
N ASP A 8 -1.14 -6.29 -1.43
CA ASP A 8 -1.34 -7.47 -0.61
C ASP A 8 -0.07 -7.67 0.20
N ILE A 9 -0.19 -7.74 1.53
CA ILE A 9 0.93 -7.55 2.44
C ILE A 9 1.10 -8.77 3.35
N GLU A 10 2.30 -9.37 3.37
CA GLU A 10 2.60 -10.56 4.15
C GLU A 10 3.54 -10.22 5.30
N GLY A 11 3.16 -10.65 6.50
CA GLY A 11 3.94 -10.53 7.74
C GLY A 11 3.29 -9.59 8.76
N MET A 12 2.44 -8.67 8.32
CA MET A 12 1.88 -7.61 9.14
C MET A 12 0.80 -8.09 10.12
N THR A 13 1.14 -8.98 11.04
CA THR A 13 0.17 -9.56 11.98
C THR A 13 0.27 -8.93 13.37
N CYS A 14 1.22 -8.01 13.58
CA CYS A 14 1.54 -7.41 14.87
C CYS A 14 0.82 -6.08 15.12
N ALA A 15 -0.08 -5.65 14.22
CA ALA A 15 -0.84 -4.40 14.28
C ALA A 15 0.04 -3.18 14.06
N ALA A 16 1.04 -2.97 14.92
CA ALA A 16 2.01 -1.89 14.77
C ALA A 16 2.60 -1.89 13.37
N CYS A 17 2.92 -3.08 12.85
CA CYS A 17 3.31 -3.31 11.47
C CYS A 17 2.44 -2.53 10.49
N ALA A 18 1.13 -2.74 10.57
CA ALA A 18 0.18 -2.17 9.64
C ALA A 18 0.24 -0.64 9.71
N ASN A 19 0.23 -0.09 10.92
CA ASN A 19 0.42 1.34 11.13
C ASN A 19 1.78 1.80 10.53
N ARG A 20 2.83 0.99 10.66
CA ARG A 20 4.13 1.28 10.12
C ARG A 20 4.09 1.44 8.60
N ILE A 21 3.23 0.66 7.91
CA ILE A 21 3.06 0.79 6.46
C ILE A 21 2.74 2.26 6.17
N GLU A 22 1.67 2.77 6.77
CA GLU A 22 1.17 4.11 6.55
C GLU A 22 2.24 5.14 6.85
N LYS A 23 2.98 4.93 7.94
CA LYS A 23 4.14 5.74 8.29
C LYS A 23 5.15 5.81 7.14
N ARG A 24 5.43 4.68 6.46
CA ARG A 24 6.32 4.68 5.31
C ARG A 24 5.64 5.32 4.10
N LEU A 25 4.41 4.95 3.79
CA LEU A 25 3.69 5.50 2.66
C LEU A 25 3.69 7.03 2.72
N ASN A 26 3.42 7.59 3.90
CA ASN A 26 3.51 9.02 4.16
C ASN A 26 4.88 9.59 3.78
N LYS A 27 5.96 8.86 4.05
CA LYS A 27 7.30 9.28 3.68
C LYS A 27 7.51 9.27 2.15
N ILE A 28 6.70 8.55 1.38
CA ILE A 28 6.85 8.55 -0.07
C ILE A 28 6.20 9.79 -0.65
N GLU A 29 6.93 10.42 -1.58
CA GLU A 29 6.53 11.59 -2.30
C GLU A 29 5.61 11.14 -3.45
N GLY A 30 4.35 11.61 -3.47
CA GLY A 30 3.42 11.35 -4.57
C GLY A 30 2.33 10.31 -4.23
N VAL A 31 2.23 9.90 -2.97
CA VAL A 31 1.13 9.09 -2.46
C VAL A 31 0.06 10.05 -1.91
N ALA A 32 -1.22 9.80 -2.20
CA ALA A 32 -2.32 10.62 -1.72
C ALA A 32 -2.97 9.97 -0.50
N ASN A 33 -3.48 8.75 -0.66
CA ASN A 33 -4.06 7.97 0.44
C ASN A 33 -3.53 6.55 0.35
N ALA A 34 -3.64 5.80 1.45
CA ALA A 34 -3.25 4.41 1.55
C ALA A 34 -3.65 3.80 2.91
N PRO A 35 -4.94 3.80 3.27
CA PRO A 35 -5.39 3.17 4.51
C PRO A 35 -5.24 1.64 4.42
N VAL A 36 -4.72 1.01 5.48
CA VAL A 36 -4.50 -0.42 5.57
C VAL A 36 -5.71 -1.13 6.18
N ASN A 37 -6.04 -2.35 5.71
CA ASN A 37 -7.14 -3.15 6.25
C ASN A 37 -6.66 -4.44 6.93
N PHE A 38 -6.32 -4.30 8.22
CA PHE A 38 -5.92 -5.38 9.12
C PHE A 38 -7.09 -6.34 9.34
N ALA A 39 -7.23 -7.29 8.42
CA ALA A 39 -8.32 -8.22 8.25
C ALA A 39 -8.12 -9.02 6.96
N LEU A 40 -7.86 -8.31 5.86
CA LEU A 40 -7.71 -8.87 4.52
C LEU A 40 -6.25 -8.80 4.07
N GLU A 41 -5.44 -8.05 4.80
CA GLU A 41 -3.99 -7.94 4.64
C GLU A 41 -3.67 -7.36 3.27
N THR A 42 -4.30 -6.22 3.03
CA THR A 42 -4.16 -5.43 1.83
C THR A 42 -4.14 -3.96 2.25
N VAL A 43 -3.60 -3.12 1.37
CA VAL A 43 -3.68 -1.67 1.46
C VAL A 43 -4.17 -1.14 0.12
N THR A 44 -5.15 -0.23 0.17
CA THR A 44 -5.79 0.40 -0.97
C THR A 44 -5.09 1.74 -1.19
N VAL A 45 -4.05 1.76 -2.02
CA VAL A 45 -3.22 2.94 -2.23
C VAL A 45 -3.82 3.77 -3.36
N GLU A 46 -4.11 5.04 -3.06
CA GLU A 46 -4.42 6.06 -4.04
C GLU A 46 -3.18 6.94 -4.15
N TYR A 47 -2.44 6.82 -5.26
CA TYR A 47 -1.24 7.58 -5.54
C TYR A 47 -1.27 8.02 -6.99
N ASN A 48 -0.22 8.72 -7.43
CA ASN A 48 -0.09 9.19 -8.80
C ASN A 48 1.11 8.50 -9.47
N PRO A 49 0.91 7.68 -10.53
CA PRO A 49 2.00 7.04 -11.26
C PRO A 49 2.74 8.07 -12.08
N LYS A 50 3.53 8.91 -11.40
CA LYS A 50 4.31 9.97 -11.98
C LYS A 50 5.58 10.18 -11.15
N GLU A 51 5.42 10.34 -9.84
CA GLU A 51 6.50 10.61 -8.91
C GLU A 51 6.77 9.41 -7.98
N ALA A 52 5.86 8.43 -7.95
CA ALA A 52 6.02 7.18 -7.23
C ALA A 52 5.41 6.06 -8.07
N SER A 53 5.68 4.81 -7.72
CA SER A 53 5.13 3.61 -8.32
C SER A 53 4.91 2.59 -7.22
N VAL A 54 4.03 1.63 -7.52
CA VAL A 54 3.86 0.39 -6.79
C VAL A 54 5.22 -0.25 -6.52
N SER A 55 6.11 -0.21 -7.53
CA SER A 55 7.46 -0.76 -7.41
C SER A 55 8.28 -0.03 -6.36
N ASP A 56 8.18 1.31 -6.31
CA ASP A 56 8.99 2.12 -5.41
C ASP A 56 8.53 1.84 -3.99
N LEU A 57 7.24 2.11 -3.73
CA LEU A 57 6.63 1.85 -2.44
C LEU A 57 6.85 0.41 -1.98
N LYS A 58 6.91 -0.55 -2.92
CA LYS A 58 7.31 -1.90 -2.59
C LYS A 58 8.56 -1.90 -1.71
N GLU A 59 9.63 -1.27 -2.19
CA GLU A 59 10.89 -1.25 -1.45
C GLU A 59 10.71 -0.60 -0.09
N ALA A 60 9.78 0.36 0.02
CA ALA A 60 9.58 1.12 1.23
C ALA A 60 9.06 0.20 2.33
N VAL A 61 8.03 -0.59 2.02
CA VAL A 61 7.52 -1.58 2.96
C VAL A 61 8.54 -2.70 3.17
N ASP A 62 9.16 -3.20 2.10
CA ASP A 62 10.25 -4.19 2.18
C ASP A 62 11.26 -3.75 3.25
N LYS A 63 11.67 -2.48 3.21
CA LYS A 63 12.63 -1.90 4.13
C LYS A 63 12.21 -1.98 5.60
N LEU A 64 10.90 -2.13 5.88
CA LEU A 64 10.39 -2.37 7.23
C LEU A 64 10.51 -3.84 7.64
N GLY A 65 10.54 -4.77 6.68
CA GLY A 65 10.80 -6.19 6.93
C GLY A 65 9.81 -7.10 6.20
N TYR A 66 8.51 -6.87 6.42
CA TYR A 66 7.44 -7.58 5.72
C TYR A 66 7.50 -7.30 4.22
N LYS A 67 6.80 -8.11 3.42
CA LYS A 67 6.73 -7.93 1.98
C LYS A 67 5.31 -7.56 1.54
N LEU A 68 5.21 -7.09 0.30
CA LEU A 68 4.02 -6.58 -0.35
C LEU A 68 4.09 -7.05 -1.79
N LYS A 69 2.97 -7.00 -2.50
CA LYS A 69 2.83 -7.30 -3.91
C LYS A 69 1.50 -6.74 -4.40
N LEU A 70 1.35 -6.62 -5.72
CA LEU A 70 0.13 -6.07 -6.31
C LEU A 70 -1.05 -7.01 -6.12
N LYS A 71 -2.25 -6.42 -6.04
CA LYS A 71 -3.53 -7.09 -5.89
C LYS A 71 -4.52 -6.62 -6.96
N GLY A 72 -4.79 -5.31 -7.05
CA GLY A 72 -5.70 -4.81 -8.07
C GLY A 72 -6.12 -3.35 -7.90
N GLU A 73 -7.40 -3.12 -7.59
CA GLU A 73 -8.12 -1.85 -7.72
C GLU A 73 -8.19 -1.41 -9.19
N GLN A 74 -7.10 -0.86 -9.72
CA GLN A 74 -7.12 -0.26 -11.05
C GLN A 74 -5.73 -0.23 -11.68
N ASP A 75 -4.74 0.30 -10.95
CA ASP A 75 -3.33 0.38 -11.29
C ASP A 75 -3.14 0.67 -12.80
N SER A 76 -3.33 1.94 -13.18
CA SER A 76 -3.26 2.44 -14.53
C SER A 76 -4.11 1.61 -15.50
N ILE A 77 -5.37 1.41 -15.12
CA ILE A 77 -6.38 0.61 -15.81
C ILE A 77 -5.81 -0.72 -16.32
N GLU A 78 -5.03 -1.39 -15.46
CA GLU A 78 -4.45 -2.71 -15.69
C GLU A 78 -3.35 -2.67 -16.77
N GLY A 79 -2.20 -3.28 -16.48
CA GLY A 79 -1.11 -3.38 -17.43
C GLY A 79 0.20 -3.68 -16.71
N ARG A 80 1.30 -3.61 -17.46
CA ARG A 80 2.64 -3.97 -17.04
C ARG A 80 2.78 -5.50 -16.89
CU CU1 B . 5.44 -5.05 13.82
N MET A 1 -4.10 13.54 -11.04
CA MET A 1 -5.00 12.45 -11.46
C MET A 1 -4.55 11.19 -10.76
N THR A 2 -5.02 10.98 -9.53
CA THR A 2 -4.57 9.88 -8.71
C THR A 2 -5.39 8.63 -9.03
N GLU A 3 -4.78 7.45 -8.96
CA GLU A 3 -5.45 6.18 -9.11
C GLU A 3 -5.63 5.59 -7.70
N LYS A 4 -6.11 4.35 -7.67
CA LYS A 4 -6.28 3.52 -6.51
C LYS A 4 -5.68 2.17 -6.88
N ALA A 5 -4.73 1.68 -6.08
CA ALA A 5 -3.95 0.48 -6.37
C ALA A 5 -3.97 -0.41 -5.13
N GLU A 6 -3.96 -1.74 -5.28
CA GLU A 6 -4.26 -2.62 -4.18
C GLU A 6 -3.08 -3.54 -4.05
N PHE A 7 -2.52 -3.65 -2.85
CA PHE A 7 -1.36 -4.48 -2.61
C PHE A 7 -1.65 -5.44 -1.47
N ASP A 8 -1.15 -6.66 -1.62
CA ASP A 8 -1.33 -7.79 -0.74
C ASP A 8 -0.09 -7.77 0.14
N ILE A 9 -0.24 -7.85 1.45
CA ILE A 9 0.88 -7.84 2.36
C ILE A 9 0.88 -9.15 3.14
N GLU A 10 2.05 -9.76 3.35
CA GLU A 10 2.19 -10.84 4.30
C GLU A 10 3.16 -10.46 5.41
N GLY A 11 2.70 -10.67 6.64
CA GLY A 11 3.49 -10.75 7.86
C GLY A 11 2.99 -9.77 8.93
N MET A 12 2.05 -8.89 8.60
CA MET A 12 1.57 -7.87 9.53
C MET A 12 0.68 -8.52 10.59
N THR A 13 1.35 -9.11 11.58
CA THR A 13 0.73 -9.86 12.66
C THR A 13 0.33 -8.92 13.79
N CYS A 14 0.64 -7.62 13.69
CA CYS A 14 0.29 -6.61 14.65
C CYS A 14 -0.15 -5.34 13.93
N ALA A 15 -1.01 -4.55 14.58
CA ALA A 15 -1.45 -3.28 14.01
C ALA A 15 -0.27 -2.31 13.87
N ALA A 16 0.75 -2.44 14.71
CA ALA A 16 1.96 -1.64 14.63
C ALA A 16 2.60 -1.79 13.25
N CYS A 17 2.78 -3.04 12.81
CA CYS A 17 3.29 -3.40 11.50
C CYS A 17 2.49 -2.69 10.43
N ALA A 18 1.17 -2.87 10.45
CA ALA A 18 0.27 -2.22 9.51
C ALA A 18 0.49 -0.70 9.50
N ASN A 19 0.38 -0.04 10.65
CA ASN A 19 0.56 1.40 10.73
C ASN A 19 1.94 1.84 10.23
N ARG A 20 2.96 1.00 10.38
CA ARG A 20 4.29 1.27 9.89
C ARG A 20 4.28 1.42 8.36
N ILE A 21 3.43 0.65 7.66
CA ILE A 21 3.23 0.83 6.22
C ILE A 21 2.88 2.29 5.98
N GLU A 22 1.79 2.76 6.59
CA GLU A 22 1.24 4.07 6.33
C GLU A 22 2.28 5.14 6.61
N LYS A 23 3.01 4.99 7.72
CA LYS A 23 4.11 5.88 8.06
C LYS A 23 5.14 5.94 6.93
N ARG A 24 5.64 4.79 6.44
CA ARG A 24 6.57 4.81 5.33
C ARG A 24 5.94 5.43 4.10
N LEU A 25 4.75 4.98 3.69
CA LEU A 25 4.08 5.48 2.51
C LEU A 25 3.92 7.00 2.55
N ASN A 26 3.50 7.55 3.70
CA ASN A 26 3.43 8.99 3.92
C ASN A 26 4.78 9.65 3.62
N LYS A 27 5.88 8.97 3.96
CA LYS A 27 7.22 9.48 3.72
C LYS A 27 7.64 9.39 2.26
N ILE A 28 6.86 8.73 1.38
CA ILE A 28 7.10 8.75 -0.06
C ILE A 28 6.24 9.85 -0.68
N GLU A 29 6.87 10.64 -1.54
CA GLU A 29 6.26 11.76 -2.24
C GLU A 29 5.44 11.21 -3.41
N GLY A 30 4.27 11.79 -3.68
CA GLY A 30 3.41 11.39 -4.80
C GLY A 30 2.29 10.44 -4.39
N VAL A 31 2.25 10.04 -3.12
CA VAL A 31 1.18 9.24 -2.54
C VAL A 31 0.14 10.20 -1.96
N ALA A 32 -1.15 9.93 -2.20
CA ALA A 32 -2.25 10.71 -1.68
C ALA A 32 -2.73 10.09 -0.35
N ASN A 33 -3.08 8.80 -0.37
CA ASN A 33 -3.53 8.07 0.82
C ASN A 33 -3.07 6.63 0.71
N ALA A 34 -3.19 5.88 1.81
CA ALA A 34 -2.85 4.47 1.88
C ALA A 34 -3.40 3.78 3.13
N PRO A 35 -4.72 3.81 3.39
CA PRO A 35 -5.29 3.11 4.52
C PRO A 35 -5.07 1.59 4.38
N VAL A 36 -4.46 0.98 5.38
CA VAL A 36 -4.24 -0.46 5.45
C VAL A 36 -5.49 -1.15 6.00
N ASN A 37 -5.92 -2.23 5.35
CA ASN A 37 -7.07 -3.01 5.78
C ASN A 37 -6.58 -4.25 6.53
N PHE A 38 -6.45 -4.09 7.86
CA PHE A 38 -6.00 -5.13 8.78
C PHE A 38 -7.09 -6.18 8.99
N ALA A 39 -7.40 -6.92 7.92
CA ALA A 39 -8.39 -7.99 7.92
C ALA A 39 -8.09 -8.94 6.76
N LEU A 40 -8.00 -8.40 5.54
CA LEU A 40 -7.66 -9.17 4.33
C LEU A 40 -6.14 -9.26 4.16
N GLU A 41 -5.41 -8.44 4.92
CA GLU A 41 -3.96 -8.26 4.85
C GLU A 41 -3.63 -7.62 3.49
N THR A 42 -4.30 -6.49 3.26
CA THR A 42 -4.23 -5.74 2.01
C THR A 42 -4.16 -4.24 2.36
N VAL A 43 -3.46 -3.46 1.53
CA VAL A 43 -3.48 -2.00 1.59
C VAL A 43 -4.04 -1.48 0.27
N THR A 44 -4.84 -0.43 0.34
CA THR A 44 -5.35 0.28 -0.84
C THR A 44 -4.60 1.61 -0.90
N VAL A 45 -3.60 1.71 -1.78
CA VAL A 45 -2.81 2.92 -1.93
C VAL A 45 -3.43 3.78 -3.01
N GLU A 46 -3.73 5.04 -2.66
CA GLU A 46 -4.10 6.07 -3.60
C GLU A 46 -2.86 6.91 -3.85
N TYR A 47 -2.33 6.90 -5.08
CA TYR A 47 -1.17 7.70 -5.47
C TYR A 47 -1.36 8.22 -6.88
N ASN A 48 -0.46 9.11 -7.31
CA ASN A 48 -0.44 9.59 -8.69
C ASN A 48 0.70 8.90 -9.45
N PRO A 49 0.42 8.12 -10.52
CA PRO A 49 1.44 7.43 -11.28
C PRO A 49 2.16 8.41 -12.23
N LYS A 50 2.73 9.48 -11.66
CA LYS A 50 3.55 10.45 -12.36
C LYS A 50 4.60 11.05 -11.41
N GLU A 51 4.76 10.45 -10.22
CA GLU A 51 5.62 10.92 -9.14
C GLU A 51 6.13 9.68 -8.39
N ALA A 52 5.22 8.95 -7.74
CA ALA A 52 5.51 7.70 -7.07
C ALA A 52 5.29 6.55 -8.03
N SER A 53 5.85 5.40 -7.67
CA SER A 53 5.84 4.16 -8.44
C SER A 53 5.59 2.99 -7.49
N VAL A 54 4.76 2.04 -7.92
CA VAL A 54 4.41 0.86 -7.12
C VAL A 54 5.67 0.15 -6.61
N SER A 55 6.68 -0.03 -7.47
CA SER A 55 7.94 -0.66 -7.11
C SER A 55 8.71 0.11 -6.01
N ASP A 56 8.65 1.45 -6.02
CA ASP A 56 9.40 2.24 -5.05
C ASP A 56 8.79 2.01 -3.68
N LEU A 57 7.47 2.21 -3.60
CA LEU A 57 6.76 1.99 -2.36
C LEU A 57 6.85 0.52 -1.94
N LYS A 58 6.90 -0.41 -2.92
CA LYS A 58 7.19 -1.81 -2.63
C LYS A 58 8.47 -1.87 -1.80
N GLU A 59 9.58 -1.34 -2.33
CA GLU A 59 10.88 -1.40 -1.67
C GLU A 59 10.79 -0.79 -0.26
N ALA A 60 10.10 0.34 -0.14
CA ALA A 60 9.89 1.07 1.10
C ALA A 60 9.15 0.23 2.14
N VAL A 61 8.18 -0.58 1.70
CA VAL A 61 7.46 -1.51 2.55
C VAL A 61 8.36 -2.70 2.88
N ASP A 62 9.05 -3.25 1.88
CA ASP A 62 10.01 -4.33 2.03
C ASP A 62 11.01 -3.96 3.14
N LYS A 63 11.49 -2.71 3.10
CA LYS A 63 12.39 -2.13 4.07
C LYS A 63 11.88 -2.13 5.52
N LEU A 64 10.61 -2.47 5.77
CA LEU A 64 10.06 -2.61 7.12
C LEU A 64 10.13 -4.06 7.61
N GLY A 65 10.25 -5.05 6.72
CA GLY A 65 10.48 -6.44 7.10
C GLY A 65 9.54 -7.41 6.40
N TYR A 66 8.22 -7.17 6.52
CA TYR A 66 7.20 -7.95 5.82
C TYR A 66 7.31 -7.75 4.29
N LYS A 67 6.59 -8.53 3.50
CA LYS A 67 6.64 -8.44 2.03
C LYS A 67 5.26 -8.01 1.50
N LEU A 68 5.27 -7.43 0.29
CA LEU A 68 4.12 -6.85 -0.39
C LEU A 68 4.16 -7.33 -1.83
N LYS A 69 3.00 -7.37 -2.48
CA LYS A 69 2.79 -7.71 -3.88
C LYS A 69 1.51 -7.01 -4.36
N LEU A 70 1.22 -7.09 -5.65
CA LEU A 70 0.00 -6.52 -6.26
C LEU A 70 -1.22 -7.35 -5.92
N LYS A 71 -2.37 -6.68 -5.86
CA LYS A 71 -3.66 -7.26 -5.50
C LYS A 71 -4.82 -6.70 -6.34
N GLY A 72 -4.53 -6.35 -7.59
CA GLY A 72 -5.47 -5.65 -8.43
C GLY A 72 -5.43 -4.18 -8.05
N GLU A 73 -6.46 -3.45 -8.46
CA GLU A 73 -6.50 -2.01 -8.36
C GLU A 73 -7.95 -1.54 -8.23
N GLN A 74 -8.38 -1.15 -7.02
CA GLN A 74 -9.58 -0.39 -6.68
C GLN A 74 -10.53 -1.19 -5.80
N ASP A 75 -10.55 -0.87 -4.50
CA ASP A 75 -11.46 -1.35 -3.48
C ASP A 75 -12.88 -0.88 -3.76
N SER A 76 -13.45 -1.46 -4.81
CA SER A 76 -14.81 -1.21 -5.26
C SER A 76 -15.24 -2.32 -6.23
N ILE A 77 -15.11 -3.57 -5.75
CA ILE A 77 -15.50 -4.80 -6.45
C ILE A 77 -14.45 -5.17 -7.51
N GLU A 78 -13.80 -6.33 -7.34
CA GLU A 78 -12.80 -6.88 -8.24
C GLU A 78 -13.15 -8.35 -8.49
N GLY A 79 -13.02 -9.20 -7.46
CA GLY A 79 -13.15 -10.64 -7.57
C GLY A 79 -11.81 -11.21 -8.02
N ARG A 80 -11.36 -12.33 -7.42
CA ARG A 80 -9.98 -12.77 -7.58
C ARG A 80 -9.90 -14.28 -7.39
CU CU1 B . 3.56 -7.65 13.29
N MET A 1 -4.96 12.23 -13.81
CA MET A 1 -5.65 12.20 -12.50
C MET A 1 -5.02 11.10 -11.65
N THR A 2 -5.31 11.12 -10.35
CA THR A 2 -4.89 10.10 -9.38
C THR A 2 -5.55 8.76 -9.72
N GLU A 3 -4.99 7.64 -9.25
CA GLU A 3 -5.56 6.31 -9.36
C GLU A 3 -5.57 5.70 -7.97
N LYS A 4 -6.06 4.47 -7.89
CA LYS A 4 -6.10 3.64 -6.70
C LYS A 4 -5.47 2.30 -7.07
N ALA A 5 -4.54 1.81 -6.25
CA ALA A 5 -3.73 0.64 -6.49
C ALA A 5 -3.78 -0.17 -5.20
N GLU A 6 -3.91 -1.50 -5.25
CA GLU A 6 -4.19 -2.25 -4.05
C GLU A 6 -3.17 -3.36 -3.98
N PHE A 7 -2.61 -3.57 -2.78
CA PHE A 7 -1.49 -4.45 -2.55
C PHE A 7 -1.78 -5.34 -1.35
N ASP A 8 -1.25 -6.55 -1.39
CA ASP A 8 -1.43 -7.62 -0.41
C ASP A 8 -0.15 -7.66 0.41
N ILE A 9 -0.24 -7.73 1.74
CA ILE A 9 0.93 -7.66 2.61
C ILE A 9 1.03 -8.89 3.53
N GLU A 10 2.16 -9.61 3.46
CA GLU A 10 2.42 -10.79 4.27
C GLU A 10 3.44 -10.46 5.36
N GLY A 11 3.05 -10.68 6.63
CA GLY A 11 3.94 -10.67 7.79
C GLY A 11 3.49 -9.76 8.92
N MET A 12 2.46 -8.92 8.71
CA MET A 12 1.91 -8.01 9.69
C MET A 12 1.18 -8.76 10.80
N THR A 13 1.92 -9.21 11.80
CA THR A 13 1.39 -9.96 12.93
C THR A 13 0.67 -9.03 13.90
N CYS A 14 0.96 -7.72 13.87
CA CYS A 14 0.32 -6.76 14.76
C CYS A 14 -0.18 -5.52 14.01
N ALA A 15 -1.13 -4.81 14.62
CA ALA A 15 -1.66 -3.57 14.06
C ALA A 15 -0.56 -2.52 13.90
N ALA A 16 0.47 -2.55 14.76
CA ALA A 16 1.58 -1.61 14.66
C ALA A 16 2.35 -1.82 13.36
N CYS A 17 2.60 -3.08 12.97
CA CYS A 17 3.17 -3.42 11.68
C CYS A 17 2.33 -2.76 10.59
N ALA A 18 1.02 -2.97 10.64
CA ALA A 18 0.11 -2.41 9.67
C ALA A 18 0.23 -0.88 9.61
N ASN A 19 0.06 -0.17 10.73
CA ASN A 19 0.20 1.29 10.77
C ASN A 19 1.54 1.75 10.18
N ARG A 20 2.61 0.98 10.39
CA ARG A 20 3.91 1.29 9.85
C ARG A 20 3.90 1.27 8.32
N ILE A 21 3.07 0.43 7.69
CA ILE A 21 2.81 0.49 6.25
C ILE A 21 2.41 1.91 5.90
N GLU A 22 1.33 2.41 6.52
CA GLU A 22 0.79 3.73 6.21
C GLU A 22 1.87 4.78 6.39
N LYS A 23 2.58 4.73 7.52
CA LYS A 23 3.65 5.66 7.85
C LYS A 23 4.73 5.68 6.76
N ARG A 24 5.25 4.53 6.36
CA ARG A 24 6.24 4.46 5.30
C ARG A 24 5.65 4.95 3.98
N LEU A 25 4.46 4.47 3.60
CA LEU A 25 3.87 4.92 2.35
C LEU A 25 3.71 6.45 2.31
N ASN A 26 3.22 7.03 3.41
CA ASN A 26 3.10 8.48 3.57
C ASN A 26 4.43 9.20 3.37
N LYS A 27 5.54 8.57 3.76
CA LYS A 27 6.87 9.12 3.54
C LYS A 27 7.11 9.35 2.05
N ILE A 28 6.50 8.56 1.16
CA ILE A 28 6.73 8.73 -0.26
C ILE A 28 5.94 9.92 -0.78
N GLU A 29 6.66 10.82 -1.44
CA GLU A 29 6.17 12.00 -2.10
C GLU A 29 5.24 11.60 -3.27
N GLY A 30 4.09 12.27 -3.38
CA GLY A 30 3.15 12.08 -4.48
C GLY A 30 2.02 11.12 -4.12
N VAL A 31 2.09 10.46 -2.96
CA VAL A 31 1.00 9.62 -2.49
C VAL A 31 -0.09 10.52 -1.89
N ALA A 32 -1.35 10.25 -2.23
CA ALA A 32 -2.49 10.97 -1.68
C ALA A 32 -2.94 10.30 -0.39
N ASN A 33 -3.28 9.00 -0.44
CA ASN A 33 -3.74 8.24 0.71
C ASN A 33 -3.18 6.82 0.61
N ALA A 34 -3.27 6.07 1.70
CA ALA A 34 -2.81 4.70 1.78
C ALA A 34 -3.33 3.96 3.03
N PRO A 35 -4.66 3.92 3.27
CA PRO A 35 -5.20 3.19 4.39
C PRO A 35 -4.93 1.68 4.27
N VAL A 36 -4.43 1.06 5.34
CA VAL A 36 -4.24 -0.38 5.45
C VAL A 36 -5.41 -1.03 6.21
N ASN A 37 -5.62 -2.33 6.01
CA ASN A 37 -6.70 -3.06 6.65
C ASN A 37 -6.21 -4.36 7.28
N PHE A 38 -6.15 -4.38 8.62
CA PHE A 38 -5.73 -5.52 9.43
C PHE A 38 -6.84 -6.58 9.51
N ALA A 39 -7.22 -7.13 8.35
CA ALA A 39 -8.18 -8.22 8.26
C ALA A 39 -8.01 -8.99 6.94
N LEU A 40 -8.00 -8.25 5.82
CA LEU A 40 -7.73 -8.79 4.48
C LEU A 40 -6.24 -8.73 4.17
N GLU A 41 -5.46 -8.24 5.13
CA GLU A 41 -4.02 -8.04 5.06
C GLU A 41 -3.64 -7.39 3.72
N THR A 42 -4.36 -6.30 3.43
CA THR A 42 -4.32 -5.52 2.20
C THR A 42 -4.15 -4.04 2.57
N VAL A 43 -3.48 -3.27 1.70
CA VAL A 43 -3.45 -1.82 1.72
C VAL A 43 -3.92 -1.29 0.37
N THR A 44 -4.73 -0.22 0.39
CA THR A 44 -5.25 0.41 -0.82
C THR A 44 -4.59 1.78 -0.94
N VAL A 45 -3.62 1.92 -1.84
CA VAL A 45 -2.84 3.14 -2.02
C VAL A 45 -3.45 3.99 -3.12
N GLU A 46 -3.72 5.25 -2.78
CA GLU A 46 -4.15 6.26 -3.72
C GLU A 46 -2.97 7.18 -4.00
N TYR A 47 -2.45 7.13 -5.23
CA TYR A 47 -1.37 7.98 -5.70
C TYR A 47 -1.57 8.26 -7.18
N ASN A 48 -0.67 9.03 -7.77
CA ASN A 48 -0.62 9.26 -9.20
C ASN A 48 0.70 8.68 -9.70
N PRO A 49 0.71 7.91 -10.79
CA PRO A 49 1.92 7.31 -11.33
C PRO A 49 2.70 8.37 -12.12
N LYS A 50 3.11 9.44 -11.43
CA LYS A 50 3.84 10.56 -12.04
C LYS A 50 4.78 11.21 -11.02
N GLU A 51 5.08 10.50 -9.93
CA GLU A 51 5.96 10.92 -8.84
C GLU A 51 6.66 9.65 -8.35
N ALA A 52 5.88 8.77 -7.74
CA ALA A 52 6.30 7.47 -7.23
C ALA A 52 5.90 6.37 -8.20
N SER A 53 6.21 5.12 -7.85
CA SER A 53 5.83 3.94 -8.60
C SER A 53 5.57 2.80 -7.62
N VAL A 54 4.64 1.90 -7.99
CA VAL A 54 4.32 0.69 -7.22
C VAL A 54 5.59 -0.08 -6.82
N SER A 55 6.53 -0.25 -7.76
CA SER A 55 7.77 -0.99 -7.50
C SER A 55 8.62 -0.31 -6.42
N ASP A 56 8.69 1.03 -6.43
CA ASP A 56 9.50 1.77 -5.47
C ASP A 56 8.89 1.63 -4.08
N LEU A 57 7.60 1.95 -3.96
CA LEU A 57 6.88 1.81 -2.71
C LEU A 57 6.96 0.37 -2.19
N LYS A 58 7.01 -0.61 -3.12
CA LYS A 58 7.24 -1.99 -2.74
C LYS A 58 8.48 -2.03 -1.86
N GLU A 59 9.63 -1.60 -2.39
CA GLU A 59 10.90 -1.69 -1.69
C GLU A 59 10.82 -0.98 -0.34
N ALA A 60 10.16 0.17 -0.31
CA ALA A 60 10.02 0.99 0.89
C ALA A 60 9.28 0.23 2.00
N VAL A 61 8.22 -0.49 1.64
CA VAL A 61 7.50 -1.37 2.57
C VAL A 61 8.35 -2.60 2.90
N ASP A 62 8.95 -3.22 1.88
CA ASP A 62 9.87 -4.35 2.01
C ASP A 62 10.93 -4.03 3.07
N LYS A 63 11.43 -2.78 3.05
CA LYS A 63 12.40 -2.24 3.99
C LYS A 63 11.99 -2.42 5.46
N LEU A 64 10.67 -2.46 5.75
CA LEU A 64 10.16 -2.66 7.11
C LEU A 64 10.27 -4.13 7.54
N GLY A 65 10.38 -5.08 6.60
CA GLY A 65 10.68 -6.48 6.89
C GLY A 65 9.71 -7.40 6.14
N TYR A 66 8.42 -7.27 6.45
CA TYR A 66 7.34 -8.00 5.81
C TYR A 66 7.30 -7.72 4.30
N LYS A 67 6.58 -8.56 3.55
CA LYS A 67 6.53 -8.49 2.10
C LYS A 67 5.19 -7.93 1.64
N LEU A 68 5.20 -7.33 0.45
CA LEU A 68 4.06 -6.72 -0.21
C LEU A 68 4.17 -7.09 -1.68
N LYS A 69 3.04 -7.21 -2.35
CA LYS A 69 2.92 -7.39 -3.79
C LYS A 69 1.59 -6.78 -4.25
N LEU A 70 1.46 -6.57 -5.56
CA LEU A 70 0.24 -6.04 -6.15
C LEU A 70 -0.93 -7.00 -6.00
N LYS A 71 -2.12 -6.42 -5.83
CA LYS A 71 -3.39 -7.11 -5.79
C LYS A 71 -4.21 -6.74 -7.02
N GLY A 72 -4.48 -5.45 -7.19
CA GLY A 72 -5.29 -4.96 -8.29
C GLY A 72 -5.13 -3.46 -8.42
N GLU A 73 -5.82 -2.86 -9.39
CA GLU A 73 -5.76 -1.43 -9.66
C GLU A 73 -7.19 -0.91 -9.89
N GLN A 74 -7.70 -0.16 -8.92
CA GLN A 74 -8.96 0.59 -8.98
C GLN A 74 -10.17 -0.27 -8.66
N ASP A 75 -10.30 -0.63 -7.37
CA ASP A 75 -11.32 -1.55 -6.87
C ASP A 75 -12.08 -0.90 -5.71
N SER A 76 -13.05 -0.04 -6.04
CA SER A 76 -13.85 0.64 -5.03
C SER A 76 -14.91 -0.30 -4.42
N ILE A 77 -15.52 -1.16 -5.24
CA ILE A 77 -16.65 -1.98 -4.81
C ILE A 77 -16.23 -3.12 -3.87
N GLU A 78 -15.14 -3.83 -4.20
CA GLU A 78 -14.59 -4.93 -3.40
C GLU A 78 -13.28 -5.38 -4.04
N GLY A 79 -13.35 -5.72 -5.33
CA GLY A 79 -12.21 -6.22 -6.08
C GLY A 79 -12.02 -7.71 -5.82
N ARG A 80 -11.51 -8.07 -4.64
CA ARG A 80 -11.26 -9.45 -4.26
C ARG A 80 -10.85 -9.51 -2.79
CU CU1 B . 4.04 -6.72 14.22
N MET A 1 -5.86 13.20 -12.22
CA MET A 1 -4.85 12.14 -12.12
C MET A 1 -5.12 11.41 -10.81
N THR A 2 -4.16 10.65 -10.29
CA THR A 2 -4.24 9.78 -9.13
C THR A 2 -5.14 8.58 -9.42
N GLU A 3 -4.87 7.45 -8.75
CA GLU A 3 -5.63 6.22 -8.88
C GLU A 3 -5.36 5.41 -7.62
N LYS A 4 -6.31 4.52 -7.30
CA LYS A 4 -6.27 3.64 -6.14
C LYS A 4 -5.74 2.29 -6.63
N ALA A 5 -4.58 1.90 -6.11
CA ALA A 5 -3.89 0.65 -6.38
C ALA A 5 -4.10 -0.24 -5.17
N GLU A 6 -4.11 -1.56 -5.35
CA GLU A 6 -4.46 -2.48 -4.28
C GLU A 6 -3.31 -3.45 -4.24
N PHE A 7 -2.82 -3.70 -3.03
CA PHE A 7 -1.73 -4.59 -2.75
C PHE A 7 -2.12 -5.55 -1.64
N ASP A 8 -1.36 -6.63 -1.54
CA ASP A 8 -1.56 -7.76 -0.65
C ASP A 8 -0.29 -7.86 0.18
N ILE A 9 -0.43 -7.90 1.51
CA ILE A 9 0.68 -7.78 2.45
C ILE A 9 0.83 -9.07 3.25
N GLU A 10 2.06 -9.54 3.47
CA GLU A 10 2.34 -10.70 4.29
C GLU A 10 3.45 -10.41 5.29
N GLY A 11 3.19 -10.76 6.56
CA GLY A 11 4.14 -10.70 7.65
C GLY A 11 3.48 -10.10 8.89
N MET A 12 2.93 -8.87 8.76
CA MET A 12 2.30 -8.05 9.78
C MET A 12 1.73 -8.84 10.97
N THR A 13 2.56 -9.00 11.99
CA THR A 13 2.22 -9.72 13.19
C THR A 13 1.30 -8.87 14.05
N CYS A 14 1.57 -7.55 14.14
CA CYS A 14 0.84 -6.63 14.99
C CYS A 14 0.26 -5.48 14.17
N ALA A 15 -0.77 -4.83 14.71
CA ALA A 15 -1.36 -3.64 14.11
C ALA A 15 -0.30 -2.55 13.90
N ALA A 16 0.73 -2.50 14.75
CA ALA A 16 1.84 -1.58 14.57
C ALA A 16 2.59 -1.84 13.26
N CYS A 17 2.74 -3.10 12.83
CA CYS A 17 3.31 -3.41 11.52
C CYS A 17 2.48 -2.73 10.44
N ALA A 18 1.18 -2.98 10.46
CA ALA A 18 0.28 -2.39 9.49
C ALA A 18 0.36 -0.86 9.51
N ASN A 19 0.21 -0.24 10.68
CA ASN A 19 0.33 1.22 10.82
C ASN A 19 1.63 1.75 10.18
N ARG A 20 2.72 1.00 10.32
CA ARG A 20 4.01 1.35 9.75
C ARG A 20 3.97 1.42 8.22
N ILE A 21 3.11 0.63 7.58
CA ILE A 21 2.83 0.76 6.14
C ILE A 21 2.47 2.21 5.86
N GLU A 22 1.42 2.71 6.51
CA GLU A 22 0.88 4.04 6.23
C GLU A 22 1.97 5.09 6.43
N LYS A 23 2.71 5.01 7.54
CA LYS A 23 3.82 5.87 7.82
C LYS A 23 4.81 5.90 6.66
N ARG A 24 5.33 4.72 6.26
CA ARG A 24 6.30 4.67 5.18
C ARG A 24 5.73 5.17 3.87
N LEU A 25 4.52 4.74 3.51
CA LEU A 25 3.89 5.18 2.28
C LEU A 25 3.72 6.70 2.26
N ASN A 26 3.23 7.29 3.35
CA ASN A 26 3.11 8.74 3.49
C ASN A 26 4.47 9.41 3.28
N LYS A 27 5.54 8.75 3.74
CA LYS A 27 6.90 9.23 3.53
C LYS A 27 7.31 9.25 2.05
N ILE A 28 6.63 8.53 1.15
CA ILE A 28 6.85 8.62 -0.29
C ILE A 28 6.05 9.79 -0.84
N GLU A 29 6.70 10.61 -1.65
CA GLU A 29 6.11 11.75 -2.31
C GLU A 29 5.16 11.27 -3.41
N GLY A 30 4.05 11.97 -3.62
CA GLY A 30 3.05 11.62 -4.62
C GLY A 30 1.93 10.74 -4.05
N VAL A 31 2.11 10.20 -2.85
CA VAL A 31 1.08 9.39 -2.22
C VAL A 31 0.00 10.32 -1.65
N ALA A 32 -1.24 10.13 -2.11
CA ALA A 32 -2.40 10.88 -1.66
C ALA A 32 -2.97 10.26 -0.39
N ASN A 33 -3.08 8.92 -0.33
CA ASN A 33 -3.56 8.23 0.85
C ASN A 33 -3.19 6.75 0.75
N ALA A 34 -3.36 6.00 1.84
CA ALA A 34 -2.98 4.60 1.93
C ALA A 34 -3.52 3.89 3.18
N PRO A 35 -4.83 3.88 3.43
CA PRO A 35 -5.40 3.14 4.55
C PRO A 35 -5.17 1.63 4.37
N VAL A 36 -4.54 0.96 5.35
CA VAL A 36 -4.34 -0.49 5.36
C VAL A 36 -5.39 -1.19 6.23
N ASN A 37 -5.76 -2.42 5.87
CA ASN A 37 -6.84 -3.15 6.51
C ASN A 37 -6.39 -4.49 7.10
N PHE A 38 -6.35 -4.57 8.44
CA PHE A 38 -5.93 -5.73 9.20
C PHE A 38 -7.05 -6.78 9.26
N ALA A 39 -7.41 -7.35 8.10
CA ALA A 39 -8.38 -8.43 8.00
C ALA A 39 -8.33 -9.16 6.65
N LEU A 40 -8.11 -8.40 5.56
CA LEU A 40 -7.93 -8.94 4.21
C LEU A 40 -6.45 -9.03 3.88
N GLU A 41 -5.62 -8.37 4.70
CA GLU A 41 -4.19 -8.24 4.53
C GLU A 41 -3.90 -7.51 3.23
N THR A 42 -4.56 -6.35 3.07
CA THR A 42 -4.45 -5.50 1.91
C THR A 42 -4.40 -4.05 2.34
N VAL A 43 -3.72 -3.25 1.51
CA VAL A 43 -3.73 -1.79 1.57
C VAL A 43 -4.20 -1.29 0.21
N THR A 44 -5.03 -0.24 0.23
CA THR A 44 -5.49 0.48 -0.92
C THR A 44 -4.73 1.80 -0.95
N VAL A 45 -3.73 1.92 -1.82
CA VAL A 45 -2.86 3.09 -1.88
C VAL A 45 -3.33 3.98 -3.01
N GLU A 46 -3.62 5.25 -2.70
CA GLU A 46 -3.83 6.27 -3.71
C GLU A 46 -2.55 7.06 -3.92
N TYR A 47 -2.04 7.09 -5.15
CA TYR A 47 -0.90 7.89 -5.56
C TYR A 47 -1.07 8.23 -7.04
N ASN A 48 -0.14 9.00 -7.62
CA ASN A 48 -0.10 9.31 -9.03
C ASN A 48 1.12 8.64 -9.68
N PRO A 49 0.96 7.88 -10.76
CA PRO A 49 2.05 7.18 -11.43
C PRO A 49 2.88 8.18 -12.23
N LYS A 50 3.58 9.06 -11.55
CA LYS A 50 4.35 10.14 -12.12
C LYS A 50 5.55 10.47 -11.23
N GLU A 51 5.30 10.71 -9.94
CA GLU A 51 6.34 10.99 -8.95
C GLU A 51 6.49 9.86 -7.92
N ALA A 52 5.80 8.75 -8.13
CA ALA A 52 5.94 7.52 -7.37
C ALA A 52 5.66 6.37 -8.33
N SER A 53 6.14 5.17 -8.00
CA SER A 53 5.83 3.96 -8.71
C SER A 53 5.56 2.86 -7.69
N VAL A 54 4.76 1.88 -8.10
CA VAL A 54 4.38 0.75 -7.26
C VAL A 54 5.64 0.06 -6.71
N SER A 55 6.65 -0.17 -7.56
CA SER A 55 7.91 -0.76 -7.17
C SER A 55 8.62 0.00 -6.04
N ASP A 56 8.63 1.33 -6.10
CA ASP A 56 9.35 2.14 -5.13
C ASP A 56 8.72 1.93 -3.76
N LEU A 57 7.41 2.18 -3.71
CA LEU A 57 6.65 2.01 -2.48
C LEU A 57 6.70 0.56 -1.99
N LYS A 58 6.73 -0.41 -2.93
CA LYS A 58 6.92 -1.82 -2.61
C LYS A 58 8.22 -1.96 -1.80
N GLU A 59 9.34 -1.48 -2.36
CA GLU A 59 10.63 -1.57 -1.71
C GLU A 59 10.56 -0.90 -0.33
N ALA A 60 9.88 0.25 -0.25
CA ALA A 60 9.74 1.04 0.96
C ALA A 60 9.05 0.26 2.07
N VAL A 61 7.95 -0.45 1.77
CA VAL A 61 7.32 -1.30 2.76
C VAL A 61 8.19 -2.53 3.06
N ASP A 62 8.74 -3.16 2.01
CA ASP A 62 9.66 -4.28 2.14
C ASP A 62 10.76 -3.93 3.16
N LYS A 63 11.27 -2.69 3.08
CA LYS A 63 12.28 -2.16 3.99
C LYS A 63 11.91 -2.29 5.48
N LEU A 64 10.62 -2.39 5.81
CA LEU A 64 10.14 -2.56 7.18
C LEU A 64 10.27 -4.01 7.67
N GLY A 65 10.30 -5.00 6.77
CA GLY A 65 10.58 -6.38 7.11
C GLY A 65 9.59 -7.34 6.43
N TYR A 66 8.29 -7.10 6.63
CA TYR A 66 7.23 -7.84 5.95
C TYR A 66 7.27 -7.57 4.45
N LYS A 67 6.49 -8.33 3.67
CA LYS A 67 6.47 -8.20 2.22
C LYS A 67 5.09 -7.80 1.71
N LEU A 68 5.05 -7.30 0.48
CA LEU A 68 3.88 -6.74 -0.17
C LEU A 68 3.99 -7.15 -1.64
N LYS A 69 2.85 -7.27 -2.31
CA LYS A 69 2.74 -7.66 -3.70
C LYS A 69 1.50 -6.99 -4.29
N LEU A 70 1.43 -6.91 -5.61
CA LEU A 70 0.27 -6.35 -6.30
C LEU A 70 -0.98 -7.16 -5.99
N LYS A 71 -2.12 -6.46 -5.98
CA LYS A 71 -3.44 -7.06 -5.88
C LYS A 71 -4.34 -6.63 -7.04
N GLY A 72 -4.40 -5.32 -7.32
CA GLY A 72 -5.23 -4.79 -8.39
C GLY A 72 -5.35 -3.28 -8.24
N GLU A 73 -6.53 -2.73 -8.51
CA GLU A 73 -6.83 -1.31 -8.42
C GLU A 73 -8.35 -1.14 -8.22
N GLN A 74 -8.75 0.05 -7.76
CA GLN A 74 -10.15 0.45 -7.52
C GLN A 74 -10.87 -0.43 -6.50
N ASP A 75 -10.80 -0.03 -5.22
CA ASP A 75 -11.64 -0.54 -4.15
C ASP A 75 -12.81 0.43 -3.99
N SER A 76 -13.87 0.16 -4.73
CA SER A 76 -15.17 0.80 -4.55
C SER A 76 -16.28 -0.10 -5.10
N ILE A 77 -16.60 -1.18 -4.38
CA ILE A 77 -17.66 -2.14 -4.70
C ILE A 77 -17.67 -2.49 -6.19
N GLU A 78 -16.53 -2.99 -6.69
CA GLU A 78 -16.36 -3.28 -8.11
C GLU A 78 -17.33 -4.38 -8.56
N GLY A 79 -17.24 -5.58 -7.99
CA GLY A 79 -18.17 -6.64 -8.34
C GLY A 79 -17.88 -8.01 -7.72
N ARG A 80 -16.88 -8.72 -8.26
CA ARG A 80 -16.79 -10.18 -8.18
C ARG A 80 -15.47 -10.58 -7.51
CU CU1 B . 4.47 -6.35 14.17
N MET A 1 -7.94 12.28 -10.97
CA MET A 1 -6.58 12.77 -10.68
C MET A 1 -5.72 11.56 -10.32
N THR A 2 -5.71 11.18 -9.04
CA THR A 2 -5.00 10.02 -8.56
C THR A 2 -5.79 8.75 -8.90
N GLU A 3 -5.22 7.58 -8.64
CA GLU A 3 -5.81 6.27 -8.82
C GLU A 3 -5.62 5.54 -7.50
N LYS A 4 -6.47 4.55 -7.28
CA LYS A 4 -6.46 3.67 -6.11
C LYS A 4 -5.95 2.30 -6.53
N ALA A 5 -4.81 1.91 -5.97
CA ALA A 5 -4.10 0.66 -6.25
C ALA A 5 -4.22 -0.24 -5.03
N GLU A 6 -4.07 -1.56 -5.20
CA GLU A 6 -4.39 -2.50 -4.14
C GLU A 6 -3.26 -3.50 -4.13
N PHE A 7 -2.73 -3.78 -2.94
CA PHE A 7 -1.58 -4.64 -2.72
C PHE A 7 -1.86 -5.60 -1.58
N ASP A 8 -1.28 -6.80 -1.71
CA ASP A 8 -1.31 -7.93 -0.79
C ASP A 8 -0.14 -7.67 0.15
N ILE A 9 -0.28 -7.90 1.44
CA ILE A 9 0.88 -7.93 2.34
C ILE A 9 0.93 -9.27 3.07
N GLU A 10 2.14 -9.74 3.36
CA GLU A 10 2.38 -10.82 4.30
C GLU A 10 3.35 -10.35 5.38
N GLY A 11 2.90 -10.45 6.63
CA GLY A 11 3.71 -10.46 7.83
C GLY A 11 3.25 -9.46 8.90
N MET A 12 2.17 -8.70 8.66
CA MET A 12 1.68 -7.77 9.67
C MET A 12 0.90 -8.52 10.75
N THR A 13 1.61 -9.11 11.71
CA THR A 13 1.01 -9.79 12.84
C THR A 13 0.34 -8.76 13.76
N CYS A 14 0.87 -7.53 13.81
CA CYS A 14 0.40 -6.47 14.67
C CYS A 14 -0.12 -5.27 13.87
N ALA A 15 -1.19 -4.63 14.35
CA ALA A 15 -1.65 -3.38 13.77
C ALA A 15 -0.54 -2.32 13.80
N ALA A 16 0.39 -2.43 14.75
CA ALA A 16 1.55 -1.57 14.87
C ALA A 16 2.54 -1.75 13.72
N CYS A 17 2.48 -2.87 12.99
CA CYS A 17 3.20 -3.09 11.74
C CYS A 17 2.44 -2.41 10.60
N ALA A 18 1.13 -2.69 10.53
CA ALA A 18 0.25 -2.06 9.56
C ALA A 18 0.43 -0.54 9.54
N ASN A 19 0.25 0.11 10.69
CA ASN A 19 0.39 1.55 10.79
C ASN A 19 1.79 2.04 10.39
N ARG A 20 2.82 1.21 10.61
CA ARG A 20 4.17 1.52 10.16
C ARG A 20 4.21 1.63 8.64
N ILE A 21 3.50 0.73 7.94
CA ILE A 21 3.42 0.81 6.49
C ILE A 21 2.76 2.13 6.11
N GLU A 22 1.64 2.47 6.75
CA GLU A 22 0.94 3.73 6.51
C GLU A 22 1.91 4.89 6.60
N LYS A 23 2.70 4.91 7.68
CA LYS A 23 3.71 5.92 7.92
C LYS A 23 4.74 5.98 6.78
N ARG A 24 5.40 4.87 6.45
CA ARG A 24 6.38 4.87 5.37
C ARG A 24 5.75 5.31 4.04
N LEU A 25 4.59 4.73 3.70
CA LEU A 25 3.91 5.03 2.45
C LEU A 25 3.58 6.52 2.38
N ASN A 26 3.03 7.08 3.45
CA ASN A 26 2.79 8.53 3.56
C ASN A 26 4.06 9.32 3.28
N LYS A 27 5.22 8.81 3.72
CA LYS A 27 6.50 9.47 3.48
C LYS A 27 6.91 9.48 2.00
N ILE A 28 6.29 8.66 1.12
CA ILE A 28 6.63 8.66 -0.29
C ILE A 28 6.07 9.93 -0.93
N GLU A 29 6.85 10.52 -1.84
CA GLU A 29 6.51 11.76 -2.52
C GLU A 29 5.66 11.43 -3.74
N GLY A 30 4.47 12.03 -3.84
CA GLY A 30 3.51 11.77 -4.90
C GLY A 30 2.51 10.65 -4.54
N VAL A 31 2.33 10.39 -3.24
CA VAL A 31 1.27 9.55 -2.72
C VAL A 31 0.10 10.45 -2.29
N ALA A 32 -1.12 9.91 -2.26
CA ALA A 32 -2.29 10.59 -1.71
C ALA A 32 -2.66 9.98 -0.36
N ASN A 33 -2.91 8.66 -0.31
CA ASN A 33 -3.30 7.96 0.91
C ASN A 33 -2.80 6.52 0.84
N ALA A 34 -2.86 5.81 1.98
CA ALA A 34 -2.42 4.42 2.08
C ALA A 34 -2.91 3.73 3.36
N PRO A 35 -4.22 3.71 3.66
CA PRO A 35 -4.73 3.01 4.84
C PRO A 35 -4.57 1.49 4.68
N VAL A 36 -3.97 0.81 5.66
CA VAL A 36 -3.80 -0.63 5.63
C VAL A 36 -5.04 -1.33 6.18
N ASN A 37 -5.58 -2.30 5.43
CA ASN A 37 -6.79 -3.01 5.78
C ASN A 37 -6.41 -4.26 6.60
N PHE A 38 -6.27 -4.06 7.92
CA PHE A 38 -5.90 -5.10 8.88
C PHE A 38 -7.02 -6.12 9.09
N ALA A 39 -7.25 -6.95 8.09
CA ALA A 39 -8.15 -8.10 8.14
C ALA A 39 -7.83 -9.06 6.99
N LEU A 40 -7.88 -8.53 5.77
CA LEU A 40 -7.56 -9.26 4.54
C LEU A 40 -6.04 -9.41 4.40
N GLU A 41 -5.29 -8.50 5.03
CA GLU A 41 -3.86 -8.30 4.86
C GLU A 41 -3.61 -7.71 3.46
N THR A 42 -4.35 -6.62 3.20
CA THR A 42 -4.34 -5.82 1.99
C THR A 42 -4.06 -4.37 2.41
N VAL A 43 -3.40 -3.59 1.54
CA VAL A 43 -3.37 -2.14 1.63
C VAL A 43 -3.89 -1.58 0.32
N THR A 44 -4.72 -0.53 0.40
CA THR A 44 -5.20 0.20 -0.75
C THR A 44 -4.45 1.53 -0.75
N VAL A 45 -3.59 1.76 -1.74
CA VAL A 45 -2.78 2.96 -1.83
C VAL A 45 -3.37 3.87 -2.89
N GLU A 46 -3.69 5.10 -2.51
CA GLU A 46 -4.11 6.13 -3.42
C GLU A 46 -2.87 6.92 -3.81
N TYR A 47 -2.52 6.97 -5.09
CA TYR A 47 -1.36 7.70 -5.58
C TYR A 47 -1.56 8.09 -7.04
N ASN A 48 -0.55 8.72 -7.64
CA ASN A 48 -0.50 9.06 -9.05
C ASN A 48 0.88 8.68 -9.61
N PRO A 49 0.95 7.93 -10.71
CA PRO A 49 2.21 7.45 -11.26
C PRO A 49 2.96 8.61 -11.92
N LYS A 50 3.61 9.43 -11.10
CA LYS A 50 4.37 10.59 -11.54
C LYS A 50 5.72 10.62 -10.82
N GLU A 51 5.69 10.67 -9.49
CA GLU A 51 6.86 10.72 -8.63
C GLU A 51 6.98 9.42 -7.81
N ALA A 52 5.84 8.84 -7.43
CA ALA A 52 5.75 7.54 -6.77
C ALA A 52 5.43 6.50 -7.84
N SER A 53 5.96 5.29 -7.68
CA SER A 53 5.60 4.12 -8.44
C SER A 53 5.28 2.98 -7.49
N VAL A 54 4.55 1.99 -8.00
CA VAL A 54 4.28 0.75 -7.29
C VAL A 54 5.60 0.11 -6.82
N SER A 55 6.61 0.02 -7.68
CA SER A 55 7.92 -0.52 -7.32
C SER A 55 8.57 0.22 -6.15
N ASP A 56 8.60 1.55 -6.19
CA ASP A 56 9.28 2.35 -5.17
C ASP A 56 8.63 2.06 -3.82
N LEU A 57 7.31 2.22 -3.77
CA LEU A 57 6.56 2.03 -2.55
C LEU A 57 6.67 0.57 -2.09
N LYS A 58 6.69 -0.39 -3.02
CA LYS A 58 6.87 -1.80 -2.72
C LYS A 58 8.18 -1.94 -1.93
N GLU A 59 9.28 -1.43 -2.48
CA GLU A 59 10.58 -1.55 -1.84
C GLU A 59 10.54 -0.89 -0.46
N ALA A 60 9.90 0.27 -0.35
CA ALA A 60 9.72 0.99 0.91
C ALA A 60 8.98 0.13 1.94
N VAL A 61 7.94 -0.61 1.54
CA VAL A 61 7.31 -1.57 2.44
C VAL A 61 8.29 -2.70 2.77
N ASP A 62 8.94 -3.28 1.76
CA ASP A 62 9.92 -4.35 1.95
C ASP A 62 10.96 -3.91 2.99
N LYS A 63 11.38 -2.64 2.94
CA LYS A 63 12.30 -2.03 3.89
C LYS A 63 11.86 -2.23 5.36
N LEU A 64 10.56 -2.28 5.64
CA LEU A 64 10.04 -2.51 6.98
C LEU A 64 10.19 -3.98 7.39
N GLY A 65 10.28 -4.91 6.44
CA GLY A 65 10.57 -6.32 6.68
C GLY A 65 9.53 -7.22 6.02
N TYR A 66 8.26 -7.05 6.39
CA TYR A 66 7.16 -7.76 5.77
C TYR A 66 7.08 -7.44 4.28
N LYS A 67 6.51 -8.37 3.50
CA LYS A 67 6.55 -8.28 2.04
C LYS A 67 5.19 -7.99 1.46
N LEU A 68 5.18 -7.41 0.26
CA LEU A 68 4.04 -6.83 -0.41
C LEU A 68 4.09 -7.29 -1.86
N LYS A 69 2.93 -7.41 -2.49
CA LYS A 69 2.74 -7.76 -3.89
C LYS A 69 1.46 -7.09 -4.39
N LEU A 70 1.18 -7.17 -5.69
CA LEU A 70 0.03 -6.52 -6.31
C LEU A 70 -1.27 -7.27 -6.03
N LYS A 71 -2.38 -6.52 -6.01
CA LYS A 71 -3.72 -7.05 -5.76
C LYS A 71 -4.78 -6.54 -6.76
N GLY A 72 -4.35 -6.08 -7.93
CA GLY A 72 -5.25 -5.67 -8.99
C GLY A 72 -5.67 -4.22 -8.79
N GLU A 73 -4.79 -3.31 -9.22
CA GLU A 73 -4.99 -1.87 -9.09
C GLU A 73 -6.03 -1.36 -10.09
N GLN A 74 -7.28 -1.80 -9.92
CA GLN A 74 -8.44 -1.43 -10.74
C GLN A 74 -9.62 -1.02 -9.84
N ASP A 75 -9.30 -0.44 -8.67
CA ASP A 75 -10.23 0.13 -7.71
C ASP A 75 -11.02 -0.94 -6.94
N SER A 76 -10.37 -1.55 -5.94
CA SER A 76 -10.95 -2.59 -5.09
C SER A 76 -11.28 -3.83 -5.91
N ILE A 77 -10.24 -4.54 -6.37
CA ILE A 77 -10.29 -5.54 -7.43
C ILE A 77 -11.25 -5.11 -8.56
N GLU A 78 -11.94 -6.07 -9.18
CA GLU A 78 -13.08 -5.88 -10.04
C GLU A 78 -13.71 -7.28 -10.12
N GLY A 79 -15.04 -7.41 -10.02
CA GLY A 79 -15.70 -8.71 -10.12
C GLY A 79 -16.91 -8.80 -9.18
N ARG A 80 -16.89 -9.75 -8.24
CA ARG A 80 -17.99 -10.09 -7.36
C ARG A 80 -17.41 -10.95 -6.24
CU CU1 B . 3.84 -7.18 13.56
N MET A 1 -3.32 9.64 -13.66
CA MET A 1 -3.20 10.74 -12.68
C MET A 1 -3.35 10.11 -11.31
N THR A 2 -3.89 10.79 -10.30
CA THR A 2 -4.12 10.16 -9.01
C THR A 2 -5.13 9.01 -9.20
N GLU A 3 -4.82 7.80 -8.72
CA GLU A 3 -5.54 6.58 -8.97
C GLU A 3 -5.35 5.71 -7.73
N LYS A 4 -6.13 4.64 -7.67
CA LYS A 4 -6.25 3.73 -6.54
C LYS A 4 -5.74 2.36 -6.96
N ALA A 5 -4.68 1.90 -6.32
CA ALA A 5 -4.08 0.60 -6.51
C ALA A 5 -4.42 -0.24 -5.28
N GLU A 6 -4.18 -1.56 -5.35
CA GLU A 6 -4.45 -2.43 -4.23
C GLU A 6 -3.34 -3.46 -4.21
N PHE A 7 -2.80 -3.73 -3.03
CA PHE A 7 -1.70 -4.63 -2.79
C PHE A 7 -2.00 -5.54 -1.61
N ASP A 8 -1.43 -6.74 -1.63
CA ASP A 8 -1.47 -7.80 -0.62
C ASP A 8 -0.27 -7.55 0.29
N ILE A 9 -0.39 -7.73 1.62
CA ILE A 9 0.77 -7.65 2.51
C ILE A 9 0.88 -8.90 3.37
N GLU A 10 2.08 -9.46 3.49
CA GLU A 10 2.35 -10.59 4.39
C GLU A 10 3.44 -10.24 5.39
N GLY A 11 3.19 -10.52 6.66
CA GLY A 11 4.17 -10.48 7.73
C GLY A 11 3.59 -9.84 8.99
N MET A 12 2.92 -8.69 8.85
CA MET A 12 2.32 -7.86 9.88
C MET A 12 1.88 -8.64 11.13
N THR A 13 2.79 -8.71 12.09
CA THR A 13 2.61 -9.44 13.34
C THR A 13 1.67 -8.67 14.26
N CYS A 14 1.51 -7.36 14.05
CA CYS A 14 0.59 -6.56 14.83
C CYS A 14 0.08 -5.38 13.99
N ALA A 15 -1.02 -4.78 14.43
CA ALA A 15 -1.59 -3.59 13.78
C ALA A 15 -0.55 -2.47 13.66
N ALA A 16 0.43 -2.41 14.57
CA ALA A 16 1.48 -1.41 14.48
C ALA A 16 2.28 -1.58 13.18
N CYS A 17 2.53 -2.82 12.72
CA CYS A 17 3.16 -3.05 11.42
C CYS A 17 2.34 -2.37 10.33
N ALA A 18 1.05 -2.67 10.31
CA ALA A 18 0.11 -2.12 9.36
C ALA A 18 0.21 -0.57 9.37
N ASN A 19 0.07 0.03 10.55
CA ASN A 19 0.15 1.49 10.70
C ASN A 19 1.52 2.02 10.27
N ARG A 20 2.60 1.27 10.52
CA ARG A 20 3.95 1.59 10.08
C ARG A 20 3.99 1.71 8.56
N ILE A 21 3.31 0.80 7.86
CA ILE A 21 3.26 0.88 6.41
C ILE A 21 2.67 2.23 6.00
N GLU A 22 1.52 2.61 6.57
CA GLU A 22 0.86 3.87 6.26
C GLU A 22 1.84 5.03 6.40
N LYS A 23 2.55 5.07 7.53
CA LYS A 23 3.59 6.03 7.81
C LYS A 23 4.60 6.10 6.66
N ARG A 24 5.23 4.97 6.33
CA ARG A 24 6.23 4.96 5.26
C ARG A 24 5.63 5.36 3.92
N LEU A 25 4.47 4.82 3.57
CA LEU A 25 3.78 5.12 2.31
C LEU A 25 3.56 6.63 2.21
N ASN A 26 2.98 7.23 3.24
CA ASN A 26 2.78 8.67 3.32
C ASN A 26 4.10 9.42 3.16
N LYS A 27 5.20 8.88 3.71
CA LYS A 27 6.51 9.49 3.58
C LYS A 27 6.95 9.58 2.11
N ILE A 28 6.46 8.68 1.23
CA ILE A 28 6.83 8.74 -0.18
C ILE A 28 6.09 9.90 -0.84
N GLU A 29 6.85 10.68 -1.60
CA GLU A 29 6.35 11.89 -2.22
C GLU A 29 5.55 11.51 -3.47
N GLY A 30 4.36 12.10 -3.62
CA GLY A 30 3.43 11.76 -4.69
C GLY A 30 2.53 10.57 -4.34
N VAL A 31 2.38 10.26 -3.04
CA VAL A 31 1.32 9.40 -2.52
C VAL A 31 0.24 10.30 -1.92
N ALA A 32 -1.03 9.99 -2.17
CA ALA A 32 -2.17 10.72 -1.64
C ALA A 32 -2.66 10.07 -0.35
N ASN A 33 -2.86 8.75 -0.35
CA ASN A 33 -3.37 8.02 0.81
C ASN A 33 -2.89 6.57 0.70
N ALA A 34 -3.01 5.80 1.77
CA ALA A 34 -2.78 4.37 1.75
C ALA A 34 -3.22 3.68 3.04
N PRO A 35 -4.52 3.66 3.37
CA PRO A 35 -5.00 2.93 4.54
C PRO A 35 -4.84 1.41 4.31
N VAL A 36 -4.25 0.69 5.27
CA VAL A 36 -4.13 -0.77 5.24
C VAL A 36 -5.11 -1.41 6.22
N ASN A 37 -5.72 -2.54 5.83
CA ASN A 37 -6.62 -3.27 6.71
C ASN A 37 -5.85 -4.28 7.55
N PHE A 38 -6.59 -4.96 8.45
CA PHE A 38 -6.06 -6.09 9.21
C PHE A 38 -7.13 -7.19 9.20
N ALA A 39 -7.63 -7.52 8.00
CA ALA A 39 -8.68 -8.51 7.82
C ALA A 39 -8.53 -9.32 6.53
N LEU A 40 -8.15 -8.67 5.43
CA LEU A 40 -7.91 -9.32 4.13
C LEU A 40 -6.45 -9.20 3.74
N GLU A 41 -5.67 -8.51 4.57
CA GLU A 41 -4.23 -8.31 4.45
C GLU A 41 -3.94 -7.56 3.16
N THR A 42 -4.62 -6.43 3.01
CA THR A 42 -4.61 -5.59 1.83
C THR A 42 -4.44 -4.12 2.22
N VAL A 43 -3.71 -3.38 1.39
CA VAL A 43 -3.59 -1.92 1.44
C VAL A 43 -4.01 -1.34 0.09
N THR A 44 -4.84 -0.29 0.14
CA THR A 44 -5.38 0.39 -1.00
C THR A 44 -4.63 1.71 -1.16
N VAL A 45 -3.52 1.71 -1.90
CA VAL A 45 -2.70 2.90 -2.05
C VAL A 45 -3.35 3.82 -3.07
N GLU A 46 -3.59 5.08 -2.66
CA GLU A 46 -4.01 6.15 -3.53
C GLU A 46 -2.78 6.98 -3.86
N TYR A 47 -2.38 7.02 -5.13
CA TYR A 47 -1.20 7.79 -5.55
C TYR A 47 -1.32 8.09 -7.04
N ASN A 48 -0.36 8.87 -7.55
CA ASN A 48 -0.23 9.22 -8.95
C ASN A 48 1.11 8.75 -9.48
N PRO A 49 1.14 7.96 -10.58
CA PRO A 49 2.37 7.47 -11.18
C PRO A 49 3.08 8.63 -11.89
N LYS A 50 3.75 9.47 -11.10
CA LYS A 50 4.58 10.55 -11.60
C LYS A 50 5.88 10.61 -10.80
N GLU A 51 5.77 10.65 -9.47
CA GLU A 51 6.91 10.73 -8.56
C GLU A 51 7.05 9.43 -7.74
N ALA A 52 5.93 8.89 -7.25
CA ALA A 52 5.88 7.58 -6.65
C ALA A 52 5.56 6.56 -7.74
N SER A 53 5.77 5.28 -7.43
CA SER A 53 5.31 4.14 -8.21
C SER A 53 5.22 2.91 -7.30
N VAL A 54 4.58 1.87 -7.83
CA VAL A 54 4.30 0.64 -7.10
C VAL A 54 5.59 -0.05 -6.70
N SER A 55 6.56 -0.17 -7.61
CA SER A 55 7.88 -0.69 -7.34
C SER A 55 8.57 0.03 -6.18
N ASP A 56 8.49 1.37 -6.15
CA ASP A 56 9.24 2.20 -5.22
C ASP A 56 8.70 1.92 -3.82
N LEU A 57 7.39 2.05 -3.68
CA LEU A 57 6.74 1.77 -2.41
C LEU A 57 6.93 0.29 -2.03
N LYS A 58 6.96 -0.63 -3.00
CA LYS A 58 7.30 -2.02 -2.73
C LYS A 58 8.64 -2.07 -1.96
N GLU A 59 9.66 -1.37 -2.46
CA GLU A 59 10.96 -1.35 -1.81
C GLU A 59 10.80 -0.86 -0.36
N ALA A 60 9.99 0.18 -0.16
CA ALA A 60 9.73 0.77 1.14
C ALA A 60 9.07 -0.24 2.10
N VAL A 61 8.13 -1.03 1.59
CA VAL A 61 7.55 -2.14 2.35
C VAL A 61 8.68 -3.08 2.78
N ASP A 62 9.45 -3.58 1.80
CA ASP A 62 10.53 -4.52 2.06
C ASP A 62 11.47 -3.94 3.11
N LYS A 63 11.75 -2.63 3.01
CA LYS A 63 12.58 -1.88 3.94
C LYS A 63 12.09 -2.00 5.39
N LEU A 64 10.77 -2.13 5.61
CA LEU A 64 10.20 -2.33 6.93
C LEU A 64 10.38 -3.78 7.38
N GLY A 65 10.15 -4.74 6.48
CA GLY A 65 10.46 -6.15 6.73
C GLY A 65 9.44 -7.09 6.11
N TYR A 66 8.15 -6.80 6.33
CA TYR A 66 7.06 -7.57 5.74
C TYR A 66 7.10 -7.45 4.22
N LYS A 67 6.46 -8.39 3.52
CA LYS A 67 6.41 -8.44 2.06
C LYS A 67 5.09 -7.83 1.60
N LEU A 68 5.06 -7.37 0.34
CA LEU A 68 3.90 -6.82 -0.34
C LEU A 68 3.96 -7.29 -1.78
N LYS A 69 2.81 -7.36 -2.44
CA LYS A 69 2.64 -7.75 -3.84
C LYS A 69 1.35 -7.11 -4.36
N LEU A 70 1.15 -7.13 -5.67
CA LEU A 70 0.00 -6.54 -6.33
C LEU A 70 -1.31 -7.26 -6.00
N LYS A 71 -2.41 -6.51 -6.04
CA LYS A 71 -3.77 -6.99 -5.88
C LYS A 71 -4.71 -6.30 -6.89
N GLY A 72 -6.00 -6.12 -6.54
CA GLY A 72 -7.03 -5.68 -7.46
C GLY A 72 -7.10 -4.16 -7.51
N GLU A 73 -6.29 -3.55 -8.37
CA GLU A 73 -6.30 -2.11 -8.56
C GLU A 73 -7.73 -1.57 -8.79
N GLN A 74 -8.05 -0.45 -8.14
CA GLN A 74 -9.38 0.15 -8.04
C GLN A 74 -10.43 -0.73 -7.31
N ASP A 75 -10.75 -0.33 -6.08
CA ASP A 75 -11.89 -0.81 -5.31
C ASP A 75 -13.00 0.21 -5.53
N SER A 76 -13.84 -0.07 -6.51
CA SER A 76 -15.06 0.68 -6.78
C SER A 76 -16.27 -0.25 -6.93
N ILE A 77 -16.19 -1.27 -7.79
CA ILE A 77 -17.28 -2.19 -8.09
C ILE A 77 -16.72 -3.59 -8.40
N GLU A 78 -15.87 -4.11 -7.52
CA GLU A 78 -15.33 -5.46 -7.67
C GLU A 78 -16.42 -6.49 -7.30
N GLY A 79 -16.24 -7.75 -7.73
CA GLY A 79 -17.30 -8.77 -7.73
C GLY A 79 -16.84 -10.07 -7.07
N ARG A 80 -16.45 -9.97 -5.79
CA ARG A 80 -15.75 -11.01 -5.04
C ARG A 80 -14.30 -11.17 -5.54
CU CU1 B . 4.01 -5.57 14.30
N MET A 1 -6.37 11.73 -12.92
CA MET A 1 -6.88 12.18 -11.62
C MET A 1 -6.53 11.12 -10.58
N THR A 2 -5.26 11.11 -10.13
CA THR A 2 -4.69 10.02 -9.35
C THR A 2 -4.89 8.64 -10.03
N GLU A 3 -4.60 7.54 -9.33
CA GLU A 3 -5.07 6.21 -9.68
C GLU A 3 -5.42 5.52 -8.36
N LYS A 4 -5.98 4.32 -8.48
CA LYS A 4 -6.25 3.41 -7.38
C LYS A 4 -5.48 2.13 -7.64
N ALA A 5 -4.78 1.62 -6.62
CA ALA A 5 -4.01 0.38 -6.67
C ALA A 5 -4.25 -0.39 -5.38
N GLU A 6 -4.00 -1.70 -5.36
CA GLU A 6 -4.25 -2.52 -4.19
C GLU A 6 -3.14 -3.56 -4.12
N PHE A 7 -2.61 -3.78 -2.91
CA PHE A 7 -1.49 -4.65 -2.66
C PHE A 7 -1.79 -5.55 -1.47
N ASP A 8 -1.32 -6.79 -1.58
CA ASP A 8 -1.50 -7.86 -0.62
C ASP A 8 -0.25 -7.85 0.23
N ILE A 9 -0.39 -7.81 1.55
CA ILE A 9 0.73 -7.74 2.47
C ILE A 9 0.80 -9.02 3.29
N GLU A 10 2.02 -9.52 3.51
CA GLU A 10 2.29 -10.70 4.31
C GLU A 10 3.25 -10.29 5.43
N GLY A 11 2.80 -10.41 6.67
CA GLY A 11 3.66 -10.37 7.85
C GLY A 11 3.21 -9.37 8.91
N MET A 12 2.18 -8.56 8.63
CA MET A 12 1.70 -7.56 9.57
C MET A 12 0.92 -8.23 10.70
N THR A 13 1.63 -8.86 11.63
CA THR A 13 1.04 -9.50 12.78
C THR A 13 0.48 -8.45 13.75
N CYS A 14 1.06 -7.24 13.73
CA CYS A 14 0.75 -6.20 14.68
C CYS A 14 0.33 -4.91 13.97
N ALA A 15 -0.68 -4.22 14.51
CA ALA A 15 -1.20 -2.98 13.94
C ALA A 15 -0.12 -1.91 13.75
N ALA A 16 0.94 -1.99 14.55
CA ALA A 16 2.13 -1.18 14.37
C ALA A 16 2.72 -1.36 12.97
N CYS A 17 2.87 -2.61 12.52
CA CYS A 17 3.41 -2.94 11.21
C CYS A 17 2.58 -2.24 10.14
N ALA A 18 1.26 -2.43 10.23
CA ALA A 18 0.31 -1.79 9.35
C ALA A 18 0.48 -0.26 9.36
N ASN A 19 0.44 0.37 10.52
CA ASN A 19 0.66 1.82 10.62
C ASN A 19 1.99 2.24 9.98
N ARG A 20 3.04 1.40 10.12
CA ARG A 20 4.33 1.67 9.53
C ARG A 20 4.22 1.76 8.01
N ILE A 21 3.32 1.00 7.38
CA ILE A 21 3.09 1.09 5.94
C ILE A 21 2.76 2.53 5.60
N GLU A 22 1.68 3.05 6.18
CA GLU A 22 1.11 4.32 5.81
C GLU A 22 2.14 5.44 5.99
N LYS A 23 2.85 5.38 7.12
CA LYS A 23 3.98 6.24 7.37
C LYS A 23 5.03 6.15 6.25
N ARG A 24 5.49 4.94 5.91
CA ARG A 24 6.50 4.81 4.86
C ARG A 24 5.98 5.36 3.54
N LEU A 25 4.76 4.99 3.16
CA LEU A 25 4.14 5.50 1.94
C LEU A 25 4.15 7.02 1.93
N ASN A 26 3.67 7.65 3.00
CA ASN A 26 3.76 9.10 3.16
C ASN A 26 5.20 9.57 2.98
N LYS A 27 6.16 8.84 3.55
CA LYS A 27 7.58 9.19 3.46
C LYS A 27 8.12 9.13 2.02
N ILE A 28 7.39 8.56 1.06
CA ILE A 28 7.75 8.65 -0.36
C ILE A 28 7.40 10.01 -0.97
N GLU A 29 6.65 10.79 -0.21
CA GLU A 29 6.21 12.14 -0.50
C GLU A 29 5.50 12.20 -1.87
N GLY A 30 4.77 11.12 -2.20
CA GLY A 30 4.05 11.02 -3.46
C GLY A 30 2.92 9.98 -3.39
N VAL A 31 2.41 9.73 -2.18
CA VAL A 31 1.22 8.91 -1.96
C VAL A 31 0.17 9.78 -1.26
N ALA A 32 -1.10 9.68 -1.67
CA ALA A 32 -2.16 10.52 -1.14
C ALA A 32 -2.91 9.79 -0.02
N ASN A 33 -3.37 8.58 -0.30
CA ASN A 33 -4.14 7.76 0.63
C ASN A 33 -3.61 6.33 0.55
N ALA A 34 -3.78 5.57 1.63
CA ALA A 34 -3.36 4.18 1.74
C ALA A 34 -3.86 3.52 3.03
N PRO A 35 -5.17 3.54 3.32
CA PRO A 35 -5.71 2.92 4.51
C PRO A 35 -5.45 1.40 4.48
N VAL A 36 -4.66 0.88 5.41
CA VAL A 36 -4.40 -0.54 5.52
C VAL A 36 -5.63 -1.28 6.06
N ASN A 37 -6.05 -2.34 5.38
CA ASN A 37 -7.22 -3.13 5.74
C ASN A 37 -6.76 -4.37 6.52
N PHE A 38 -6.60 -4.21 7.83
CA PHE A 38 -6.13 -5.24 8.75
C PHE A 38 -7.21 -6.30 8.99
N ALA A 39 -7.48 -7.11 7.97
CA ALA A 39 -8.36 -8.27 8.04
C ALA A 39 -8.06 -9.20 6.86
N LEU A 40 -8.13 -8.64 5.65
CA LEU A 40 -7.78 -9.33 4.41
C LEU A 40 -6.25 -9.39 4.27
N GLU A 41 -5.54 -8.53 5.01
CA GLU A 41 -4.09 -8.34 4.99
C GLU A 41 -3.73 -7.68 3.65
N THR A 42 -4.40 -6.56 3.38
CA THR A 42 -4.30 -5.86 2.11
C THR A 42 -4.35 -4.36 2.37
N VAL A 43 -3.76 -3.56 1.47
CA VAL A 43 -3.83 -2.11 1.47
C VAL A 43 -4.32 -1.65 0.11
N THR A 44 -5.31 -0.76 0.10
CA THR A 44 -5.80 -0.05 -1.07
C THR A 44 -5.05 1.27 -1.14
N VAL A 45 -4.00 1.36 -1.97
CA VAL A 45 -3.20 2.57 -2.08
C VAL A 45 -3.76 3.46 -3.19
N GLU A 46 -3.92 4.74 -2.86
CA GLU A 46 -4.33 5.76 -3.80
C GLU A 46 -3.23 6.83 -3.87
N TYR A 47 -2.47 6.82 -4.97
CA TYR A 47 -1.40 7.77 -5.24
C TYR A 47 -1.65 8.39 -6.62
N ASN A 48 -0.80 9.35 -7.00
CA ASN A 48 -0.80 9.91 -8.35
C ASN A 48 0.37 9.33 -9.14
N PRO A 49 0.14 8.68 -10.29
CA PRO A 49 1.18 7.95 -11.03
C PRO A 49 2.07 8.91 -11.82
N LYS A 50 2.72 9.84 -11.11
CA LYS A 50 3.71 10.74 -11.68
C LYS A 50 4.68 11.24 -10.60
N GLU A 51 4.65 10.62 -9.40
CA GLU A 51 5.36 11.09 -8.21
C GLU A 51 6.06 9.89 -7.58
N ALA A 52 5.26 8.91 -7.14
CA ALA A 52 5.70 7.62 -6.63
C ALA A 52 5.32 6.54 -7.64
N SER A 53 5.74 5.30 -7.39
CA SER A 53 5.31 4.13 -8.11
C SER A 53 5.11 2.99 -7.13
N VAL A 54 4.43 1.94 -7.60
CA VAL A 54 4.34 0.67 -6.89
C VAL A 54 5.76 0.12 -6.65
N SER A 55 6.63 0.22 -7.66
CA SER A 55 8.02 -0.23 -7.61
C SER A 55 8.82 0.46 -6.51
N ASP A 56 8.66 1.78 -6.33
CA ASP A 56 9.37 2.50 -5.27
C ASP A 56 8.91 1.97 -3.93
N LEU A 57 7.59 2.05 -3.71
CA LEU A 57 7.01 1.71 -2.42
C LEU A 57 7.26 0.25 -2.06
N LYS A 58 7.35 -0.63 -3.06
CA LYS A 58 7.65 -2.03 -2.87
C LYS A 58 8.89 -2.22 -1.99
N GLU A 59 10.01 -1.67 -2.44
CA GLU A 59 11.27 -1.74 -1.71
C GLU A 59 11.10 -1.14 -0.31
N ALA A 60 10.24 -0.12 -0.19
CA ALA A 60 10.01 0.60 1.05
C ALA A 60 9.27 -0.26 2.08
N VAL A 61 8.29 -1.05 1.64
CA VAL A 61 7.59 -1.95 2.53
C VAL A 61 8.49 -3.13 2.87
N ASP A 62 9.15 -3.72 1.86
CA ASP A 62 10.11 -4.80 2.10
C ASP A 62 11.14 -4.36 3.15
N LYS A 63 11.66 -3.12 3.06
CA LYS A 63 12.55 -2.53 4.06
C LYS A 63 12.00 -2.61 5.49
N LEU A 64 10.68 -2.58 5.69
CA LEU A 64 10.08 -2.68 7.01
C LEU A 64 10.13 -4.10 7.57
N GLY A 65 10.33 -5.12 6.72
CA GLY A 65 10.58 -6.49 7.15
C GLY A 65 9.52 -7.44 6.58
N TYR A 66 8.24 -7.08 6.72
CA TYR A 66 7.15 -7.79 6.06
C TYR A 66 7.26 -7.64 4.55
N LYS A 67 6.43 -8.37 3.80
CA LYS A 67 6.45 -8.39 2.34
C LYS A 67 5.11 -7.95 1.78
N LEU A 68 5.10 -7.61 0.49
CA LEU A 68 3.98 -7.05 -0.24
C LEU A 68 3.97 -7.73 -1.60
N LYS A 69 2.81 -7.72 -2.26
CA LYS A 69 2.58 -8.18 -3.61
C LYS A 69 1.42 -7.36 -4.18
N LEU A 70 1.20 -7.44 -5.49
CA LEU A 70 0.08 -6.78 -6.15
C LEU A 70 -1.23 -7.49 -5.86
N LYS A 71 -2.32 -6.71 -5.85
CA LYS A 71 -3.69 -7.16 -5.65
C LYS A 71 -4.66 -6.43 -6.58
N GLY A 72 -4.16 -5.94 -7.72
CA GLY A 72 -4.93 -5.17 -8.69
C GLY A 72 -5.27 -3.82 -8.08
N GLU A 73 -6.57 -3.52 -8.03
CA GLU A 73 -7.16 -2.25 -7.67
C GLU A 73 -8.57 -2.49 -7.15
N GLN A 74 -9.05 -1.60 -6.26
CA GLN A 74 -10.40 -1.71 -5.71
C GLN A 74 -11.43 -1.31 -6.77
N ASP A 75 -11.21 -0.15 -7.40
CA ASP A 75 -12.18 0.63 -8.18
C ASP A 75 -13.65 0.26 -7.93
N SER A 76 -14.06 0.40 -6.66
CA SER A 76 -15.45 0.26 -6.22
C SER A 76 -16.05 -1.16 -6.42
N ILE A 77 -15.23 -2.22 -6.43
CA ILE A 77 -15.58 -3.63 -6.62
C ILE A 77 -17.09 -3.90 -6.79
N GLU A 78 -17.82 -3.97 -5.67
CA GLU A 78 -19.27 -4.15 -5.64
C GLU A 78 -19.74 -3.83 -4.22
N GLY A 79 -19.30 -4.63 -3.24
CA GLY A 79 -19.64 -4.48 -1.84
C GLY A 79 -19.20 -5.74 -1.10
N ARG A 80 -19.53 -5.83 0.19
CA ARG A 80 -19.09 -6.90 1.08
C ARG A 80 -17.56 -6.91 1.17
CU CU1 B . 4.37 -4.29 14.09
N MET A 1 -7.22 13.80 -9.78
CA MET A 1 -6.03 13.30 -10.50
C MET A 1 -5.24 12.36 -9.58
N THR A 2 -5.78 11.18 -9.35
CA THR A 2 -5.17 10.13 -8.54
C THR A 2 -5.53 8.80 -9.18
N GLU A 3 -4.83 7.73 -8.79
CA GLU A 3 -4.98 6.36 -9.17
C GLU A 3 -5.03 5.62 -7.84
N LYS A 4 -5.90 4.62 -7.77
CA LYS A 4 -6.06 3.73 -6.63
C LYS A 4 -5.43 2.40 -7.05
N ALA A 5 -4.60 1.82 -6.18
CA ALA A 5 -3.90 0.57 -6.40
C ALA A 5 -4.12 -0.30 -5.18
N GLU A 6 -4.15 -1.63 -5.33
CA GLU A 6 -4.44 -2.50 -4.20
C GLU A 6 -3.31 -3.51 -4.16
N PHE A 7 -2.75 -3.72 -2.97
CA PHE A 7 -1.62 -4.58 -2.72
C PHE A 7 -1.95 -5.52 -1.58
N ASP A 8 -1.42 -6.73 -1.68
CA ASP A 8 -1.52 -7.82 -0.73
C ASP A 8 -0.27 -7.68 0.12
N ILE A 9 -0.38 -7.81 1.44
CA ILE A 9 0.77 -7.81 2.33
C ILE A 9 0.87 -9.18 2.99
N GLU A 10 2.09 -9.59 3.35
CA GLU A 10 2.36 -10.81 4.06
C GLU A 10 3.24 -10.50 5.27
N GLY A 11 2.66 -10.63 6.46
CA GLY A 11 3.31 -10.59 7.76
C GLY A 11 2.34 -10.14 8.85
N MET A 12 1.99 -8.85 8.83
CA MET A 12 1.00 -8.17 9.67
C MET A 12 0.84 -8.79 11.06
N THR A 13 1.81 -8.45 11.90
CA THR A 13 2.01 -9.09 13.19
C THR A 13 1.15 -8.43 14.27
N CYS A 14 1.20 -7.10 14.34
CA CYS A 14 0.37 -6.30 15.22
C CYS A 14 -0.04 -5.05 14.48
N ALA A 15 -1.06 -4.34 14.97
CA ALA A 15 -1.54 -3.12 14.34
C ALA A 15 -0.41 -2.11 14.08
N ALA A 16 0.62 -2.10 14.94
CA ALA A 16 1.76 -1.23 14.75
C ALA A 16 2.51 -1.56 13.44
N CYS A 17 2.61 -2.84 13.06
CA CYS A 17 3.20 -3.22 11.78
C CYS A 17 2.44 -2.54 10.66
N ALA A 18 1.12 -2.77 10.62
CA ALA A 18 0.22 -2.15 9.67
C ALA A 18 0.44 -0.62 9.62
N ASN A 19 0.33 0.04 10.78
CA ASN A 19 0.53 1.47 10.90
C ASN A 19 1.91 1.89 10.36
N ARG A 20 2.95 1.10 10.61
CA ARG A 20 4.28 1.38 10.10
C ARG A 20 4.25 1.47 8.57
N ILE A 21 3.50 0.57 7.93
CA ILE A 21 3.35 0.65 6.48
C ILE A 21 2.77 2.02 6.12
N GLU A 22 1.65 2.41 6.75
CA GLU A 22 1.01 3.69 6.47
C GLU A 22 1.99 4.85 6.63
N LYS A 23 2.77 4.83 7.72
CA LYS A 23 3.80 5.81 8.00
C LYS A 23 4.78 5.91 6.82
N ARG A 24 5.39 4.78 6.44
CA ARG A 24 6.33 4.75 5.32
C ARG A 24 5.67 5.25 4.04
N LEU A 25 4.50 4.72 3.71
CA LEU A 25 3.75 5.08 2.53
C LEU A 25 3.55 6.60 2.52
N ASN A 26 3.04 7.16 3.60
CA ASN A 26 2.86 8.61 3.77
C ASN A 26 4.14 9.38 3.51
N LYS A 27 5.29 8.84 3.94
CA LYS A 27 6.57 9.47 3.66
C LYS A 27 6.79 9.62 2.15
N ILE A 28 6.35 8.64 1.34
CA ILE A 28 6.59 8.70 -0.11
C ILE A 28 6.08 10.03 -0.68
N GLU A 29 6.94 10.62 -1.50
CA GLU A 29 6.80 11.97 -2.00
C GLU A 29 5.94 11.88 -3.27
N GLY A 30 4.66 12.18 -3.13
CA GLY A 30 3.66 12.15 -4.20
C GLY A 30 2.68 10.99 -4.07
N VAL A 31 2.52 10.43 -2.86
CA VAL A 31 1.39 9.58 -2.53
C VAL A 31 0.19 10.48 -2.21
N ALA A 32 -1.04 9.97 -2.36
CA ALA A 32 -2.25 10.63 -1.89
C ALA A 32 -2.71 10.01 -0.57
N ASN A 33 -2.87 8.69 -0.48
CA ASN A 33 -3.34 8.00 0.71
C ASN A 33 -2.82 6.56 0.67
N ALA A 34 -2.93 5.83 1.78
CA ALA A 34 -2.63 4.41 1.83
C ALA A 34 -3.01 3.73 3.15
N PRO A 35 -4.29 3.70 3.54
CA PRO A 35 -4.72 2.97 4.72
C PRO A 35 -4.64 1.45 4.49
N VAL A 36 -4.02 0.68 5.39
CA VAL A 36 -3.94 -0.78 5.33
C VAL A 36 -4.97 -1.44 6.24
N ASN A 37 -5.60 -2.53 5.79
CA ASN A 37 -6.54 -3.27 6.63
C ASN A 37 -5.79 -4.18 7.61
N PHE A 38 -6.54 -4.77 8.54
CA PHE A 38 -6.07 -5.86 9.38
C PHE A 38 -7.17 -6.93 9.36
N ALA A 39 -7.48 -7.42 8.15
CA ALA A 39 -8.46 -8.47 7.93
C ALA A 39 -8.05 -9.36 6.76
N LEU A 40 -8.00 -8.78 5.54
CA LEU A 40 -7.70 -9.53 4.33
C LEU A 40 -6.19 -9.52 4.06
N GLU A 41 -5.48 -8.64 4.78
CA GLU A 41 -4.06 -8.40 4.67
C GLU A 41 -3.78 -7.72 3.33
N THR A 42 -4.44 -6.58 3.15
CA THR A 42 -4.46 -5.81 1.91
C THR A 42 -4.41 -4.31 2.26
N VAL A 43 -3.70 -3.53 1.45
CA VAL A 43 -3.65 -2.07 1.51
C VAL A 43 -4.12 -1.50 0.19
N THR A 44 -4.90 -0.42 0.27
CA THR A 44 -5.40 0.33 -0.89
C THR A 44 -4.63 1.64 -0.95
N VAL A 45 -3.63 1.72 -1.84
CA VAL A 45 -2.77 2.89 -1.96
C VAL A 45 -3.36 3.80 -3.02
N GLU A 46 -3.56 5.07 -2.68
CA GLU A 46 -3.92 6.12 -3.61
C GLU A 46 -2.67 6.94 -3.89
N TYR A 47 -2.28 7.09 -5.16
CA TYR A 47 -1.14 7.92 -5.58
C TYR A 47 -1.36 8.34 -7.02
N ASN A 48 -0.35 8.91 -7.70
CA ASN A 48 -0.35 9.08 -9.12
C ASN A 48 0.94 8.49 -9.73
N PRO A 49 0.85 7.77 -10.86
CA PRO A 49 2.01 7.19 -11.52
C PRO A 49 2.78 8.29 -12.23
N LYS A 50 3.48 9.11 -11.45
CA LYS A 50 4.33 10.18 -11.94
C LYS A 50 5.47 10.39 -10.94
N GLU A 51 5.10 10.70 -9.70
CA GLU A 51 6.04 11.02 -8.64
C GLU A 51 6.47 9.72 -7.94
N ALA A 52 5.49 8.83 -7.71
CA ALA A 52 5.64 7.57 -7.03
C ALA A 52 5.21 6.45 -7.97
N SER A 53 5.62 5.21 -7.68
CA SER A 53 5.25 4.03 -8.44
C SER A 53 5.09 2.85 -7.48
N VAL A 54 4.38 1.81 -7.93
CA VAL A 54 4.15 0.59 -7.17
C VAL A 54 5.49 -0.07 -6.80
N SER A 55 6.41 -0.20 -7.76
CA SER A 55 7.74 -0.74 -7.51
C SER A 55 8.52 0.07 -6.47
N ASP A 56 8.35 1.40 -6.45
CA ASP A 56 9.06 2.28 -5.54
C ASP A 56 8.59 1.98 -4.12
N LEU A 57 7.29 2.18 -3.89
CA LEU A 57 6.69 1.89 -2.59
C LEU A 57 6.97 0.46 -2.16
N LYS A 58 7.04 -0.49 -3.12
CA LYS A 58 7.41 -1.85 -2.83
C LYS A 58 8.71 -1.87 -2.00
N GLU A 59 9.75 -1.19 -2.46
CA GLU A 59 11.01 -1.16 -1.73
C GLU A 59 10.79 -0.57 -0.33
N ALA A 60 9.99 0.49 -0.25
CA ALA A 60 9.73 1.24 0.97
C ALA A 60 9.06 0.36 2.03
N VAL A 61 8.11 -0.48 1.62
CA VAL A 61 7.47 -1.41 2.54
C VAL A 61 8.36 -2.59 2.85
N ASP A 62 8.98 -3.19 1.83
CA ASP A 62 9.93 -4.28 2.03
C ASP A 62 11.02 -3.85 3.03
N LYS A 63 11.46 -2.58 2.96
CA LYS A 63 12.37 -1.98 3.94
C LYS A 63 11.94 -2.23 5.40
N LEU A 64 10.63 -2.26 5.68
CA LEU A 64 10.10 -2.51 7.02
C LEU A 64 10.27 -3.98 7.42
N GLY A 65 10.24 -4.91 6.45
CA GLY A 65 10.52 -6.32 6.69
C GLY A 65 9.53 -7.22 5.96
N TYR A 66 8.23 -7.06 6.27
CA TYR A 66 7.16 -7.81 5.64
C TYR A 66 7.09 -7.51 4.14
N LYS A 67 6.47 -8.40 3.38
CA LYS A 67 6.44 -8.31 1.92
C LYS A 67 5.08 -7.86 1.44
N LEU A 68 5.05 -7.34 0.21
CA LEU A 68 3.93 -6.70 -0.43
C LEU A 68 4.01 -7.05 -1.91
N LYS A 69 2.86 -7.13 -2.58
CA LYS A 69 2.73 -7.46 -3.98
C LYS A 69 1.36 -7.00 -4.47
N LEU A 70 1.16 -7.00 -5.79
CA LEU A 70 -0.04 -6.45 -6.41
C LEU A 70 -1.29 -7.26 -6.10
N LYS A 71 -2.43 -6.56 -6.06
CA LYS A 71 -3.75 -7.10 -5.77
C LYS A 71 -4.85 -6.62 -6.73
N GLY A 72 -4.47 -6.05 -7.87
CA GLY A 72 -5.42 -5.56 -8.85
C GLY A 72 -5.75 -4.10 -8.55
N GLU A 73 -5.29 -3.18 -9.41
CA GLU A 73 -5.45 -1.75 -9.25
C GLU A 73 -6.88 -1.29 -9.57
N GLN A 74 -7.85 -1.82 -8.81
CA GLN A 74 -9.26 -1.48 -8.97
C GLN A 74 -10.01 -1.86 -7.70
N ASP A 75 -10.02 -0.94 -6.73
CA ASP A 75 -10.69 -1.05 -5.44
C ASP A 75 -12.20 -0.84 -5.60
N SER A 76 -12.80 -1.44 -6.63
CA SER A 76 -14.18 -1.20 -7.03
C SER A 76 -14.53 -2.22 -8.13
N ILE A 77 -15.07 -3.37 -7.72
CA ILE A 77 -15.51 -4.42 -8.62
C ILE A 77 -16.47 -5.37 -7.90
N GLU A 78 -16.07 -5.92 -6.75
CA GLU A 78 -16.89 -6.79 -5.91
C GLU A 78 -17.43 -7.98 -6.72
N GLY A 79 -16.51 -8.78 -7.28
CA GLY A 79 -16.83 -9.90 -8.14
C GLY A 79 -17.22 -11.16 -7.36
N ARG A 80 -17.17 -12.31 -8.03
CA ARG A 80 -17.39 -13.65 -7.50
C ARG A 80 -16.73 -14.60 -8.52
CU CU1 B . 3.96 -5.53 14.81
N MET A 1 -6.93 13.10 -12.27
CA MET A 1 -7.51 12.05 -11.42
C MET A 1 -6.35 11.32 -10.78
N THR A 2 -6.57 10.67 -9.63
CA THR A 2 -5.61 9.80 -8.99
C THR A 2 -5.66 8.43 -9.68
N GLU A 3 -4.85 7.48 -9.20
CA GLU A 3 -5.01 6.06 -9.43
C GLU A 3 -5.16 5.46 -8.04
N LYS A 4 -5.87 4.34 -7.98
CA LYS A 4 -6.01 3.48 -6.83
C LYS A 4 -5.31 2.18 -7.20
N ALA A 5 -4.44 1.72 -6.31
CA ALA A 5 -3.60 0.54 -6.48
C ALA A 5 -3.74 -0.28 -5.20
N GLU A 6 -3.82 -1.60 -5.30
CA GLU A 6 -4.15 -2.45 -4.17
C GLU A 6 -3.07 -3.49 -4.12
N PHE A 7 -2.52 -3.72 -2.93
CA PHE A 7 -1.40 -4.59 -2.67
C PHE A 7 -1.70 -5.54 -1.52
N ASP A 8 -1.15 -6.74 -1.63
CA ASP A 8 -1.27 -7.86 -0.73
C ASP A 8 -0.07 -7.77 0.19
N ILE A 9 -0.23 -7.89 1.51
CA ILE A 9 0.91 -7.89 2.41
C ILE A 9 0.96 -9.20 3.21
N GLU A 10 2.16 -9.72 3.42
CA GLU A 10 2.44 -10.93 4.16
C GLU A 10 3.31 -10.58 5.38
N GLY A 11 2.74 -10.68 6.58
CA GLY A 11 3.40 -10.68 7.88
C GLY A 11 2.53 -10.11 9.00
N MET A 12 2.28 -8.79 8.95
CA MET A 12 1.54 -7.95 9.85
C MET A 12 1.78 -8.28 11.29
N THR A 13 0.96 -9.16 11.82
CA THR A 13 1.11 -9.77 13.12
C THR A 13 0.65 -8.79 14.20
N CYS A 14 1.09 -7.53 14.13
CA CYS A 14 0.69 -6.47 15.03
C CYS A 14 0.14 -5.27 14.27
N ALA A 15 -0.81 -4.55 14.87
CA ALA A 15 -1.38 -3.35 14.27
C ALA A 15 -0.30 -2.31 13.99
N ALA A 16 0.73 -2.26 14.85
CA ALA A 16 1.88 -1.40 14.67
C ALA A 16 2.50 -1.61 13.29
N CYS A 17 2.63 -2.86 12.84
CA CYS A 17 3.22 -3.20 11.57
C CYS A 17 2.41 -2.61 10.42
N ALA A 18 1.09 -2.74 10.48
CA ALA A 18 0.19 -2.09 9.54
C ALA A 18 0.39 -0.57 9.56
N ASN A 19 0.32 0.06 10.74
CA ASN A 19 0.60 1.49 10.88
C ASN A 19 1.94 1.87 10.24
N ARG A 20 2.95 1.00 10.38
CA ARG A 20 4.27 1.22 9.79
C ARG A 20 4.18 1.31 8.26
N ILE A 21 3.27 0.54 7.63
CA ILE A 21 3.00 0.68 6.20
C ILE A 21 2.61 2.13 5.94
N GLU A 22 1.55 2.59 6.59
CA GLU A 22 0.96 3.90 6.36
C GLU A 22 2.03 4.97 6.53
N LYS A 23 2.82 4.86 7.60
CA LYS A 23 3.95 5.71 7.87
C LYS A 23 4.94 5.71 6.69
N ARG A 24 5.40 4.54 6.26
CA ARG A 24 6.38 4.49 5.17
C ARG A 24 5.78 5.10 3.90
N LEU A 25 4.56 4.71 3.56
CA LEU A 25 3.91 5.21 2.35
C LEU A 25 3.76 6.73 2.43
N ASN A 26 3.30 7.26 3.55
CA ASN A 26 3.24 8.71 3.79
C ASN A 26 4.61 9.36 3.59
N LYS A 27 5.67 8.67 4.01
CA LYS A 27 7.03 9.18 3.85
C LYS A 27 7.46 9.21 2.38
N ILE A 28 6.80 8.48 1.47
CA ILE A 28 7.06 8.60 0.05
C ILE A 28 6.30 9.82 -0.47
N GLU A 29 6.99 10.64 -1.25
CA GLU A 29 6.45 11.82 -1.88
C GLU A 29 5.70 11.39 -3.13
N GLY A 30 4.48 11.92 -3.34
CA GLY A 30 3.65 11.62 -4.49
C GLY A 30 2.53 10.62 -4.19
N VAL A 31 2.46 10.10 -2.96
CA VAL A 31 1.36 9.25 -2.52
C VAL A 31 0.24 10.16 -1.98
N ALA A 32 -1.02 9.85 -2.30
CA ALA A 32 -2.17 10.63 -1.87
C ALA A 32 -2.78 10.02 -0.61
N ASN A 33 -3.06 8.72 -0.61
CA ASN A 33 -3.63 8.01 0.53
C ASN A 33 -3.07 6.59 0.56
N ALA A 34 -3.20 5.89 1.69
CA ALA A 34 -2.84 4.49 1.82
C ALA A 34 -3.34 3.84 3.12
N PRO A 35 -4.66 3.83 3.39
CA PRO A 35 -5.20 3.12 4.54
C PRO A 35 -5.04 1.60 4.39
N VAL A 36 -4.56 0.92 5.43
CA VAL A 36 -4.34 -0.53 5.47
C VAL A 36 -5.52 -1.21 6.14
N ASN A 37 -5.96 -2.36 5.62
CA ASN A 37 -7.03 -3.12 6.23
C ASN A 37 -6.49 -4.32 7.02
N PHE A 38 -6.41 -4.18 8.35
CA PHE A 38 -6.01 -5.25 9.26
C PHE A 38 -7.12 -6.31 9.36
N ALA A 39 -7.29 -7.06 8.28
CA ALA A 39 -8.28 -8.11 8.14
C ALA A 39 -7.90 -9.04 6.99
N LEU A 40 -7.81 -8.48 5.78
CA LEU A 40 -7.49 -9.24 4.57
C LEU A 40 -5.98 -9.27 4.32
N GLU A 41 -5.27 -8.38 5.02
CA GLU A 41 -3.84 -8.15 4.89
C GLU A 41 -3.59 -7.57 3.49
N THR A 42 -4.18 -6.41 3.26
CA THR A 42 -4.08 -5.66 2.03
C THR A 42 -4.10 -4.16 2.35
N VAL A 43 -3.43 -3.36 1.50
CA VAL A 43 -3.47 -1.90 1.54
C VAL A 43 -3.91 -1.38 0.19
N THR A 44 -4.77 -0.35 0.19
CA THR A 44 -5.26 0.32 -0.99
C THR A 44 -4.59 1.69 -1.06
N VAL A 45 -3.54 1.81 -1.88
CA VAL A 45 -2.79 3.04 -2.03
C VAL A 45 -3.45 3.88 -3.11
N GLU A 46 -3.73 5.15 -2.80
CA GLU A 46 -4.12 6.14 -3.79
C GLU A 46 -2.89 7.00 -4.08
N TYR A 47 -2.55 7.19 -5.35
CA TYR A 47 -1.44 8.05 -5.74
C TYR A 47 -1.67 8.60 -7.15
N ASN A 48 -0.64 9.23 -7.74
CA ASN A 48 -0.66 9.74 -9.10
C ASN A 48 0.45 9.03 -9.88
N PRO A 49 0.17 8.48 -11.08
CA PRO A 49 1.16 7.72 -11.86
C PRO A 49 2.14 8.66 -12.57
N LYS A 50 2.76 9.58 -11.84
CA LYS A 50 3.71 10.53 -12.38
C LYS A 50 4.62 11.12 -11.29
N GLU A 51 4.55 10.60 -10.05
CA GLU A 51 5.19 11.22 -8.90
C GLU A 51 5.88 10.13 -8.08
N ALA A 52 5.09 9.19 -7.57
CA ALA A 52 5.57 7.95 -6.96
C ALA A 52 5.41 6.83 -7.98
N SER A 53 5.83 5.62 -7.61
CA SER A 53 5.69 4.43 -8.43
C SER A 53 5.56 3.21 -7.53
N VAL A 54 4.68 2.27 -7.91
CA VAL A 54 4.42 1.01 -7.21
C VAL A 54 5.73 0.32 -6.78
N SER A 55 6.72 0.25 -7.67
CA SER A 55 8.02 -0.36 -7.40
C SER A 55 8.70 0.19 -6.15
N ASP A 56 8.77 1.51 -6.03
CA ASP A 56 9.54 2.18 -4.98
C ASP A 56 8.87 1.90 -3.64
N LEU A 57 7.56 2.15 -3.60
CA LEU A 57 6.76 1.89 -2.42
C LEU A 57 6.78 0.41 -2.05
N LYS A 58 6.84 -0.48 -3.05
CA LYS A 58 7.01 -1.90 -2.82
C LYS A 58 8.26 -2.08 -1.96
N GLU A 59 9.41 -1.59 -2.45
CA GLU A 59 10.67 -1.75 -1.75
C GLU A 59 10.59 -1.13 -0.34
N ALA A 60 10.00 0.05 -0.24
CA ALA A 60 9.88 0.79 1.01
C ALA A 60 9.08 -0.02 2.04
N VAL A 61 7.96 -0.61 1.62
CA VAL A 61 7.20 -1.48 2.49
C VAL A 61 8.03 -2.72 2.82
N ASP A 62 8.60 -3.37 1.81
CA ASP A 62 9.43 -4.55 1.99
C ASP A 62 10.50 -4.29 3.07
N LYS A 63 11.12 -3.10 2.98
CA LYS A 63 12.16 -2.66 3.89
C LYS A 63 11.72 -2.63 5.36
N LEU A 64 10.41 -2.53 5.62
CA LEU A 64 9.87 -2.62 6.98
C LEU A 64 10.15 -4.00 7.60
N GLY A 65 10.17 -5.07 6.79
CA GLY A 65 10.48 -6.42 7.26
C GLY A 65 9.56 -7.47 6.62
N TYR A 66 8.27 -7.14 6.53
CA TYR A 66 7.28 -7.99 5.86
C TYR A 66 7.42 -7.85 4.34
N LYS A 67 6.62 -8.59 3.56
CA LYS A 67 6.67 -8.53 2.11
C LYS A 67 5.31 -8.13 1.56
N LEU A 68 5.31 -7.54 0.36
CA LEU A 68 4.16 -6.98 -0.31
C LEU A 68 4.20 -7.46 -1.75
N LYS A 69 3.05 -7.52 -2.40
CA LYS A 69 2.87 -7.84 -3.81
C LYS A 69 1.64 -7.10 -4.33
N LEU A 70 1.43 -7.11 -5.64
CA LEU A 70 0.24 -6.53 -6.27
C LEU A 70 -1.02 -7.30 -5.89
N LYS A 71 -2.13 -6.58 -5.87
CA LYS A 71 -3.48 -7.12 -5.72
C LYS A 71 -4.38 -6.70 -6.87
N GLY A 72 -4.48 -5.40 -7.13
CA GLY A 72 -5.42 -4.87 -8.12
C GLY A 72 -5.25 -3.37 -8.22
N GLU A 73 -6.22 -2.70 -8.86
CA GLU A 73 -6.14 -1.27 -9.11
C GLU A 73 -7.53 -0.66 -9.29
N GLN A 74 -8.41 -0.87 -8.30
CA GLN A 74 -9.78 -0.41 -8.37
C GLN A 74 -10.38 -0.29 -6.98
N ASP A 75 -11.05 0.85 -6.73
CA ASP A 75 -11.84 1.12 -5.53
C ASP A 75 -12.74 -0.09 -5.17
N SER A 76 -13.70 -0.38 -6.04
CA SER A 76 -14.59 -1.53 -6.00
C SER A 76 -15.48 -1.46 -7.25
N ILE A 77 -15.03 -2.02 -8.37
CA ILE A 77 -15.71 -1.91 -9.66
C ILE A 77 -16.11 -3.31 -10.14
N GLU A 78 -17.20 -3.83 -9.56
CA GLU A 78 -17.92 -5.03 -9.96
C GLU A 78 -19.40 -4.77 -9.62
N GLY A 79 -20.28 -5.75 -9.80
CA GLY A 79 -21.69 -5.63 -9.45
C GLY A 79 -22.34 -7.00 -9.30
N ARG A 80 -23.50 -7.03 -8.65
CA ARG A 80 -24.30 -8.21 -8.34
C ARG A 80 -23.73 -8.91 -7.08
CU CU1 B . 4.18 -7.15 13.70
N MET A 1 -4.53 9.92 -13.00
CA MET A 1 -4.16 11.24 -12.45
C MET A 1 -3.79 11.02 -10.99
N THR A 2 -4.80 10.80 -10.18
CA THR A 2 -4.74 10.19 -8.87
C THR A 2 -5.66 8.99 -8.96
N GLU A 3 -5.24 7.82 -8.49
CA GLU A 3 -6.01 6.61 -8.57
C GLU A 3 -5.59 5.73 -7.40
N LYS A 4 -6.31 4.62 -7.28
CA LYS A 4 -6.26 3.68 -6.19
C LYS A 4 -5.71 2.38 -6.72
N ALA A 5 -4.51 2.06 -6.26
CA ALA A 5 -3.81 0.80 -6.48
C ALA A 5 -4.04 -0.07 -5.25
N GLU A 6 -4.04 -1.40 -5.41
CA GLU A 6 -4.40 -2.29 -4.34
C GLU A 6 -3.29 -3.32 -4.28
N PHE A 7 -2.77 -3.58 -3.08
CA PHE A 7 -1.64 -4.45 -2.82
C PHE A 7 -1.94 -5.41 -1.67
N ASP A 8 -1.32 -6.58 -1.70
CA ASP A 8 -1.44 -7.69 -0.78
C ASP A 8 -0.27 -7.57 0.19
N ILE A 9 -0.42 -7.77 1.50
CA ILE A 9 0.69 -7.67 2.45
C ILE A 9 0.90 -8.98 3.20
N GLU A 10 2.11 -9.55 3.09
CA GLU A 10 2.49 -10.78 3.78
C GLU A 10 3.31 -10.42 5.03
N GLY A 11 2.76 -10.74 6.20
CA GLY A 11 3.44 -10.68 7.49
C GLY A 11 2.59 -9.94 8.53
N MET A 12 2.44 -8.63 8.38
CA MET A 12 1.71 -7.71 9.25
C MET A 12 2.31 -7.54 10.63
N THR A 13 2.40 -8.62 11.37
CA THR A 13 3.03 -8.71 12.68
C THR A 13 2.10 -8.14 13.77
N CYS A 14 1.70 -6.88 13.63
CA CYS A 14 0.80 -6.22 14.57
C CYS A 14 0.19 -4.97 13.96
N ALA A 15 -0.82 -4.41 14.63
CA ALA A 15 -1.48 -3.19 14.19
C ALA A 15 -0.48 -2.03 14.09
N ALA A 16 0.46 -1.93 15.04
CA ALA A 16 1.45 -0.87 15.01
C ALA A 16 2.29 -0.94 13.73
N CYS A 17 2.67 -2.16 13.33
CA CYS A 17 3.36 -2.43 12.08
C CYS A 17 2.49 -2.03 10.90
N ALA A 18 1.26 -2.55 10.84
CA ALA A 18 0.29 -2.12 9.83
C ALA A 18 0.25 -0.59 9.68
N ASN A 19 0.03 0.15 10.77
CA ASN A 19 0.07 1.61 10.76
C ASN A 19 1.45 2.15 10.31
N ARG A 20 2.54 1.45 10.67
CA ARG A 20 3.88 1.79 10.21
C ARG A 20 3.93 1.78 8.67
N ILE A 21 3.28 0.81 8.04
CA ILE A 21 3.20 0.75 6.58
C ILE A 21 2.64 2.07 6.07
N GLU A 22 1.50 2.48 6.63
CA GLU A 22 0.80 3.70 6.23
C GLU A 22 1.75 4.88 6.29
N LYS A 23 2.47 5.00 7.41
CA LYS A 23 3.48 6.02 7.61
C LYS A 23 4.53 5.98 6.48
N ARG A 24 5.17 4.83 6.27
CA ARG A 24 6.21 4.72 5.24
C ARG A 24 5.65 5.07 3.86
N LEU A 25 4.49 4.54 3.51
CA LEU A 25 3.86 4.82 2.22
C LEU A 25 3.62 6.33 2.10
N ASN A 26 2.99 6.95 3.10
CA ASN A 26 2.78 8.38 3.15
C ASN A 26 4.09 9.16 2.98
N LYS A 27 5.18 8.64 3.55
CA LYS A 27 6.48 9.27 3.44
C LYS A 27 6.99 9.31 1.99
N ILE A 28 6.46 8.47 1.10
CA ILE A 28 6.87 8.51 -0.31
C ILE A 28 6.11 9.63 -1.02
N GLU A 29 6.89 10.50 -1.64
CA GLU A 29 6.43 11.71 -2.28
C GLU A 29 5.62 11.31 -3.52
N GLY A 30 4.35 11.73 -3.58
CA GLY A 30 3.39 11.33 -4.60
C GLY A 30 2.26 10.48 -4.02
N VAL A 31 2.47 9.83 -2.88
CA VAL A 31 1.42 9.06 -2.24
C VAL A 31 0.42 10.03 -1.58
N ALA A 32 -0.87 9.81 -1.81
CA ALA A 32 -1.96 10.61 -1.28
C ALA A 32 -2.53 9.96 -0.02
N ASN A 33 -2.89 8.67 -0.09
CA ASN A 33 -3.34 7.90 1.08
C ASN A 33 -2.88 6.45 0.93
N ALA A 34 -2.98 5.67 2.00
CA ALA A 34 -2.58 4.27 2.02
C ALA A 34 -3.08 3.51 3.26
N PRO A 35 -4.38 3.51 3.59
CA PRO A 35 -4.88 2.76 4.74
C PRO A 35 -4.76 1.24 4.49
N VAL A 36 -4.08 0.50 5.38
CA VAL A 36 -3.98 -0.96 5.29
C VAL A 36 -5.04 -1.65 6.16
N ASN A 37 -5.57 -2.78 5.68
CA ASN A 37 -6.68 -3.47 6.30
C ASN A 37 -6.24 -4.80 6.92
N PHE A 38 -6.18 -4.84 8.25
CA PHE A 38 -5.79 -6.02 9.04
C PHE A 38 -6.92 -7.05 9.08
N ALA A 39 -7.35 -7.54 7.92
CA ALA A 39 -8.43 -8.51 7.81
C ALA A 39 -8.48 -9.21 6.44
N LEU A 40 -8.12 -8.52 5.36
CA LEU A 40 -7.98 -9.11 4.02
C LEU A 40 -6.53 -9.04 3.57
N GLU A 41 -5.65 -8.58 4.47
CA GLU A 41 -4.22 -8.46 4.26
C GLU A 41 -3.96 -7.67 2.99
N THR A 42 -4.70 -6.57 2.83
CA THR A 42 -4.71 -5.73 1.65
C THR A 42 -4.56 -4.27 2.07
N VAL A 43 -3.83 -3.48 1.29
CA VAL A 43 -3.77 -2.02 1.40
C VAL A 43 -4.23 -1.42 0.08
N THR A 44 -5.00 -0.34 0.17
CA THR A 44 -5.39 0.44 -1.00
C THR A 44 -4.54 1.71 -0.98
N VAL A 45 -3.55 1.81 -1.85
CA VAL A 45 -2.68 2.96 -1.92
C VAL A 45 -3.24 3.91 -2.97
N GLU A 46 -3.60 5.11 -2.51
CA GLU A 46 -3.97 6.22 -3.36
C GLU A 46 -2.71 6.99 -3.70
N TYR A 47 -2.38 7.10 -4.98
CA TYR A 47 -1.23 7.90 -5.42
C TYR A 47 -1.45 8.33 -6.86
N ASN A 48 -0.49 9.13 -7.36
CA ASN A 48 -0.42 9.57 -8.74
C ASN A 48 0.75 8.86 -9.43
N PRO A 49 0.52 8.08 -10.50
CA PRO A 49 1.59 7.34 -11.18
C PRO A 49 2.38 8.29 -12.09
N LYS A 50 2.98 9.32 -11.49
CA LYS A 50 3.79 10.32 -12.17
C LYS A 50 4.95 10.78 -11.27
N GLU A 51 5.04 10.29 -10.04
CA GLU A 51 6.00 10.67 -9.02
C GLU A 51 6.55 9.39 -8.39
N ALA A 52 5.69 8.66 -7.67
CA ALA A 52 5.98 7.37 -7.10
C ALA A 52 5.45 6.29 -8.03
N SER A 53 5.88 5.05 -7.78
CA SER A 53 5.36 3.85 -8.40
C SER A 53 5.28 2.72 -7.37
N VAL A 54 4.40 1.76 -7.64
CA VAL A 54 4.22 0.56 -6.83
C VAL A 54 5.57 -0.12 -6.54
N SER A 55 6.40 -0.30 -7.57
CA SER A 55 7.67 -1.02 -7.43
C SER A 55 8.59 -0.32 -6.43
N ASP A 56 8.68 1.00 -6.50
CA ASP A 56 9.56 1.78 -5.64
C ASP A 56 9.08 1.64 -4.22
N LEU A 57 7.81 2.00 -3.99
CA LEU A 57 7.24 1.93 -2.66
C LEU A 57 7.28 0.50 -2.10
N LYS A 58 7.27 -0.51 -2.97
CA LYS A 58 7.52 -1.89 -2.56
C LYS A 58 8.76 -1.95 -1.67
N GLU A 59 9.90 -1.46 -2.14
CA GLU A 59 11.15 -1.49 -1.38
C GLU A 59 10.95 -0.85 0.00
N ALA A 60 10.14 0.21 0.05
CA ALA A 60 9.94 1.00 1.25
C ALA A 60 9.18 0.22 2.32
N VAL A 61 8.21 -0.61 1.91
CA VAL A 61 7.53 -1.50 2.83
C VAL A 61 8.38 -2.73 3.13
N ASP A 62 8.98 -3.33 2.11
CA ASP A 62 9.93 -4.45 2.20
C ASP A 62 10.95 -4.16 3.30
N LYS A 63 11.49 -2.93 3.29
CA LYS A 63 12.42 -2.40 4.30
C LYS A 63 11.95 -2.66 5.74
N LEU A 64 10.65 -2.61 6.00
CA LEU A 64 10.10 -2.81 7.33
C LEU A 64 10.17 -4.28 7.76
N GLY A 65 10.20 -5.22 6.81
CA GLY A 65 10.38 -6.64 7.07
C GLY A 65 9.33 -7.47 6.34
N TYR A 66 8.06 -7.17 6.60
CA TYR A 66 6.95 -7.81 5.88
C TYR A 66 7.00 -7.44 4.41
N LYS A 67 6.39 -8.29 3.56
CA LYS A 67 6.43 -8.14 2.11
C LYS A 67 5.08 -7.70 1.58
N LEU A 68 5.08 -7.28 0.32
CA LEU A 68 3.95 -6.69 -0.37
C LEU A 68 4.04 -7.12 -1.82
N LYS A 69 2.90 -7.15 -2.52
CA LYS A 69 2.79 -7.43 -3.94
C LYS A 69 1.50 -6.79 -4.46
N LEU A 70 1.36 -6.72 -5.78
CA LEU A 70 0.17 -6.18 -6.43
C LEU A 70 -1.06 -7.02 -6.11
N LYS A 71 -2.21 -6.33 -6.03
CA LYS A 71 -3.52 -6.92 -5.82
C LYS A 71 -4.51 -6.50 -6.90
N GLY A 72 -4.54 -5.21 -7.24
CA GLY A 72 -5.50 -4.66 -8.19
C GLY A 72 -5.23 -3.18 -8.40
N GLU A 73 -6.10 -2.51 -9.17
CA GLU A 73 -5.98 -1.10 -9.53
C GLU A 73 -7.37 -0.44 -9.48
N GLN A 74 -8.09 -0.70 -8.38
CA GLN A 74 -9.32 -0.04 -8.03
C GLN A 74 -9.59 -0.28 -6.54
N ASP A 75 -10.45 0.55 -5.95
CA ASP A 75 -10.97 0.45 -4.59
C ASP A 75 -12.20 -0.45 -4.51
N SER A 76 -12.92 -0.60 -5.62
CA SER A 76 -14.23 -1.22 -5.65
C SER A 76 -14.12 -2.74 -5.56
N ILE A 77 -13.59 -3.34 -6.64
CA ILE A 77 -13.58 -4.77 -6.92
C ILE A 77 -14.99 -5.23 -7.29
N GLU A 78 -15.18 -5.59 -8.56
CA GLU A 78 -16.36 -6.28 -9.06
C GLU A 78 -15.84 -7.20 -10.16
N GLY A 79 -16.30 -8.45 -10.21
CA GLY A 79 -15.73 -9.43 -11.11
C GLY A 79 -16.14 -10.85 -10.70
N ARG A 80 -15.17 -11.74 -10.52
CA ARG A 80 -15.37 -13.14 -10.22
C ARG A 80 -14.03 -13.65 -9.71
CU CU1 B . 4.66 -5.39 14.79
N MET A 1 -7.28 13.55 -5.40
CA MET A 1 -7.48 13.25 -6.82
C MET A 1 -6.30 12.41 -7.30
N THR A 2 -6.56 11.19 -7.76
CA THR A 2 -5.62 10.16 -8.20
C THR A 2 -6.47 8.90 -8.37
N GLU A 3 -5.84 7.80 -8.78
CA GLU A 3 -6.41 6.49 -8.89
C GLU A 3 -6.32 5.83 -7.51
N LYS A 4 -6.53 4.52 -7.52
CA LYS A 4 -6.44 3.62 -6.38
C LYS A 4 -5.78 2.34 -6.89
N ALA A 5 -4.89 1.76 -6.08
CA ALA A 5 -4.25 0.48 -6.31
C ALA A 5 -4.46 -0.41 -5.08
N GLU A 6 -4.46 -1.74 -5.23
CA GLU A 6 -4.76 -2.65 -4.16
C GLU A 6 -3.56 -3.57 -4.12
N PHE A 7 -2.93 -3.68 -2.95
CA PHE A 7 -1.77 -4.53 -2.75
C PHE A 7 -2.04 -5.49 -1.61
N ASP A 8 -1.38 -6.64 -1.66
CA ASP A 8 -1.57 -7.80 -0.79
C ASP A 8 -0.35 -7.81 0.11
N ILE A 9 -0.53 -7.86 1.44
CA ILE A 9 0.58 -7.74 2.37
C ILE A 9 0.86 -9.10 3.03
N GLU A 10 2.12 -9.35 3.39
CA GLU A 10 2.59 -10.60 4.00
C GLU A 10 3.54 -10.25 5.16
N GLY A 11 3.16 -10.59 6.39
CA GLY A 11 4.07 -10.59 7.55
C GLY A 11 3.73 -9.59 8.66
N MET A 12 2.60 -8.89 8.57
CA MET A 12 2.15 -7.96 9.57
C MET A 12 1.64 -8.71 10.80
N THR A 13 2.54 -8.95 11.73
CA THR A 13 2.27 -9.72 12.94
C THR A 13 1.30 -8.97 13.84
N CYS A 14 1.34 -7.63 13.85
CA CYS A 14 0.44 -6.84 14.66
C CYS A 14 -0.03 -5.58 13.94
N ALA A 15 -1.08 -4.95 14.46
CA ALA A 15 -1.62 -3.72 13.90
C ALA A 15 -0.54 -2.64 13.76
N ALA A 16 0.45 -2.61 14.65
CA ALA A 16 1.54 -1.65 14.55
C ALA A 16 2.36 -1.87 13.28
N CYS A 17 2.57 -3.13 12.85
CA CYS A 17 3.20 -3.41 11.57
C CYS A 17 2.45 -2.64 10.47
N ALA A 18 1.14 -2.85 10.44
CA ALA A 18 0.26 -2.24 9.47
C ALA A 18 0.37 -0.71 9.54
N ASN A 19 0.21 -0.12 10.73
CA ASN A 19 0.25 1.32 10.88
C ASN A 19 1.61 1.90 10.45
N ARG A 20 2.71 1.19 10.71
CA ARG A 20 4.04 1.60 10.32
C ARG A 20 4.14 1.70 8.79
N ILE A 21 3.47 0.79 8.06
CA ILE A 21 3.47 0.88 6.60
C ILE A 21 2.94 2.26 6.19
N GLU A 22 1.81 2.67 6.77
CA GLU A 22 1.14 3.92 6.43
C GLU A 22 2.11 5.09 6.57
N LYS A 23 2.88 5.09 7.67
CA LYS A 23 3.93 6.06 7.89
C LYS A 23 4.89 6.11 6.69
N ARG A 24 5.45 4.96 6.30
CA ARG A 24 6.36 4.92 5.16
C ARG A 24 5.67 5.41 3.89
N LEU A 25 4.49 4.88 3.60
CA LEU A 25 3.72 5.22 2.41
C LEU A 25 3.53 6.73 2.31
N ASN A 26 3.04 7.35 3.40
CA ASN A 26 2.90 8.81 3.49
C ASN A 26 4.21 9.52 3.19
N LYS A 27 5.33 8.97 3.67
CA LYS A 27 6.64 9.51 3.40
C LYS A 27 7.04 9.46 1.91
N ILE A 28 6.42 8.63 1.08
CA ILE A 28 6.78 8.57 -0.34
C ILE A 28 6.14 9.74 -1.09
N GLU A 29 6.97 10.42 -1.86
CA GLU A 29 6.62 11.60 -2.62
C GLU A 29 5.77 11.18 -3.82
N GLY A 30 4.53 11.65 -3.88
CA GLY A 30 3.57 11.31 -4.93
C GLY A 30 2.48 10.34 -4.46
N VAL A 31 2.52 9.92 -3.19
CA VAL A 31 1.44 9.16 -2.58
C VAL A 31 0.43 10.13 -1.97
N ALA A 32 -0.86 9.92 -2.24
CA ALA A 32 -1.93 10.70 -1.66
C ALA A 32 -2.32 10.09 -0.30
N ASN A 33 -2.55 8.78 -0.25
CA ASN A 33 -2.87 8.08 1.00
C ASN A 33 -2.80 6.58 0.73
N ALA A 34 -2.96 5.78 1.78
CA ALA A 34 -2.74 4.34 1.76
C ALA A 34 -3.07 3.68 3.11
N PRO A 35 -4.33 3.73 3.58
CA PRO A 35 -4.72 3.05 4.81
C PRO A 35 -4.72 1.53 4.59
N VAL A 36 -4.07 0.76 5.47
CA VAL A 36 -3.99 -0.69 5.35
C VAL A 36 -4.97 -1.41 6.28
N ASN A 37 -5.56 -2.51 5.80
CA ASN A 37 -6.65 -3.21 6.48
C ASN A 37 -6.18 -4.52 7.11
N PHE A 38 -6.06 -4.54 8.44
CA PHE A 38 -5.67 -5.72 9.22
C PHE A 38 -6.83 -6.73 9.31
N ALA A 39 -7.22 -7.29 8.16
CA ALA A 39 -8.21 -8.35 8.07
C ALA A 39 -8.07 -9.13 6.76
N LEU A 40 -8.02 -8.43 5.62
CA LEU A 40 -7.91 -9.07 4.30
C LEU A 40 -6.44 -9.16 3.89
N GLU A 41 -5.56 -8.54 4.66
CA GLU A 41 -4.16 -8.29 4.34
C GLU A 41 -4.08 -7.61 2.97
N THR A 42 -4.87 -6.55 2.85
CA THR A 42 -4.90 -5.67 1.69
C THR A 42 -4.64 -4.23 2.15
N VAL A 43 -3.92 -3.46 1.33
CA VAL A 43 -3.83 -2.01 1.45
C VAL A 43 -4.33 -1.39 0.15
N THR A 44 -5.16 -0.35 0.27
CA THR A 44 -5.72 0.44 -0.80
C THR A 44 -4.92 1.73 -0.93
N VAL A 45 -3.97 1.79 -1.85
CA VAL A 45 -3.04 2.90 -2.01
C VAL A 45 -3.53 3.85 -3.09
N GLU A 46 -3.69 5.12 -2.73
CA GLU A 46 -3.94 6.20 -3.66
C GLU A 46 -2.64 6.96 -3.90
N TYR A 47 -2.09 6.90 -5.12
CA TYR A 47 -0.87 7.58 -5.52
C TYR A 47 -0.88 7.80 -7.02
N ASN A 48 -0.12 8.81 -7.46
CA ASN A 48 -0.03 9.18 -8.85
C ASN A 48 1.26 8.63 -9.47
N PRO A 49 1.18 7.85 -10.58
CA PRO A 49 2.33 7.27 -11.25
C PRO A 49 3.12 8.36 -11.97
N LYS A 50 3.91 9.12 -11.21
CA LYS A 50 4.73 10.20 -11.73
C LYS A 50 6.02 10.29 -10.91
N GLU A 51 5.85 10.42 -9.59
CA GLU A 51 6.95 10.45 -8.62
C GLU A 51 6.97 9.11 -7.87
N ALA A 52 5.83 8.72 -7.30
CA ALA A 52 5.63 7.43 -6.68
C ALA A 52 5.27 6.43 -7.78
N SER A 53 5.60 5.17 -7.54
CA SER A 53 5.22 4.03 -8.34
C SER A 53 5.02 2.82 -7.43
N VAL A 54 4.28 1.82 -7.91
CA VAL A 54 4.00 0.61 -7.14
C VAL A 54 5.30 -0.03 -6.66
N SER A 55 6.29 -0.24 -7.54
CA SER A 55 7.58 -0.80 -7.21
C SER A 55 8.31 -0.02 -6.10
N ASP A 56 8.25 1.32 -6.17
CA ASP A 56 9.00 2.17 -5.26
C ASP A 56 8.45 1.98 -3.85
N LEU A 57 7.14 2.19 -3.70
CA LEU A 57 6.49 1.98 -2.42
C LEU A 57 6.62 0.51 -1.99
N LYS A 58 6.57 -0.44 -2.92
CA LYS A 58 6.81 -1.85 -2.62
C LYS A 58 8.10 -1.97 -1.82
N GLU A 59 9.21 -1.46 -2.38
CA GLU A 59 10.50 -1.51 -1.72
C GLU A 59 10.42 -0.82 -0.35
N ALA A 60 9.68 0.28 -0.28
CA ALA A 60 9.49 1.06 0.95
C ALA A 60 8.81 0.23 2.04
N VAL A 61 7.86 -0.64 1.66
CA VAL A 61 7.22 -1.56 2.60
C VAL A 61 8.21 -2.66 3.00
N ASP A 62 8.85 -3.29 2.01
CA ASP A 62 9.91 -4.27 2.28
C ASP A 62 10.96 -3.69 3.24
N LYS A 63 11.28 -2.39 3.10
CA LYS A 63 12.18 -1.65 3.98
C LYS A 63 11.83 -1.79 5.47
N LEU A 64 10.54 -2.01 5.79
CA LEU A 64 10.06 -2.20 7.16
C LEU A 64 10.14 -3.67 7.60
N GLY A 65 10.23 -4.62 6.67
CA GLY A 65 10.51 -6.03 6.97
C GLY A 65 9.50 -6.95 6.29
N TYR A 66 8.21 -6.73 6.58
CA TYR A 66 7.13 -7.47 5.94
C TYR A 66 7.09 -7.17 4.44
N LYS A 67 6.56 -8.11 3.67
CA LYS A 67 6.50 -8.05 2.22
C LYS A 67 5.12 -7.58 1.76
N LEU A 68 5.07 -7.15 0.50
CA LEU A 68 3.91 -6.66 -0.19
C LEU A 68 4.09 -7.05 -1.66
N LYS A 69 3.00 -7.08 -2.40
CA LYS A 69 2.93 -7.35 -3.83
C LYS A 69 1.62 -6.76 -4.36
N LEU A 70 1.50 -6.59 -5.68
CA LEU A 70 0.29 -6.09 -6.29
C LEU A 70 -0.87 -7.06 -6.12
N LYS A 71 -2.08 -6.50 -6.00
CA LYS A 71 -3.33 -7.21 -5.96
C LYS A 71 -4.23 -6.79 -7.12
N GLY A 72 -4.42 -5.50 -7.34
CA GLY A 72 -5.20 -4.99 -8.47
C GLY A 72 -5.10 -3.47 -8.55
N GLU A 73 -5.86 -2.88 -9.47
CA GLU A 73 -5.93 -1.43 -9.67
C GLU A 73 -7.39 -1.02 -9.96
N GLN A 74 -7.77 0.15 -9.44
CA GLN A 74 -9.08 0.79 -9.53
C GLN A 74 -10.25 -0.10 -9.07
N ASP A 75 -10.44 -0.17 -7.75
CA ASP A 75 -11.55 -0.78 -7.05
C ASP A 75 -12.81 0.06 -7.23
N SER A 76 -13.34 0.10 -8.45
CA SER A 76 -14.57 0.84 -8.75
C SER A 76 -15.41 0.14 -9.81
N ILE A 77 -15.95 -1.04 -9.47
CA ILE A 77 -16.95 -1.79 -10.24
C ILE A 77 -16.43 -2.06 -11.66
N GLU A 78 -15.54 -3.04 -11.78
CA GLU A 78 -14.96 -3.45 -13.05
C GLU A 78 -14.96 -4.98 -13.12
N GLY A 79 -15.77 -5.55 -14.01
CA GLY A 79 -15.75 -6.97 -14.31
C GLY A 79 -16.41 -7.85 -13.25
N ARG A 80 -15.63 -8.72 -12.60
CA ARG A 80 -16.07 -9.78 -11.71
C ARG A 80 -14.97 -9.94 -10.67
CU CU1 B . 3.95 -5.97 14.38
N MET A 1 -7.28 13.55 -5.40
CA MET A 1 -7.48 13.25 -6.82
C MET A 1 -6.30 12.41 -7.30
N THR A 2 -6.56 11.19 -7.76
CA THR A 2 -5.62 10.16 -8.20
C THR A 2 -6.47 8.90 -8.37
N GLU A 3 -5.84 7.80 -8.78
CA GLU A 3 -6.41 6.49 -8.89
C GLU A 3 -6.32 5.83 -7.51
N LYS A 4 -6.53 4.52 -7.52
CA LYS A 4 -6.44 3.62 -6.38
C LYS A 4 -5.78 2.34 -6.89
N ALA A 5 -4.89 1.76 -6.08
CA ALA A 5 -4.25 0.48 -6.31
C ALA A 5 -4.46 -0.41 -5.08
N GLU A 6 -4.46 -1.74 -5.23
CA GLU A 6 -4.76 -2.65 -4.16
C GLU A 6 -3.56 -3.57 -4.12
N PHE A 7 -2.93 -3.68 -2.95
CA PHE A 7 -1.77 -4.53 -2.75
C PHE A 7 -2.04 -5.49 -1.61
N ASP A 8 -1.38 -6.64 -1.66
CA ASP A 8 -1.57 -7.80 -0.79
C ASP A 8 -0.35 -7.81 0.11
N ILE A 9 -0.53 -7.86 1.44
CA ILE A 9 0.58 -7.74 2.37
C ILE A 9 0.86 -9.10 3.03
N GLU A 10 2.12 -9.35 3.39
CA GLU A 10 2.59 -10.60 4.00
C GLU A 10 3.54 -10.25 5.16
N GLY A 11 3.16 -10.59 6.39
CA GLY A 11 4.07 -10.59 7.55
C GLY A 11 3.73 -9.59 8.66
N MET A 12 2.60 -8.89 8.57
CA MET A 12 2.15 -7.96 9.57
C MET A 12 1.64 -8.71 10.80
N THR A 13 2.54 -8.95 11.73
CA THR A 13 2.27 -9.72 12.94
C THR A 13 1.30 -8.97 13.84
N CYS A 14 1.34 -7.63 13.85
CA CYS A 14 0.44 -6.84 14.66
C CYS A 14 -0.03 -5.58 13.94
N ALA A 15 -1.08 -4.95 14.46
CA ALA A 15 -1.62 -3.72 13.90
C ALA A 15 -0.54 -2.64 13.76
N ALA A 16 0.45 -2.61 14.65
CA ALA A 16 1.54 -1.65 14.55
C ALA A 16 2.36 -1.87 13.28
N CYS A 17 2.57 -3.13 12.85
CA CYS A 17 3.20 -3.41 11.57
C CYS A 17 2.45 -2.64 10.47
N ALA A 18 1.14 -2.85 10.44
CA ALA A 18 0.26 -2.24 9.47
C ALA A 18 0.37 -0.71 9.54
N ASN A 19 0.21 -0.12 10.73
CA ASN A 19 0.25 1.32 10.88
C ASN A 19 1.61 1.90 10.45
N ARG A 20 2.71 1.19 10.71
CA ARG A 20 4.04 1.60 10.32
C ARG A 20 4.14 1.70 8.79
N ILE A 21 3.47 0.79 8.06
CA ILE A 21 3.47 0.88 6.60
C ILE A 21 2.94 2.26 6.19
N GLU A 22 1.81 2.67 6.77
CA GLU A 22 1.14 3.92 6.43
C GLU A 22 2.11 5.09 6.57
N LYS A 23 2.88 5.09 7.67
CA LYS A 23 3.93 6.06 7.89
C LYS A 23 4.89 6.11 6.69
N ARG A 24 5.45 4.96 6.30
CA ARG A 24 6.36 4.92 5.16
C ARG A 24 5.67 5.41 3.89
N LEU A 25 4.49 4.88 3.60
CA LEU A 25 3.72 5.22 2.41
C LEU A 25 3.53 6.73 2.31
N ASN A 26 3.04 7.35 3.40
CA ASN A 26 2.90 8.81 3.49
C ASN A 26 4.21 9.52 3.19
N LYS A 27 5.33 8.97 3.67
CA LYS A 27 6.64 9.51 3.40
C LYS A 27 7.04 9.46 1.91
N ILE A 28 6.42 8.63 1.08
CA ILE A 28 6.78 8.57 -0.34
C ILE A 28 6.14 9.74 -1.09
N GLU A 29 6.97 10.42 -1.86
CA GLU A 29 6.62 11.60 -2.62
C GLU A 29 5.77 11.18 -3.82
N GLY A 30 4.53 11.65 -3.88
CA GLY A 30 3.57 11.31 -4.93
C GLY A 30 2.48 10.34 -4.46
N VAL A 31 2.52 9.92 -3.19
CA VAL A 31 1.44 9.16 -2.58
C VAL A 31 0.43 10.13 -1.97
N ALA A 32 -0.86 9.92 -2.24
CA ALA A 32 -1.93 10.70 -1.66
C ALA A 32 -2.32 10.09 -0.30
N ASN A 33 -2.55 8.78 -0.25
CA ASN A 33 -2.87 8.08 1.00
C ASN A 33 -2.80 6.58 0.73
N ALA A 34 -2.96 5.78 1.78
CA ALA A 34 -2.74 4.34 1.76
C ALA A 34 -3.07 3.68 3.11
N PRO A 35 -4.33 3.73 3.58
CA PRO A 35 -4.72 3.05 4.81
C PRO A 35 -4.72 1.53 4.59
N VAL A 36 -4.07 0.76 5.47
CA VAL A 36 -3.99 -0.69 5.35
C VAL A 36 -4.97 -1.41 6.28
N ASN A 37 -5.56 -2.51 5.80
CA ASN A 37 -6.65 -3.21 6.48
C ASN A 37 -6.18 -4.52 7.11
N PHE A 38 -6.06 -4.54 8.44
CA PHE A 38 -5.67 -5.72 9.22
C PHE A 38 -6.83 -6.73 9.31
N ALA A 39 -7.22 -7.29 8.16
CA ALA A 39 -8.21 -8.35 8.07
C ALA A 39 -8.07 -9.13 6.76
N LEU A 40 -8.02 -8.43 5.62
CA LEU A 40 -7.91 -9.07 4.30
C LEU A 40 -6.44 -9.16 3.89
N GLU A 41 -5.56 -8.54 4.66
CA GLU A 41 -4.16 -8.29 4.34
C GLU A 41 -4.08 -7.61 2.97
N THR A 42 -4.87 -6.55 2.85
CA THR A 42 -4.90 -5.67 1.69
C THR A 42 -4.64 -4.23 2.15
N VAL A 43 -3.92 -3.46 1.33
CA VAL A 43 -3.83 -2.01 1.45
C VAL A 43 -4.33 -1.39 0.15
N THR A 44 -5.16 -0.35 0.27
CA THR A 44 -5.72 0.44 -0.80
C THR A 44 -4.92 1.73 -0.93
N VAL A 45 -3.97 1.79 -1.85
CA VAL A 45 -3.04 2.90 -2.01
C VAL A 45 -3.53 3.85 -3.09
N GLU A 46 -3.69 5.12 -2.73
CA GLU A 46 -3.94 6.20 -3.66
C GLU A 46 -2.64 6.96 -3.90
N TYR A 47 -2.09 6.90 -5.12
CA TYR A 47 -0.87 7.58 -5.52
C TYR A 47 -0.88 7.80 -7.02
N ASN A 48 -0.12 8.81 -7.46
CA ASN A 48 -0.03 9.18 -8.85
C ASN A 48 1.26 8.63 -9.47
N PRO A 49 1.18 7.85 -10.58
CA PRO A 49 2.33 7.27 -11.25
C PRO A 49 3.12 8.36 -11.97
N LYS A 50 3.91 9.12 -11.21
CA LYS A 50 4.73 10.20 -11.73
C LYS A 50 6.02 10.29 -10.91
N GLU A 51 5.85 10.42 -9.59
CA GLU A 51 6.95 10.45 -8.62
C GLU A 51 6.97 9.11 -7.87
N ALA A 52 5.83 8.72 -7.30
CA ALA A 52 5.63 7.43 -6.68
C ALA A 52 5.27 6.43 -7.78
N SER A 53 5.60 5.17 -7.54
CA SER A 53 5.22 4.03 -8.34
C SER A 53 5.02 2.82 -7.43
N VAL A 54 4.28 1.82 -7.91
CA VAL A 54 4.00 0.61 -7.14
C VAL A 54 5.30 -0.03 -6.66
N SER A 55 6.29 -0.24 -7.54
CA SER A 55 7.58 -0.80 -7.21
C SER A 55 8.31 -0.02 -6.10
N ASP A 56 8.25 1.32 -6.17
CA ASP A 56 9.00 2.17 -5.26
C ASP A 56 8.45 1.98 -3.85
N LEU A 57 7.14 2.19 -3.70
CA LEU A 57 6.49 1.98 -2.42
C LEU A 57 6.62 0.51 -1.99
N LYS A 58 6.57 -0.44 -2.92
CA LYS A 58 6.81 -1.85 -2.62
C LYS A 58 8.10 -1.97 -1.82
N GLU A 59 9.21 -1.46 -2.38
CA GLU A 59 10.50 -1.51 -1.72
C GLU A 59 10.42 -0.82 -0.35
N ALA A 60 9.68 0.28 -0.28
CA ALA A 60 9.49 1.06 0.95
C ALA A 60 8.81 0.23 2.04
N VAL A 61 7.86 -0.64 1.66
CA VAL A 61 7.22 -1.56 2.60
C VAL A 61 8.21 -2.66 3.00
N ASP A 62 8.85 -3.29 2.01
CA ASP A 62 9.91 -4.27 2.28
C ASP A 62 10.96 -3.69 3.24
N LYS A 63 11.28 -2.39 3.10
CA LYS A 63 12.18 -1.65 3.98
C LYS A 63 11.83 -1.79 5.47
N LEU A 64 10.54 -2.01 5.79
CA LEU A 64 10.06 -2.20 7.16
C LEU A 64 10.14 -3.67 7.60
N GLY A 65 10.23 -4.62 6.67
CA GLY A 65 10.51 -6.03 6.97
C GLY A 65 9.50 -6.95 6.29
N TYR A 66 8.21 -6.73 6.58
CA TYR A 66 7.13 -7.47 5.94
C TYR A 66 7.09 -7.17 4.44
N LYS A 67 6.56 -8.11 3.67
CA LYS A 67 6.50 -8.05 2.22
C LYS A 67 5.12 -7.58 1.76
N LEU A 68 5.07 -7.15 0.50
CA LEU A 68 3.91 -6.66 -0.19
C LEU A 68 4.09 -7.05 -1.66
N LYS A 69 3.00 -7.08 -2.40
CA LYS A 69 2.93 -7.35 -3.83
C LYS A 69 1.62 -6.76 -4.36
N LEU A 70 1.50 -6.59 -5.68
CA LEU A 70 0.29 -6.09 -6.29
C LEU A 70 -0.87 -7.06 -6.12
N LYS A 71 -2.08 -6.50 -6.00
CA LYS A 71 -3.33 -7.21 -5.96
C LYS A 71 -4.23 -6.79 -7.12
N GLY A 72 -4.42 -5.50 -7.34
CA GLY A 72 -5.20 -4.99 -8.47
C GLY A 72 -5.10 -3.47 -8.55
N GLU A 73 -5.86 -2.88 -9.47
CA GLU A 73 -5.93 -1.43 -9.67
C GLU A 73 -7.39 -1.02 -9.96
N GLN A 74 -7.77 0.15 -9.44
CA GLN A 74 -9.08 0.79 -9.53
C GLN A 74 -10.25 -0.10 -9.07
N ASP A 75 -10.44 -0.17 -7.75
CA ASP A 75 -11.55 -0.78 -7.05
C ASP A 75 -12.81 0.06 -7.23
N SER A 76 -13.34 0.10 -8.45
CA SER A 76 -14.57 0.84 -8.75
C SER A 76 -15.41 0.14 -9.81
N ILE A 77 -15.95 -1.04 -9.47
CA ILE A 77 -16.95 -1.79 -10.24
C ILE A 77 -16.43 -2.06 -11.66
N GLU A 78 -15.54 -3.04 -11.78
CA GLU A 78 -14.96 -3.45 -13.05
C GLU A 78 -14.96 -4.98 -13.12
N GLY A 79 -15.77 -5.55 -14.01
CA GLY A 79 -15.75 -6.97 -14.31
C GLY A 79 -16.41 -7.85 -13.25
N ARG A 80 -15.63 -8.72 -12.60
CA ARG A 80 -16.07 -9.78 -11.71
C ARG A 80 -14.97 -9.94 -10.67
CU CU1 B . 3.95 -5.97 14.38
#